data_7H39
# 
_entry.id   7H39 
# 
_audit_conform.dict_name       mmcif_pdbx.dic 
_audit_conform.dict_version    5.397 
_audit_conform.dict_location   http://mmcif.pdb.org/dictionaries/ascii/mmcif_pdbx.dic 
# 
loop_
_database_2.database_id 
_database_2.database_code 
_database_2.pdbx_database_accession 
_database_2.pdbx_DOI 
PDB   7H39         pdb_00007h39 10.2210/pdb7h39/pdb 
WWPDB D_1001406968 ?            ?                   
# 
loop_
_pdbx_audit_revision_history.ordinal 
_pdbx_audit_revision_history.data_content_type 
_pdbx_audit_revision_history.major_revision 
_pdbx_audit_revision_history.minor_revision 
_pdbx_audit_revision_history.revision_date 
1 'Structure model' 1 0 2024-04-24 
2 'Structure model' 1 1 2024-10-16 
# 
_pdbx_audit_revision_details.ordinal             1 
_pdbx_audit_revision_details.revision_ordinal    1 
_pdbx_audit_revision_details.data_content_type   'Structure model' 
_pdbx_audit_revision_details.provider            repository 
_pdbx_audit_revision_details.type                'Initial release' 
_pdbx_audit_revision_details.description         ? 
_pdbx_audit_revision_details.details             ? 
# 
loop_
_pdbx_audit_revision_group.ordinal 
_pdbx_audit_revision_group.revision_ordinal 
_pdbx_audit_revision_group.data_content_type 
_pdbx_audit_revision_group.group 
1 2 'Structure model' 'Database references' 
2 2 'Structure model' 'Structure summary'   
# 
loop_
_pdbx_audit_revision_category.ordinal 
_pdbx_audit_revision_category.revision_ordinal 
_pdbx_audit_revision_category.data_content_type 
_pdbx_audit_revision_category.category 
1 2 'Structure model' citation           
2 2 'Structure model' citation_author    
3 2 'Structure model' pdbx_entry_details 
# 
loop_
_pdbx_audit_revision_item.ordinal 
_pdbx_audit_revision_item.revision_ordinal 
_pdbx_audit_revision_item.data_content_type 
_pdbx_audit_revision_item.item 
1 2 'Structure model' '_citation.country'                 
2 2 'Structure model' '_citation.journal_abbrev'          
3 2 'Structure model' '_citation.journal_id_CSD'          
4 2 'Structure model' '_citation.journal_id_ISSN'         
5 2 'Structure model' '_citation.pdbx_database_id_DOI'    
6 2 'Structure model' '_citation.pdbx_database_id_PubMed' 
7 2 'Structure model' '_citation.title'                   
8 2 'Structure model' '_citation.year'                    
# 
_pdbx_database_status.entry_id                        7H39 
_pdbx_database_status.status_code                     REL 
_pdbx_database_status.status_code_sf                  REL 
_pdbx_database_status.status_code_mr                  ? 
_pdbx_database_status.status_code_cs                  ? 
_pdbx_database_status.recvd_initial_deposition_date   2024-04-04 
_pdbx_database_status.status_code_nmr_data            ? 
_pdbx_database_status.deposit_site                    RCSB 
_pdbx_database_status.process_site                    RCSB 
_pdbx_database_status.SG_entry                        ? 
_pdbx_database_status.pdb_format_compatible           Y 
_pdbx_database_status.methods_development_category    ? 
# 
_pdbx_contact_author.id                 1 
_pdbx_contact_author.email              frank.von-delft@diamond.ac.uk 
_pdbx_contact_author.name_first         Frank 
_pdbx_contact_author.name_last          'von Delft' 
_pdbx_contact_author.role               'principal investigator/group leader' 
_pdbx_contact_author.identifier_ORCID   0000-0003-0378-0017 
_pdbx_contact_author.name_mi            ? 
# 
loop_
_audit_author.name 
_audit_author.pdbx_ordinal 
'Lithgo, R.M.'        1  
'Fairhead, M.'        2  
'Koekemoer, L.'       3  
'Balcomb, B.H.'       4  
'Capkin, E.'          5  
'Chandran, A.V.'      6  
'Golding, M.'         7  
'Godoy, A.S.'         8  
'Aschenbrenner, J.C.' 9  
'Marples, P.G.'       10 
'Ni, X.'              11 
'Thompson, W.'        12 
'Tomlinson, C.W.E.'   13 
'Wild, C.'            14 
'Winokan, M.'         15 
'Xavier, M.-A.E.'     16 
'Fearon, D.'          17 
'von Delft, F.'       18 
# 
_citation.id                        primary 
_citation.title                     
;Crystallographic Fragment Screen of Coxsackievirus A16 2A Protease identifies new opportunities for the development of broad-spectrum anti-enterovirals.
;
_citation.journal_abbrev            Biorxiv 
_citation.journal_volume            ? 
_citation.page_first                ? 
_citation.page_last                 ? 
_citation.year                      2024 
_citation.journal_id_ASTM           ? 
_citation.country                   US 
_citation.journal_id_ISSN           2692-8205 
_citation.journal_id_CSD            ? 
_citation.book_publisher            ? 
_citation.pdbx_database_id_PubMed   38746446 
_citation.pdbx_database_id_DOI      10.1101/2024.04.29.591684 
# 
loop_
_citation_author.citation_id 
_citation_author.name 
_citation_author.identifier_ORCID 
_citation_author.ordinal 
primary 'Lithgo, R.M.'        0000-0002-4706-9916 1  
primary 'Tomlinson, C.W.E.'   0000-0002-1845-6028 2  
primary 'Fairhead, M.'        0000-0001-5361-3933 3  
primary 'Winokan, M.'         ?                   4  
primary 'Thompson, W.'        0000-0003-1474-7810 5  
primary 'Wild, C.'            0000-0003-0654-8141 6  
primary 'Aschenbrenner, J.C.' 0000-0002-4318-0481 7  
primary 'Balcomb, B.H.'       0000-0001-7599-8467 8  
primary 'Marples, P.G.'       0000-0002-8787-7969 9  
primary 'Chandran, A.V.'      0000-0001-9942-2614 10 
primary 'Golding, M.'         0009-0004-7472-8333 11 
primary 'Koekemoer, L.'       0000-0001-9226-9127 12 
primary 'Williams, E.P.'      0000-0002-1331-9518 13 
primary 'Wang, S.'            ?                   14 
primary 'Ni, X.'              0000-0002-7769-8297 15 
primary 'MacLean, E.'         0000-0003-1680-4292 16 
primary 'Giroud, C.'          0000-0002-1629-1581 17 
primary 'Godoy, A.S.'         0000-0002-0613-9164 18 
primary 'Xavier, M.A.'        0000-0002-1709-9479 19 
primary 'Walsh, M.'           0000-0001-5683-1151 20 
primary 'Fearon, D.'          0000-0003-3529-7863 21 
primary 'von Delft, F.'       0000-0003-0378-0017 22 
# 
loop_
_entity.id 
_entity.type 
_entity.src_method 
_entity.pdbx_description 
_entity.formula_weight 
_entity.pdbx_number_of_molecules 
_entity.pdbx_ec 
_entity.pdbx_mutation 
_entity.pdbx_fragment 
_entity.details 
1 polymer     man 'Protease 2A'                                  16493.311 1   3.4.22.29 ? ? ? 
2 non-polymer man 5-methyl-2-phenyl-2,4-dihydro-3H-pyrazol-3-one 174.199   1   ?         ? ? ? 
3 non-polymer syn 'ZINC ION'                                     65.409    1   ?         ? ? ? 
4 non-polymer syn 'DIMETHYL SULFOXIDE'                           78.133    3   ?         ? ? ? 
5 non-polymer syn 'SULFATE ION'                                  96.063    1   ?         ? ? ? 
6 water       nat water                                          18.015    231 ?         ? ? ? 
# 
_entity_name_com.entity_id   1 
_entity_name_com.name        'P2A,Picornain 2A,Protein 2A' 
# 
_entity_poly.entity_id                      1 
_entity_poly.type                           'polypeptide(L)' 
_entity_poly.nstd_linkage                   no 
_entity_poly.nstd_monomer                   no 
_entity_poly.pdbx_seq_one_letter_code       
;QEQTGGSGAIYVGNYRVVNRHLATHNDWANLVWEDSSRDLLVSSTTAQGCDTIARCDCQTGVYYCSSRRKHYPVSFSKPS
LIFVEASEYYPARYQSHLMLAVGHSEPGDCGGILRCQHGVVGIVSTGGNGLVGFADVRDLLWLDEEAMEQ
;
_entity_poly.pdbx_seq_one_letter_code_can   
;QEQTGGSGAIYVGNYRVVNRHLATHNDWANLVWEDSSRDLLVSSTTAQGCDTIARCDCQTGVYYCSSRRKHYPVSFSKPS
LIFVEASEYYPARYQSHLMLAVGHSEPGDCGGILRCQHGVVGIVSTGGNGLVGFADVRDLLWLDEEAMEQ
;
_entity_poly.pdbx_strand_id                 A 
_entity_poly.pdbx_target_identifier         ? 
# 
loop_
_pdbx_entity_nonpoly.entity_id 
_pdbx_entity_nonpoly.name 
_pdbx_entity_nonpoly.comp_id 
2 5-methyl-2-phenyl-2,4-dihydro-3H-pyrazol-3-one W1P 
3 'ZINC ION'                                     ZN  
4 'DIMETHYL SULFOXIDE'                           DMS 
5 'SULFATE ION'                                  SO4 
6 water                                          HOH 
# 
loop_
_entity_poly_seq.entity_id 
_entity_poly_seq.num 
_entity_poly_seq.mon_id 
_entity_poly_seq.hetero 
1 1   GLN n 
1 2   GLU n 
1 3   GLN n 
1 4   THR n 
1 5   GLY n 
1 6   GLY n 
1 7   SER n 
1 8   GLY n 
1 9   ALA n 
1 10  ILE n 
1 11  TYR n 
1 12  VAL n 
1 13  GLY n 
1 14  ASN n 
1 15  TYR n 
1 16  ARG n 
1 17  VAL n 
1 18  VAL n 
1 19  ASN n 
1 20  ARG n 
1 21  HIS n 
1 22  LEU n 
1 23  ALA n 
1 24  THR n 
1 25  HIS n 
1 26  ASN n 
1 27  ASP n 
1 28  TRP n 
1 29  ALA n 
1 30  ASN n 
1 31  LEU n 
1 32  VAL n 
1 33  TRP n 
1 34  GLU n 
1 35  ASP n 
1 36  SER n 
1 37  SER n 
1 38  ARG n 
1 39  ASP n 
1 40  LEU n 
1 41  LEU n 
1 42  VAL n 
1 43  SER n 
1 44  SER n 
1 45  THR n 
1 46  THR n 
1 47  ALA n 
1 48  GLN n 
1 49  GLY n 
1 50  CYS n 
1 51  ASP n 
1 52  THR n 
1 53  ILE n 
1 54  ALA n 
1 55  ARG n 
1 56  CYS n 
1 57  ASP n 
1 58  CYS n 
1 59  GLN n 
1 60  THR n 
1 61  GLY n 
1 62  VAL n 
1 63  TYR n 
1 64  TYR n 
1 65  CYS n 
1 66  SER n 
1 67  SER n 
1 68  ARG n 
1 69  ARG n 
1 70  LYS n 
1 71  HIS n 
1 72  TYR n 
1 73  PRO n 
1 74  VAL n 
1 75  SER n 
1 76  PHE n 
1 77  SER n 
1 78  LYS n 
1 79  PRO n 
1 80  SER n 
1 81  LEU n 
1 82  ILE n 
1 83  PHE n 
1 84  VAL n 
1 85  GLU n 
1 86  ALA n 
1 87  SER n 
1 88  GLU n 
1 89  TYR n 
1 90  TYR n 
1 91  PRO n 
1 92  ALA n 
1 93  ARG n 
1 94  TYR n 
1 95  GLN n 
1 96  SER n 
1 97  HIS n 
1 98  LEU n 
1 99  MET n 
1 100 LEU n 
1 101 ALA n 
1 102 VAL n 
1 103 GLY n 
1 104 HIS n 
1 105 SER n 
1 106 GLU n 
1 107 PRO n 
1 108 GLY n 
1 109 ASP n 
1 110 CYS n 
1 111 GLY n 
1 112 GLY n 
1 113 ILE n 
1 114 LEU n 
1 115 ARG n 
1 116 CYS n 
1 117 GLN n 
1 118 HIS n 
1 119 GLY n 
1 120 VAL n 
1 121 VAL n 
1 122 GLY n 
1 123 ILE n 
1 124 VAL n 
1 125 SER n 
1 126 THR n 
1 127 GLY n 
1 128 GLY n 
1 129 ASN n 
1 130 GLY n 
1 131 LEU n 
1 132 VAL n 
1 133 GLY n 
1 134 PHE n 
1 135 ALA n 
1 136 ASP n 
1 137 VAL n 
1 138 ARG n 
1 139 ASP n 
1 140 LEU n 
1 141 LEU n 
1 142 TRP n 
1 143 LEU n 
1 144 ASP n 
1 145 GLU n 
1 146 GLU n 
1 147 ALA n 
1 148 MET n 
1 149 GLU n 
1 150 GLN n 
# 
loop_
_entity_src_gen.entity_id 
_entity_src_gen.pdbx_src_id 
_entity_src_gen.pdbx_alt_source_flag 
_entity_src_gen.pdbx_seq_type 
_entity_src_gen.pdbx_beg_seq_num 
_entity_src_gen.pdbx_end_seq_num 
_entity_src_gen.gene_src_common_name 
_entity_src_gen.gene_src_genus 
_entity_src_gen.pdbx_gene_src_gene 
_entity_src_gen.gene_src_species 
_entity_src_gen.gene_src_strain 
_entity_src_gen.gene_src_tissue 
_entity_src_gen.gene_src_tissue_fraction 
_entity_src_gen.gene_src_details 
_entity_src_gen.pdbx_gene_src_fragment 
_entity_src_gen.pdbx_gene_src_scientific_name 
_entity_src_gen.pdbx_gene_src_ncbi_taxonomy_id 
_entity_src_gen.pdbx_gene_src_variant 
_entity_src_gen.pdbx_gene_src_cell_line 
_entity_src_gen.pdbx_gene_src_atcc 
_entity_src_gen.pdbx_gene_src_organ 
_entity_src_gen.pdbx_gene_src_organelle 
_entity_src_gen.pdbx_gene_src_cell 
_entity_src_gen.pdbx_gene_src_cellular_location 
_entity_src_gen.host_org_common_name 
_entity_src_gen.pdbx_host_org_scientific_name 
_entity_src_gen.pdbx_host_org_ncbi_taxonomy_id 
_entity_src_gen.host_org_genus 
_entity_src_gen.pdbx_host_org_gene 
_entity_src_gen.pdbx_host_org_organ 
_entity_src_gen.host_org_species 
_entity_src_gen.pdbx_host_org_tissue 
_entity_src_gen.pdbx_host_org_tissue_fraction 
_entity_src_gen.pdbx_host_org_strain 
_entity_src_gen.pdbx_host_org_variant 
_entity_src_gen.pdbx_host_org_cell_line 
_entity_src_gen.pdbx_host_org_atcc 
_entity_src_gen.pdbx_host_org_culture_collection 
_entity_src_gen.pdbx_host_org_cell 
_entity_src_gen.pdbx_host_org_organelle 
_entity_src_gen.pdbx_host_org_cellular_location 
_entity_src_gen.pdbx_host_org_vector_type 
_entity_src_gen.pdbx_host_org_vector 
_entity_src_gen.host_org_details 
_entity_src_gen.expression_system_id 
_entity_src_gen.plasmid_name 
_entity_src_gen.plasmid_details 
_entity_src_gen.pdbx_description 
1 1 sample 'Biological sequence' 1 150 ? ? ? ? ? ? ? ? ? 'Coxsackievirus A16' 31704 ? ? ? ? ? ? ? ? 'Escherichia coli' 562 ? ? ? ? 
? ? ? ? ? ? ? ? ? ? ? ? ? ? ? ? ? 
2 1 sample ?                     ? ?   ? ? ? ? ? ? ? ? ? 'Coxsackievirus A16' 31704 ? ? ? ? ? ? ? ? 'Escherichia coli' 562 ? ? ? ? 
? ? ? ? ? ? ? ? ? ? ? ? ? ? ? ? ? 
# 
loop_
_chem_comp.id 
_chem_comp.type 
_chem_comp.mon_nstd_flag 
_chem_comp.name 
_chem_comp.pdbx_synonyms 
_chem_comp.formula 
_chem_comp.formula_weight 
ALA 'L-peptide linking' y ALANINE                                        ? 'C3 H7 N O2'     89.093  
ARG 'L-peptide linking' y ARGININE                                       ? 'C6 H15 N4 O2 1' 175.209 
ASN 'L-peptide linking' y ASPARAGINE                                     ? 'C4 H8 N2 O3'    132.118 
ASP 'L-peptide linking' y 'ASPARTIC ACID'                                ? 'C4 H7 N O4'     133.103 
CYS 'L-peptide linking' y CYSTEINE                                       ? 'C3 H7 N O2 S'   121.158 
DMS non-polymer         . 'DIMETHYL SULFOXIDE'                           ? 'C2 H6 O S'      78.133  
GLN 'L-peptide linking' y GLUTAMINE                                      ? 'C5 H10 N2 O3'   146.144 
GLU 'L-peptide linking' y 'GLUTAMIC ACID'                                ? 'C5 H9 N O4'     147.129 
GLY 'peptide linking'   y GLYCINE                                        ? 'C2 H5 N O2'     75.067  
HIS 'L-peptide linking' y HISTIDINE                                      ? 'C6 H10 N3 O2 1' 156.162 
HOH non-polymer         . WATER                                          ? 'H2 O'           18.015  
ILE 'L-peptide linking' y ISOLEUCINE                                     ? 'C6 H13 N O2'    131.173 
LEU 'L-peptide linking' y LEUCINE                                        ? 'C6 H13 N O2'    131.173 
LYS 'L-peptide linking' y LYSINE                                         ? 'C6 H15 N2 O2 1' 147.195 
MET 'L-peptide linking' y METHIONINE                                     ? 'C5 H11 N O2 S'  149.211 
PHE 'L-peptide linking' y PHENYLALANINE                                  ? 'C9 H11 N O2'    165.189 
PRO 'L-peptide linking' y PROLINE                                        ? 'C5 H9 N O2'     115.130 
SER 'L-peptide linking' y SERINE                                         ? 'C3 H7 N O3'     105.093 
SO4 non-polymer         . 'SULFATE ION'                                  ? 'O4 S -2'        96.063  
THR 'L-peptide linking' y THREONINE                                      ? 'C4 H9 N O3'     119.119 
TRP 'L-peptide linking' y TRYPTOPHAN                                     ? 'C11 H12 N2 O2'  204.225 
TYR 'L-peptide linking' y TYROSINE                                       ? 'C9 H11 N O3'    181.189 
VAL 'L-peptide linking' y VALINE                                         ? 'C5 H11 N O2'    117.146 
W1P non-polymer         . 5-methyl-2-phenyl-2,4-dihydro-3H-pyrazol-3-one ? 'C10 H10 N2 O'   174.199 
ZN  non-polymer         . 'ZINC ION'                                     ? 'Zn 2'           65.409  
# 
loop_
_pdbx_poly_seq_scheme.asym_id 
_pdbx_poly_seq_scheme.entity_id 
_pdbx_poly_seq_scheme.seq_id 
_pdbx_poly_seq_scheme.mon_id 
_pdbx_poly_seq_scheme.ndb_seq_num 
_pdbx_poly_seq_scheme.pdb_seq_num 
_pdbx_poly_seq_scheme.auth_seq_num 
_pdbx_poly_seq_scheme.pdb_mon_id 
_pdbx_poly_seq_scheme.auth_mon_id 
_pdbx_poly_seq_scheme.pdb_strand_id 
_pdbx_poly_seq_scheme.pdb_ins_code 
_pdbx_poly_seq_scheme.hetero 
A 1 1   GLN 1   1   ?   ?   ?   A . n 
A 1 2   GLU 2   2   ?   ?   ?   A . n 
A 1 3   GLN 3   3   ?   ?   ?   A . n 
A 1 4   THR 4   4   ?   ?   ?   A . n 
A 1 5   GLY 5   5   ?   ?   ?   A . n 
A 1 6   GLY 6   6   ?   ?   ?   A . n 
A 1 7   SER 7   7   7   SER SER A . n 
A 1 8   GLY 8   8   8   GLY GLY A . n 
A 1 9   ALA 9   9   9   ALA ALA A . n 
A 1 10  ILE 10  10  10  ILE ILE A . n 
A 1 11  TYR 11  11  11  TYR TYR A . n 
A 1 12  VAL 12  12  12  VAL VAL A . n 
A 1 13  GLY 13  13  13  GLY GLY A . n 
A 1 14  ASN 14  14  14  ASN ASN A . n 
A 1 15  TYR 15  15  15  TYR TYR A . n 
A 1 16  ARG 16  16  16  ARG ARG A . n 
A 1 17  VAL 17  17  17  VAL VAL A . n 
A 1 18  VAL 18  18  18  VAL VAL A . n 
A 1 19  ASN 19  19  19  ASN ASN A . n 
A 1 20  ARG 20  20  20  ARG ARG A . n 
A 1 21  HIS 21  21  21  HIS HIS A . n 
A 1 22  LEU 22  22  22  LEU LEU A . n 
A 1 23  ALA 23  23  23  ALA ALA A . n 
A 1 24  THR 24  24  24  THR THR A . n 
A 1 25  HIS 25  25  25  HIS HIS A . n 
A 1 26  ASN 26  26  26  ASN ASN A . n 
A 1 27  ASP 27  27  27  ASP ASP A . n 
A 1 28  TRP 28  28  28  TRP TRP A . n 
A 1 29  ALA 29  29  29  ALA ALA A . n 
A 1 30  ASN 30  30  30  ASN ASN A . n 
A 1 31  LEU 31  31  31  LEU LEU A . n 
A 1 32  VAL 32  32  32  VAL VAL A . n 
A 1 33  TRP 33  33  33  TRP TRP A . n 
A 1 34  GLU 34  34  34  GLU GLU A . n 
A 1 35  ASP 35  35  35  ASP ASP A . n 
A 1 36  SER 36  36  36  SER SER A . n 
A 1 37  SER 37  37  37  SER SER A . n 
A 1 38  ARG 38  38  38  ARG ARG A . n 
A 1 39  ASP 39  39  39  ASP ASP A . n 
A 1 40  LEU 40  40  40  LEU LEU A . n 
A 1 41  LEU 41  41  41  LEU LEU A . n 
A 1 42  VAL 42  42  42  VAL VAL A . n 
A 1 43  SER 43  43  43  SER SER A . n 
A 1 44  SER 44  44  44  SER SER A . n 
A 1 45  THR 45  45  45  THR THR A . n 
A 1 46  THR 46  46  46  THR THR A . n 
A 1 47  ALA 47  47  47  ALA ALA A . n 
A 1 48  GLN 48  48  48  GLN GLN A . n 
A 1 49  GLY 49  49  49  GLY GLY A . n 
A 1 50  CYS 50  50  50  CYS CYS A . n 
A 1 51  ASP 51  51  51  ASP ASP A . n 
A 1 52  THR 52  52  52  THR THR A . n 
A 1 53  ILE 53  53  53  ILE ILE A . n 
A 1 54  ALA 54  54  54  ALA ALA A . n 
A 1 55  ARG 55  55  55  ARG ARG A . n 
A 1 56  CYS 56  56  56  CYS CYS A . n 
A 1 57  ASP 57  57  57  ASP ASP A . n 
A 1 58  CYS 58  58  58  CYS CYS A . n 
A 1 59  GLN 59  59  59  GLN GLN A . n 
A 1 60  THR 60  60  60  THR THR A . n 
A 1 61  GLY 61  61  61  GLY GLY A . n 
A 1 62  VAL 62  62  62  VAL VAL A . n 
A 1 63  TYR 63  63  63  TYR TYR A . n 
A 1 64  TYR 64  64  64  TYR TYR A . n 
A 1 65  CYS 65  65  65  CYS CYS A . n 
A 1 66  SER 66  66  66  SER SER A . n 
A 1 67  SER 67  67  67  SER SER A . n 
A 1 68  ARG 68  68  68  ARG ARG A . n 
A 1 69  ARG 69  69  69  ARG ARG A . n 
A 1 70  LYS 70  70  70  LYS LYS A . n 
A 1 71  HIS 71  71  71  HIS HIS A . n 
A 1 72  TYR 72  72  72  TYR TYR A . n 
A 1 73  PRO 73  73  73  PRO PRO A . n 
A 1 74  VAL 74  74  74  VAL VAL A . n 
A 1 75  SER 75  75  75  SER SER A . n 
A 1 76  PHE 76  76  76  PHE PHE A . n 
A 1 77  SER 77  77  77  SER SER A . n 
A 1 78  LYS 78  78  78  LYS LYS A . n 
A 1 79  PRO 79  79  79  PRO PRO A . n 
A 1 80  SER 80  80  80  SER SER A . n 
A 1 81  LEU 81  81  81  LEU LEU A . n 
A 1 82  ILE 82  82  82  ILE ILE A . n 
A 1 83  PHE 83  83  83  PHE PHE A . n 
A 1 84  VAL 84  84  84  VAL VAL A . n 
A 1 85  GLU 85  85  85  GLU GLU A . n 
A 1 86  ALA 86  86  86  ALA ALA A . n 
A 1 87  SER 87  87  87  SER SER A . n 
A 1 88  GLU 88  88  88  GLU GLU A . n 
A 1 89  TYR 89  89  89  TYR TYR A . n 
A 1 90  TYR 90  90  90  TYR TYR A . n 
A 1 91  PRO 91  91  91  PRO PRO A . n 
A 1 92  ALA 92  92  92  ALA ALA A . n 
A 1 93  ARG 93  93  93  ARG ARG A . n 
A 1 94  TYR 94  94  94  TYR TYR A . n 
A 1 95  GLN 95  95  95  GLN GLN A . n 
A 1 96  SER 96  96  96  SER SER A . n 
A 1 97  HIS 97  97  97  HIS HIS A . n 
A 1 98  LEU 98  98  98  LEU LEU A . n 
A 1 99  MET 99  99  99  MET MET A . n 
A 1 100 LEU 100 100 100 LEU LEU A . n 
A 1 101 ALA 101 101 101 ALA ALA A . n 
A 1 102 VAL 102 102 102 VAL VAL A . n 
A 1 103 GLY 103 103 103 GLY GLY A . n 
A 1 104 HIS 104 104 104 HIS HIS A . n 
A 1 105 SER 105 105 105 SER SER A . n 
A 1 106 GLU 106 106 106 GLU GLU A . n 
A 1 107 PRO 107 107 107 PRO PRO A . n 
A 1 108 GLY 108 108 108 GLY GLY A . n 
A 1 109 ASP 109 109 109 ASP ASP A . n 
A 1 110 CYS 110 110 110 CYS CYS A . n 
A 1 111 GLY 111 111 111 GLY GLY A . n 
A 1 112 GLY 112 112 112 GLY GLY A . n 
A 1 113 ILE 113 113 113 ILE ILE A . n 
A 1 114 LEU 114 114 114 LEU LEU A . n 
A 1 115 ARG 115 115 115 ARG ARG A . n 
A 1 116 CYS 116 116 116 CYS CYS A . n 
A 1 117 GLN 117 117 117 GLN GLN A . n 
A 1 118 HIS 118 118 118 HIS HIS A . n 
A 1 119 GLY 119 119 119 GLY GLY A . n 
A 1 120 VAL 120 120 120 VAL VAL A . n 
A 1 121 VAL 121 121 121 VAL VAL A . n 
A 1 122 GLY 122 122 122 GLY GLY A . n 
A 1 123 ILE 123 123 123 ILE ILE A . n 
A 1 124 VAL 124 124 124 VAL VAL A . n 
A 1 125 SER 125 125 125 SER SER A . n 
A 1 126 THR 126 126 126 THR THR A . n 
A 1 127 GLY 127 127 127 GLY GLY A . n 
A 1 128 GLY 128 128 128 GLY GLY A . n 
A 1 129 ASN 129 129 129 ASN ASN A . n 
A 1 130 GLY 130 130 130 GLY GLY A . n 
A 1 131 LEU 131 131 131 LEU LEU A . n 
A 1 132 VAL 132 132 132 VAL VAL A . n 
A 1 133 GLY 133 133 133 GLY GLY A . n 
A 1 134 PHE 134 134 134 PHE PHE A . n 
A 1 135 ALA 135 135 135 ALA ALA A . n 
A 1 136 ASP 136 136 136 ASP ASP A . n 
A 1 137 VAL 137 137 137 VAL VAL A . n 
A 1 138 ARG 138 138 138 ARG ARG A . n 
A 1 139 ASP 139 139 139 ASP ASP A . n 
A 1 140 LEU 140 140 140 LEU LEU A . n 
A 1 141 LEU 141 141 141 LEU LEU A . n 
A 1 142 TRP 142 142 142 TRP TRP A . n 
A 1 143 LEU 143 143 143 LEU LEU A . n 
A 1 144 ASP 144 144 144 ASP ASP A . n 
A 1 145 GLU 145 145 145 GLU GLU A . n 
A 1 146 GLU 146 146 146 GLU GLU A . n 
A 1 147 ALA 147 147 ?   ?   ?   A . n 
A 1 148 MET 148 148 ?   ?   ?   A . n 
A 1 149 GLU 149 149 ?   ?   ?   A . n 
A 1 150 GLN 150 150 ?   ?   ?   A . n 
# 
loop_
_pdbx_nonpoly_scheme.asym_id 
_pdbx_nonpoly_scheme.entity_id 
_pdbx_nonpoly_scheme.mon_id 
_pdbx_nonpoly_scheme.ndb_seq_num 
_pdbx_nonpoly_scheme.pdb_seq_num 
_pdbx_nonpoly_scheme.auth_seq_num 
_pdbx_nonpoly_scheme.pdb_mon_id 
_pdbx_nonpoly_scheme.auth_mon_id 
_pdbx_nonpoly_scheme.pdb_strand_id 
_pdbx_nonpoly_scheme.pdb_ins_code 
B 2 W1P 1   201 147 W1P LIG A . 
C 3 ZN  1   202 1   ZN  ZN  A . 
D 4 DMS 1   203 -1  DMS DMS A . 
E 4 DMS 1   204 0   DMS DMS A . 
F 4 DMS 1   205 3   DMS DMS A . 
G 5 SO4 1   206 1   SO4 SO4 A . 
H 6 HOH 1   301 136 HOH HOH A . 
H 6 HOH 2   302 184 HOH HOH A . 
H 6 HOH 3   303 66  HOH HOH A . 
H 6 HOH 4   304 137 HOH HOH A . 
H 6 HOH 5   305 173 HOH HOH A . 
H 6 HOH 6   306 131 HOH HOH A . 
H 6 HOH 7   307 30  HOH HOH A . 
H 6 HOH 8   308 174 HOH HOH A . 
H 6 HOH 9   309 36  HOH HOH A . 
H 6 HOH 10  310 147 HOH HOH A . 
H 6 HOH 11  311 191 HOH HOH A . 
H 6 HOH 12  312 45  HOH HOH A . 
H 6 HOH 13  313 245 HOH HOH A . 
H 6 HOH 14  314 152 HOH HOH A . 
H 6 HOH 15  315 181 HOH HOH A . 
H 6 HOH 16  316 133 HOH HOH A . 
H 6 HOH 17  317 216 HOH HOH A . 
H 6 HOH 18  318 57  HOH HOH A . 
H 6 HOH 19  319 155 HOH HOH A . 
H 6 HOH 20  320 226 HOH HOH A . 
H 6 HOH 21  321 90  HOH HOH A . 
H 6 HOH 22  322 227 HOH HOH A . 
H 6 HOH 23  323 4   HOH HOH A . 
H 6 HOH 24  324 39  HOH HOH A . 
H 6 HOH 25  325 46  HOH HOH A . 
H 6 HOH 26  326 107 HOH HOH A . 
H 6 HOH 27  327 249 HOH HOH A . 
H 6 HOH 28  328 16  HOH HOH A . 
H 6 HOH 29  329 180 HOH HOH A . 
H 6 HOH 30  330 19  HOH HOH A . 
H 6 HOH 31  331 71  HOH HOH A . 
H 6 HOH 32  332 108 HOH HOH A . 
H 6 HOH 33  333 219 HOH HOH A . 
H 6 HOH 34  334 72  HOH HOH A . 
H 6 HOH 35  335 24  HOH HOH A . 
H 6 HOH 36  336 81  HOH HOH A . 
H 6 HOH 37  337 59  HOH HOH A . 
H 6 HOH 38  338 3   HOH HOH A . 
H 6 HOH 39  339 121 HOH HOH A . 
H 6 HOH 40  340 161 HOH HOH A . 
H 6 HOH 41  341 103 HOH HOH A . 
H 6 HOH 42  342 9   HOH HOH A . 
H 6 HOH 43  343 205 HOH HOH A . 
H 6 HOH 44  344 154 HOH HOH A . 
H 6 HOH 45  345 60  HOH HOH A . 
H 6 HOH 46  346 79  HOH HOH A . 
H 6 HOH 47  347 42  HOH HOH A . 
H 6 HOH 48  348 53  HOH HOH A . 
H 6 HOH 49  349 111 HOH HOH A . 
H 6 HOH 50  350 120 HOH HOH A . 
H 6 HOH 51  351 28  HOH HOH A . 
H 6 HOH 52  352 197 HOH HOH A . 
H 6 HOH 53  353 55  HOH HOH A . 
H 6 HOH 54  354 163 HOH HOH A . 
H 6 HOH 55  355 58  HOH HOH A . 
H 6 HOH 56  356 247 HOH HOH A . 
H 6 HOH 57  357 110 HOH HOH A . 
H 6 HOH 58  358 146 HOH HOH A . 
H 6 HOH 59  359 21  HOH HOH A . 
H 6 HOH 60  360 37  HOH HOH A . 
H 6 HOH 61  361 34  HOH HOH A . 
H 6 HOH 62  362 95  HOH HOH A . 
H 6 HOH 63  363 77  HOH HOH A . 
H 6 HOH 64  364 7   HOH HOH A . 
H 6 HOH 65  365 135 HOH HOH A . 
H 6 HOH 66  366 84  HOH HOH A . 
H 6 HOH 67  367 183 HOH HOH A . 
H 6 HOH 68  368 33  HOH HOH A . 
H 6 HOH 69  369 214 HOH HOH A . 
H 6 HOH 70  370 104 HOH HOH A . 
H 6 HOH 71  371 25  HOH HOH A . 
H 6 HOH 72  372 94  HOH HOH A . 
H 6 HOH 73  373 157 HOH HOH A . 
H 6 HOH 74  374 132 HOH HOH A . 
H 6 HOH 75  375 82  HOH HOH A . 
H 6 HOH 76  376 167 HOH HOH A . 
H 6 HOH 77  377 141 HOH HOH A . 
H 6 HOH 78  378 2   HOH HOH A . 
H 6 HOH 79  379 20  HOH HOH A . 
H 6 HOH 80  380 18  HOH HOH A . 
H 6 HOH 81  381 178 HOH HOH A . 
H 6 HOH 82  382 68  HOH HOH A . 
H 6 HOH 83  383 177 HOH HOH A . 
H 6 HOH 84  384 182 HOH HOH A . 
H 6 HOH 85  385 211 HOH HOH A . 
H 6 HOH 86  386 91  HOH HOH A . 
H 6 HOH 87  387 212 HOH HOH A . 
H 6 HOH 88  388 26  HOH HOH A . 
H 6 HOH 89  389 233 HOH HOH A . 
H 6 HOH 90  390 148 HOH HOH A . 
H 6 HOH 91  391 186 HOH HOH A . 
H 6 HOH 92  392 215 HOH HOH A . 
H 6 HOH 93  393 52  HOH HOH A . 
H 6 HOH 94  394 63  HOH HOH A . 
H 6 HOH 95  395 27  HOH HOH A . 
H 6 HOH 96  396 62  HOH HOH A . 
H 6 HOH 97  397 31  HOH HOH A . 
H 6 HOH 98  398 51  HOH HOH A . 
H 6 HOH 99  399 218 HOH HOH A . 
H 6 HOH 100 400 14  HOH HOH A . 
H 6 HOH 101 401 50  HOH HOH A . 
H 6 HOH 102 402 29  HOH HOH A . 
H 6 HOH 103 403 12  HOH HOH A . 
H 6 HOH 104 404 105 HOH HOH A . 
H 6 HOH 105 405 134 HOH HOH A . 
H 6 HOH 106 406 40  HOH HOH A . 
H 6 HOH 107 407 106 HOH HOH A . 
H 6 HOH 108 408 168 HOH HOH A . 
H 6 HOH 109 409 17  HOH HOH A . 
H 6 HOH 110 410 80  HOH HOH A . 
H 6 HOH 111 411 93  HOH HOH A . 
H 6 HOH 112 412 176 HOH HOH A . 
H 6 HOH 113 413 238 HOH HOH A . 
H 6 HOH 114 414 169 HOH HOH A . 
H 6 HOH 115 415 76  HOH HOH A . 
H 6 HOH 116 416 89  HOH HOH A . 
H 6 HOH 117 417 43  HOH HOH A . 
H 6 HOH 118 418 102 HOH HOH A . 
H 6 HOH 119 419 250 HOH HOH A . 
H 6 HOH 120 420 140 HOH HOH A . 
H 6 HOH 121 421 70  HOH HOH A . 
H 6 HOH 122 422 100 HOH HOH A . 
H 6 HOH 123 423 190 HOH HOH A . 
H 6 HOH 124 424 41  HOH HOH A . 
H 6 HOH 125 425 8   HOH HOH A . 
H 6 HOH 126 426 13  HOH HOH A . 
H 6 HOH 127 427 138 HOH HOH A . 
H 6 HOH 128 428 232 HOH HOH A . 
H 6 HOH 129 429 203 HOH HOH A . 
H 6 HOH 130 430 124 HOH HOH A . 
H 6 HOH 131 431 192 HOH HOH A . 
H 6 HOH 132 432 185 HOH HOH A . 
H 6 HOH 133 433 198 HOH HOH A . 
H 6 HOH 134 434 69  HOH HOH A . 
H 6 HOH 135 435 126 HOH HOH A . 
H 6 HOH 136 436 128 HOH HOH A . 
H 6 HOH 137 437 5   HOH HOH A . 
H 6 HOH 138 438 38  HOH HOH A . 
H 6 HOH 139 439 172 HOH HOH A . 
H 6 HOH 140 440 64  HOH HOH A . 
H 6 HOH 141 441 10  HOH HOH A . 
H 6 HOH 142 442 224 HOH HOH A . 
H 6 HOH 143 443 23  HOH HOH A . 
H 6 HOH 144 444 35  HOH HOH A . 
H 6 HOH 145 445 85  HOH HOH A . 
H 6 HOH 146 446 47  HOH HOH A . 
H 6 HOH 147 447 159 HOH HOH A . 
H 6 HOH 148 448 204 HOH HOH A . 
H 6 HOH 149 449 117 HOH HOH A . 
H 6 HOH 150 450 123 HOH HOH A . 
H 6 HOH 151 451 220 HOH HOH A . 
H 6 HOH 152 452 11  HOH HOH A . 
H 6 HOH 153 453 114 HOH HOH A . 
H 6 HOH 154 454 248 HOH HOH A . 
H 6 HOH 155 455 240 HOH HOH A . 
H 6 HOH 156 456 113 HOH HOH A . 
H 6 HOH 157 457 96  HOH HOH A . 
H 6 HOH 158 458 206 HOH HOH A . 
H 6 HOH 159 459 6   HOH HOH A . 
H 6 HOH 160 460 170 HOH HOH A . 
H 6 HOH 161 461 87  HOH HOH A . 
H 6 HOH 162 462 234 HOH HOH A . 
H 6 HOH 163 463 142 HOH HOH A . 
H 6 HOH 164 464 236 HOH HOH A . 
H 6 HOH 165 465 74  HOH HOH A . 
H 6 HOH 166 466 54  HOH HOH A . 
H 6 HOH 167 467 239 HOH HOH A . 
H 6 HOH 168 468 201 HOH HOH A . 
H 6 HOH 169 469 99  HOH HOH A . 
H 6 HOH 170 470 48  HOH HOH A . 
H 6 HOH 171 471 228 HOH HOH A . 
H 6 HOH 172 472 237 HOH HOH A . 
H 6 HOH 173 473 65  HOH HOH A . 
H 6 HOH 174 474 207 HOH HOH A . 
H 6 HOH 175 475 175 HOH HOH A . 
H 6 HOH 176 476 151 HOH HOH A . 
H 6 HOH 177 477 101 HOH HOH A . 
H 6 HOH 178 478 200 HOH HOH A . 
H 6 HOH 179 479 67  HOH HOH A . 
H 6 HOH 180 480 158 HOH HOH A . 
H 6 HOH 181 481 98  HOH HOH A . 
H 6 HOH 182 482 78  HOH HOH A . 
H 6 HOH 183 483 144 HOH HOH A . 
H 6 HOH 184 484 213 HOH HOH A . 
H 6 HOH 185 485 122 HOH HOH A . 
H 6 HOH 186 486 97  HOH HOH A . 
H 6 HOH 187 487 171 HOH HOH A . 
H 6 HOH 188 488 231 HOH HOH A . 
H 6 HOH 189 489 230 HOH HOH A . 
H 6 HOH 190 490 189 HOH HOH A . 
H 6 HOH 191 491 88  HOH HOH A . 
H 6 HOH 192 492 116 HOH HOH A . 
H 6 HOH 193 493 22  HOH HOH A . 
H 6 HOH 194 494 246 HOH HOH A . 
H 6 HOH 195 495 127 HOH HOH A . 
H 6 HOH 196 496 150 HOH HOH A . 
H 6 HOH 197 497 164 HOH HOH A . 
H 6 HOH 198 498 179 HOH HOH A . 
H 6 HOH 199 499 193 HOH HOH A . 
H 6 HOH 200 500 112 HOH HOH A . 
H 6 HOH 201 501 221 HOH HOH A . 
H 6 HOH 202 502 86  HOH HOH A . 
H 6 HOH 203 503 165 HOH HOH A . 
H 6 HOH 204 504 118 HOH HOH A . 
H 6 HOH 205 505 243 HOH HOH A . 
H 6 HOH 206 506 208 HOH HOH A . 
H 6 HOH 207 507 217 HOH HOH A . 
H 6 HOH 208 508 92  HOH HOH A . 
H 6 HOH 209 509 156 HOH HOH A . 
H 6 HOH 210 510 229 HOH HOH A . 
H 6 HOH 211 511 75  HOH HOH A . 
H 6 HOH 212 512 202 HOH HOH A . 
H 6 HOH 213 513 73  HOH HOH A . 
H 6 HOH 214 514 209 HOH HOH A . 
H 6 HOH 215 515 129 HOH HOH A . 
H 6 HOH 216 516 56  HOH HOH A . 
H 6 HOH 217 517 83  HOH HOH A . 
H 6 HOH 218 518 153 HOH HOH A . 
H 6 HOH 219 519 187 HOH HOH A . 
H 6 HOH 220 520 162 HOH HOH A . 
H 6 HOH 221 521 225 HOH HOH A . 
H 6 HOH 222 522 223 HOH HOH A . 
H 6 HOH 223 523 235 HOH HOH A . 
H 6 HOH 224 524 32  HOH HOH A . 
H 6 HOH 225 525 222 HOH HOH A . 
H 6 HOH 226 526 125 HOH HOH A . 
H 6 HOH 227 527 199 HOH HOH A . 
H 6 HOH 228 528 241 HOH HOH A . 
H 6 HOH 229 529 242 HOH HOH A . 
H 6 HOH 230 530 160 HOH HOH A . 
H 6 HOH 231 531 244 HOH HOH A . 
# 
loop_
_software.classification 
_software.name 
_software.version 
_software.citation_id 
_software.pdbx_ordinal 
refinement       REFMAC  5.8.0267 ? 1 
refinement       REFMAC5 .        ? 2 
'data scaling'   Aimless .        ? 3 
phasing          PHASER  .        ? 4 
'data reduction' XDS     .        ? 5 
# 
_cell.entry_id           7H39 
_cell.length_a           86.638 
_cell.length_b           57.706 
_cell.length_c           32.629 
_cell.angle_alpha        90.00 
_cell.angle_beta         91.75 
_cell.angle_gamma        90.00 
_cell.Z_PDB              4 
_cell.pdbx_unique_axis   ? 
# 
_symmetry.entry_id                         7H39 
_symmetry.space_group_name_H-M             'C 1 2 1' 
_symmetry.pdbx_full_space_group_name_H-M   ? 
_symmetry.cell_setting                     ? 
_symmetry.Int_Tables_number                5 
# 
_exptl.entry_id          7H39 
_exptl.method            'X-RAY DIFFRACTION' 
_exptl.crystals_number   1 
# 
_exptl_crystal.id                    1 
_exptl_crystal.density_meas          ? 
_exptl_crystal.density_Matthews      2.47 
_exptl_crystal.density_percent_sol   50.23 
_exptl_crystal.description           ? 
# 
_exptl_crystal_grow.crystal_id      1 
_exptl_crystal_grow.method          'VAPOR DIFFUSION, SITTING DROP' 
_exptl_crystal_grow.pH              6.05 
_exptl_crystal_grow.temp            293.15 
_exptl_crystal_grow.pdbx_details    '0.1 M MES, pH 6.05, 16 % PEG 20,000' 
_exptl_crystal_grow.temp_details    ? 
_exptl_crystal_grow.pdbx_pH_range   ? 
# 
_diffrn.id                     1 
_diffrn.ambient_temp           100 
_diffrn.crystal_id             1 
_diffrn.ambient_temp_details   ? 
# 
_diffrn_detector.detector               PIXEL 
_diffrn_detector.type                   'DECTRIS EIGER2 XE 16M' 
_diffrn_detector.pdbx_collection_date   2023-10-10 
_diffrn_detector.diffrn_id              1 
_diffrn_detector.details                ? 
# 
_diffrn_radiation.diffrn_id                        1 
_diffrn_radiation.wavelength_id                    1 
_diffrn_radiation.pdbx_diffrn_protocol             'SINGLE WAVELENGTH' 
_diffrn_radiation.pdbx_monochromatic_or_laue_m_l   ? 
_diffrn_radiation.monochromator                    ? 
_diffrn_radiation.pdbx_scattering_type             x-ray 
# 
_diffrn_radiation_wavelength.id           1 
_diffrn_radiation_wavelength.wavelength   0.94056 
_diffrn_radiation_wavelength.wt           1.0 
# 
_diffrn_source.diffrn_id                   1 
_diffrn_source.source                      SYNCHROTRON 
_diffrn_source.type                        'DIAMOND BEAMLINE I03' 
_diffrn_source.pdbx_wavelength_list        0.94056 
_diffrn_source.pdbx_synchrotron_site       Diamond 
_diffrn_source.pdbx_synchrotron_beamline   I03 
_diffrn_source.pdbx_wavelength             ? 
# 
_reflns.entry_id                     7H39 
_reflns.pdbx_diffrn_id               1 
_reflns.pdbx_ordinal                 1 
_reflns.d_resolution_low             48.04 
_reflns.d_resolution_high            1.25 
_reflns.number_obs                   44139 
_reflns.percent_possible_obs         99.1 
_reflns.pdbx_Rmerge_I_obs            0.110 
_reflns.pdbx_netI_over_sigmaI        7.4 
_reflns.pdbx_redundancy              6.8 
_reflns.pdbx_Rrim_I_all              0.119 
_reflns.pdbx_Rpim_I_all              0.046 
_reflns.pdbx_CC_half                 0.987 
_reflns.pdbx_number_measured_all     298810 
_reflns.pdbx_chi_squared             0.48 
_reflns.observed_criterion_sigma_I   ? 
_reflns.observed_criterion_sigma_F   ? 
_reflns.number_all                   ? 
_reflns.pdbx_Rsym_value              ? 
_reflns.B_iso_Wilson_estimate        ? 
# 
_reflns_shell.pdbx_diffrn_id              1 
_reflns_shell.pdbx_ordinal                1 
_reflns_shell.d_res_high                  1.25 
_reflns_shell.d_res_low                   1.27 
_reflns_shell.number_measured_all         14983 
_reflns_shell.number_unique_obs           2197 
_reflns_shell.Rmerge_I_obs                3.383 
_reflns_shell.pdbx_chi_squared            0.20 
_reflns_shell.pdbx_redundancy             6.8 
_reflns_shell.percent_possible_obs        96.3 
_reflns_shell.pdbx_netI_over_sigmaI_obs   0.3 
_reflns_shell.pdbx_Rrim_I_all             3.663 
_reflns_shell.pdbx_Rpim_I_all             1.389 
_reflns_shell.pdbx_CC_half                0.365 
_reflns_shell.percent_possible_all        ? 
_reflns_shell.pdbx_Rsym_value             ? 
_reflns_shell.meanI_over_sigI_obs         ? 
# 
_refine.pdbx_refine_id                           'X-RAY DIFFRACTION' 
_refine.entry_id                                 7H39 
_refine.pdbx_diffrn_id                           1 
_refine.pdbx_TLS_residual_ADP_flag               ? 
_refine.ls_number_reflns_obs                     37728 
_refine.ls_number_reflns_all                     ? 
_refine.pdbx_ls_sigma_I                          ? 
_refine.pdbx_ls_sigma_F                          ? 
_refine.pdbx_data_cutoff_high_absF               ? 
_refine.pdbx_data_cutoff_low_absF                ? 
_refine.pdbx_data_cutoff_high_rms_absF           ? 
_refine.ls_d_res_low                             48.02 
_refine.ls_d_res_high                            1.25 
_refine.ls_percent_reflns_obs                    89.30 
_refine.ls_R_factor_obs                          0.30211 
_refine.ls_R_factor_all                          ? 
_refine.ls_R_factor_R_work                       0.30014 
_refine.ls_R_factor_R_free                       0.33920 
_refine.ls_R_factor_R_free_error                 ? 
_refine.ls_R_factor_R_free_error_details         ? 
_refine.ls_percent_reflns_R_free                 5.0 
_refine.ls_number_reflns_R_free                  1997 
_refine.ls_number_parameters                     ? 
_refine.ls_number_restraints                     ? 
_refine.occupancy_min                            ? 
_refine.occupancy_max                            ? 
_refine.correlation_coeff_Fo_to_Fc               0.907 
_refine.correlation_coeff_Fo_to_Fc_free          0.914 
_refine.B_iso_mean                               30.892 
_refine.aniso_B[1][1]                            2.29 
_refine.aniso_B[2][2]                            -1.01 
_refine.aniso_B[3][3]                            -1.39 
_refine.aniso_B[1][2]                            -0.00 
_refine.aniso_B[1][3]                            1.85 
_refine.aniso_B[2][3]                            0.00 
_refine.solvent_model_details                    MASK 
_refine.solvent_model_param_ksol                 ? 
_refine.solvent_model_param_bsol                 ? 
_refine.pdbx_solvent_vdw_probe_radii             1.20 
_refine.pdbx_solvent_ion_probe_radii             0.80 
_refine.pdbx_solvent_shrinkage_radii             0.80 
_refine.pdbx_ls_cross_valid_method               THROUGHOUT 
_refine.details                                  'HYDROGENS HAVE BEEN ADDED IN THE RIDING POSITIONS' 
_refine.pdbx_starting_model                      ? 
_refine.pdbx_method_to_determine_struct          'MOLECULAR REPLACEMENT' 
_refine.pdbx_isotropic_thermal_model             ? 
_refine.pdbx_stereochemistry_target_values       'MAXIMUM LIKELIHOOD' 
_refine.pdbx_stereochem_target_val_spec_case     ? 
_refine.pdbx_R_Free_selection_details            RANDOM 
_refine.pdbx_overall_ESU_R                       0.101 
_refine.pdbx_overall_ESU_R_Free                  0.102 
_refine.overall_SU_ML                            ? 
_refine.pdbx_overall_phase_error                 ? 
_refine.overall_SU_B                             ? 
_refine.overall_SU_R_Cruickshank_DPI             ? 
_refine.pdbx_overall_SU_R_free_Cruickshank_DPI   ? 
_refine.pdbx_overall_SU_R_Blow_DPI               ? 
_refine.pdbx_overall_SU_R_free_Blow_DPI          ? 
# 
_refine_hist.pdbx_refine_id                   'X-RAY DIFFRACTION' 
_refine_hist.cycle_id                         1 
_refine_hist.pdbx_number_atoms_protein        1083 
_refine_hist.pdbx_number_atoms_nucleic_acid   0 
_refine_hist.pdbx_number_atoms_ligand         31 
_refine_hist.number_atoms_solvent             231 
_refine_hist.number_atoms_total               1345 
_refine_hist.d_res_high                       1.25 
_refine_hist.d_res_low                        48.02 
# 
loop_
_refine_ls_restr.type 
_refine_ls_restr.dev_ideal 
_refine_ls_restr.dev_ideal_target 
_refine_ls_restr.weight 
_refine_ls_restr.number 
_refine_ls_restr.pdbx_refine_id 
_refine_ls_restr.pdbx_restraint_function 
r_bond_refined_d             0.018  0.014  ? 2231 'X-RAY DIFFRACTION' ? 
r_bond_other_d               0.036  0.015  ? 1547 'X-RAY DIFFRACTION' ? 
r_angle_refined_deg          2.008  1.624  ? 2407 'X-RAY DIFFRACTION' ? 
r_angle_other_deg            2.529  1.591  ? 3540 'X-RAY DIFFRACTION' ? 
r_dihedral_angle_1_deg       7.396  5.000  ? 229  'X-RAY DIFFRACTION' ? 
r_dihedral_angle_2_deg       32.587 21.895 ? 95   'X-RAY DIFFRACTION' ? 
r_dihedral_angle_3_deg       14.214 15.000 ? 253  'X-RAY DIFFRACTION' ? 
r_dihedral_angle_4_deg       17.264 15.000 ? 12   'X-RAY DIFFRACTION' ? 
r_chiral_restr               0.095  0.200  ? 215  'X-RAY DIFFRACTION' ? 
r_gen_planes_refined         0.009  0.020  ? 2222 'X-RAY DIFFRACTION' ? 
r_gen_planes_other           0.013  0.020  ? 438  'X-RAY DIFFRACTION' ? 
r_nbd_refined                ?      ?      ? ?    'X-RAY DIFFRACTION' ? 
r_nbd_other                  ?      ?      ? ?    'X-RAY DIFFRACTION' ? 
r_nbtor_refined              ?      ?      ? ?    'X-RAY DIFFRACTION' ? 
r_nbtor_other                ?      ?      ? ?    'X-RAY DIFFRACTION' ? 
r_xyhbond_nbd_refined        ?      ?      ? ?    'X-RAY DIFFRACTION' ? 
r_xyhbond_nbd_other          ?      ?      ? ?    'X-RAY DIFFRACTION' ? 
r_metal_ion_refined          ?      ?      ? ?    'X-RAY DIFFRACTION' ? 
r_metal_ion_other            ?      ?      ? ?    'X-RAY DIFFRACTION' ? 
r_symmetry_vdw_refined       ?      ?      ? ?    'X-RAY DIFFRACTION' ? 
r_symmetry_vdw_other         ?      ?      ? ?    'X-RAY DIFFRACTION' ? 
r_symmetry_hbond_refined     ?      ?      ? ?    'X-RAY DIFFRACTION' ? 
r_symmetry_hbond_other       ?      ?      ? ?    'X-RAY DIFFRACTION' ? 
r_symmetry_metal_ion_refined ?      ?      ? ?    'X-RAY DIFFRACTION' ? 
r_symmetry_metal_ion_other   ?      ?      ? ?    'X-RAY DIFFRACTION' ? 
r_mcbond_it                  2.169  2.873  ? 1117 'X-RAY DIFFRACTION' ? 
r_mcbond_other               2.178  2.847  ? 1108 'X-RAY DIFFRACTION' ? 
r_mcangle_it                 3.946  4.150  ? 1113 'X-RAY DIFFRACTION' ? 
r_mcangle_other              3.950  4.159  ? 1112 'X-RAY DIFFRACTION' ? 
r_scbond_it                  2.972  3.515  ? 1111 'X-RAY DIFFRACTION' ? 
r_scbond_other               2.971  3.519  ? 1111 'X-RAY DIFFRACTION' ? 
r_scangle_it                 ?      ?      ? ?    'X-RAY DIFFRACTION' ? 
r_scangle_other              4.940  4.883  ? 1289 'X-RAY DIFFRACTION' ? 
r_long_range_B_refined       14.084 35.721 ? 1986 'X-RAY DIFFRACTION' ? 
r_long_range_B_other         14.081 35.744 ? 1987 'X-RAY DIFFRACTION' ? 
r_rigid_bond_restr           ?      ?      ? ?    'X-RAY DIFFRACTION' ? 
r_sphericity_free            ?      ?      ? ?    'X-RAY DIFFRACTION' ? 
r_sphericity_bonded          ?      ?      ? ?    'X-RAY DIFFRACTION' ? 
# 
_refine_ls_shell.pdbx_refine_id                   'X-RAY DIFFRACTION' 
_refine_ls_shell.pdbx_total_number_of_bins_used   20 
_refine_ls_shell.d_res_high                       1.249 
_refine_ls_shell.d_res_low                        1.282 
_refine_ls_shell.number_reflns_R_work             1050 
_refine_ls_shell.R_factor_R_work                  0.630 
_refine_ls_shell.percent_reflns_obs               34.07 
_refine_ls_shell.R_factor_R_free                  0.728 
_refine_ls_shell.R_factor_R_free_error            ? 
_refine_ls_shell.percent_reflns_R_free            ? 
_refine_ls_shell.number_reflns_R_free             51 
_refine_ls_shell.number_reflns_all                ? 
_refine_ls_shell.R_factor_all                     ? 
# 
_struct.entry_id                  7H39 
_struct.title                     
;Group deposition for crystallographic fragment screening of Coxsackievirus A16 (G-10) 2A protease -- Crystal structure of Coxsackievirus A16 (G-10) 2A protease in complex with Z50145861 (A71EV2A-x0341)
;
_struct.pdbx_model_details        ? 
_struct.pdbx_CASP_flag            ? 
_struct.pdbx_model_type_details   ? 
# 
_struct_keywords.entry_id        7H39 
_struct_keywords.pdbx_keywords   HYDROLASE 
_struct_keywords.text            
;Diamond Light Source, I03, ASAP, Coxsackievirus A16, crystallographic fragment screening, PanDDA, Pandda2, XChemExplorer, viral protein, HYDROLASE
;
# 
loop_
_struct_asym.id 
_struct_asym.pdbx_blank_PDB_chainid_flag 
_struct_asym.pdbx_modified 
_struct_asym.entity_id 
_struct_asym.details 
A N N 1 ? 
B N N 2 ? 
C N N 3 ? 
D N N 4 ? 
E N N 4 ? 
F N N 4 ? 
G N N 5 ? 
H N N 6 ? 
# 
_struct_ref.id                         1 
_struct_ref.db_name                    UNP 
_struct_ref.db_code                    POLG_CX16G 
_struct_ref.pdbx_db_accession          Q65900 
_struct_ref.pdbx_db_isoform            ? 
_struct_ref.entity_id                  1 
_struct_ref.pdbx_seq_one_letter_code   
;SGAIYVGNYRVVNRHLATHNDWANLVWEDSSRDLLVSSTTAQGCDTIARCDCQTGVYYCSSRRKHYPVSFSKPSLIFVEA
SEYYPARYQSHLMLAVGHSEPGDCGGILRCQHGVVGIVSTGGNGLVGFADVRDLLWLDEEAMEQ
;
_struct_ref.pdbx_align_begin           869 
# 
_struct_ref_seq.align_id                      1 
_struct_ref_seq.ref_id                        1 
_struct_ref_seq.pdbx_PDB_id_code              7H39 
_struct_ref_seq.pdbx_strand_id                A 
_struct_ref_seq.seq_align_beg                 7 
_struct_ref_seq.pdbx_seq_align_beg_ins_code   ? 
_struct_ref_seq.seq_align_end                 150 
_struct_ref_seq.pdbx_seq_align_end_ins_code   ? 
_struct_ref_seq.pdbx_db_accession             Q65900 
_struct_ref_seq.db_align_beg                  869 
_struct_ref_seq.pdbx_db_align_beg_ins_code    ? 
_struct_ref_seq.db_align_end                  1012 
_struct_ref_seq.pdbx_db_align_end_ins_code    ? 
_struct_ref_seq.pdbx_auth_seq_align_beg       7 
_struct_ref_seq.pdbx_auth_seq_align_end       150 
# 
loop_
_struct_ref_seq_dif.align_id 
_struct_ref_seq_dif.pdbx_pdb_id_code 
_struct_ref_seq_dif.mon_id 
_struct_ref_seq_dif.pdbx_pdb_strand_id 
_struct_ref_seq_dif.seq_num 
_struct_ref_seq_dif.pdbx_pdb_ins_code 
_struct_ref_seq_dif.pdbx_seq_db_name 
_struct_ref_seq_dif.pdbx_seq_db_accession_code 
_struct_ref_seq_dif.db_mon_id 
_struct_ref_seq_dif.pdbx_seq_db_seq_num 
_struct_ref_seq_dif.details 
_struct_ref_seq_dif.pdbx_auth_seq_num 
_struct_ref_seq_dif.pdbx_ordinal 
1 7H39 GLN A 1 ? UNP Q65900 ? ? 'expression tag' 1 1 
1 7H39 GLU A 2 ? UNP Q65900 ? ? 'expression tag' 2 2 
1 7H39 GLN A 3 ? UNP Q65900 ? ? 'expression tag' 3 3 
1 7H39 THR A 4 ? UNP Q65900 ? ? 'expression tag' 4 4 
1 7H39 GLY A 5 ? UNP Q65900 ? ? 'expression tag' 5 5 
1 7H39 GLY A 6 ? UNP Q65900 ? ? 'expression tag' 6 6 
# 
_pdbx_struct_assembly.id                   1 
_pdbx_struct_assembly.details              author_and_software_defined_assembly 
_pdbx_struct_assembly.method_details       PISA 
_pdbx_struct_assembly.oligomeric_details   monomeric 
_pdbx_struct_assembly.oligomeric_count     1 
# 
loop_
_pdbx_struct_assembly_prop.biol_id 
_pdbx_struct_assembly_prop.type 
_pdbx_struct_assembly_prop.value 
_pdbx_struct_assembly_prop.details 
1 'ABSA (A^2)' 540  ? 
1 MORE         -7   ? 
1 'SSA (A^2)'  7500 ? 
# 
_pdbx_struct_assembly_gen.assembly_id       1 
_pdbx_struct_assembly_gen.oper_expression   1 
_pdbx_struct_assembly_gen.asym_id_list      A,B,C,D,E,F,G,H 
# 
_pdbx_struct_oper_list.id                   1 
_pdbx_struct_oper_list.type                 'identity operation' 
_pdbx_struct_oper_list.name                 1_555 
_pdbx_struct_oper_list.symmetry_operation   x,y,z 
_pdbx_struct_oper_list.matrix[1][1]         1.0000000000 
_pdbx_struct_oper_list.matrix[1][2]         0.0000000000 
_pdbx_struct_oper_list.matrix[1][3]         0.0000000000 
_pdbx_struct_oper_list.vector[1]            0.0000000000 
_pdbx_struct_oper_list.matrix[2][1]         0.0000000000 
_pdbx_struct_oper_list.matrix[2][2]         1.0000000000 
_pdbx_struct_oper_list.matrix[2][3]         0.0000000000 
_pdbx_struct_oper_list.vector[2]            0.0000000000 
_pdbx_struct_oper_list.matrix[3][1]         0.0000000000 
_pdbx_struct_oper_list.matrix[3][2]         0.0000000000 
_pdbx_struct_oper_list.matrix[3][3]         1.0000000000 
_pdbx_struct_oper_list.vector[3]            0.0000000000 
# 
loop_
_struct_conf.conf_type_id 
_struct_conf.id 
_struct_conf.pdbx_PDB_helix_id 
_struct_conf.beg_label_comp_id 
_struct_conf.beg_label_asym_id 
_struct_conf.beg_label_seq_id 
_struct_conf.pdbx_beg_PDB_ins_code 
_struct_conf.end_label_comp_id 
_struct_conf.end_label_asym_id 
_struct_conf.end_label_seq_id 
_struct_conf.pdbx_end_PDB_ins_code 
_struct_conf.beg_auth_comp_id 
_struct_conf.beg_auth_asym_id 
_struct_conf.beg_auth_seq_id 
_struct_conf.end_auth_comp_id 
_struct_conf.end_auth_asym_id 
_struct_conf.end_auth_seq_id 
_struct_conf.pdbx_PDB_helix_class 
_struct_conf.details 
_struct_conf.pdbx_PDB_helix_length 
HELX_P HELX_P1 AA1 HIS A 21  ? ALA A 23  ? HIS A 21  ALA A 23  5 ? 3 
HELX_P HELX_P2 AA2 THR A 24  ? ASN A 30  ? THR A 24  ASN A 30  1 ? 7 
HELX_P HELX_P3 AA3 SER A 36  ? ARG A 38  ? SER A 36  ARG A 38  5 ? 3 
HELX_P HELX_P4 AA4 SER A 66  ? ARG A 69  ? SER A 66  ARG A 69  5 ? 4 
HELX_P HELX_P5 AA5 GLU A 106 ? CYS A 110 ? GLU A 106 CYS A 110 5 ? 5 
HELX_P HELX_P6 AA6 LEU A 140 ? GLU A 145 ? LEU A 140 GLU A 145 5 ? 6 
# 
_struct_conf_type.id          HELX_P 
_struct_conf_type.criteria    ? 
_struct_conf_type.reference   ? 
# 
loop_
_struct_conn.id 
_struct_conn.conn_type_id 
_struct_conn.pdbx_leaving_atom_flag 
_struct_conn.pdbx_PDB_id 
_struct_conn.ptnr1_label_asym_id 
_struct_conn.ptnr1_label_comp_id 
_struct_conn.ptnr1_label_seq_id 
_struct_conn.ptnr1_label_atom_id 
_struct_conn.pdbx_ptnr1_label_alt_id 
_struct_conn.pdbx_ptnr1_PDB_ins_code 
_struct_conn.pdbx_ptnr1_standard_comp_id 
_struct_conn.ptnr1_symmetry 
_struct_conn.ptnr2_label_asym_id 
_struct_conn.ptnr2_label_comp_id 
_struct_conn.ptnr2_label_seq_id 
_struct_conn.ptnr2_label_atom_id 
_struct_conn.pdbx_ptnr2_label_alt_id 
_struct_conn.pdbx_ptnr2_PDB_ins_code 
_struct_conn.ptnr1_auth_asym_id 
_struct_conn.ptnr1_auth_comp_id 
_struct_conn.ptnr1_auth_seq_id 
_struct_conn.ptnr2_auth_asym_id 
_struct_conn.ptnr2_auth_comp_id 
_struct_conn.ptnr2_auth_seq_id 
_struct_conn.ptnr2_symmetry 
_struct_conn.pdbx_ptnr3_label_atom_id 
_struct_conn.pdbx_ptnr3_label_seq_id 
_struct_conn.pdbx_ptnr3_label_comp_id 
_struct_conn.pdbx_ptnr3_label_asym_id 
_struct_conn.pdbx_ptnr3_label_alt_id 
_struct_conn.pdbx_ptnr3_PDB_ins_code 
_struct_conn.details 
_struct_conn.pdbx_dist_value 
_struct_conn.pdbx_value_order 
_struct_conn.pdbx_role 
metalc1 metalc ? ? A CYS 56  SG  ? ? ? 1_555 C ZN . ZN ? ? A CYS 56  A ZN 202 1_555 ? ? ? ? ? ? ? 2.355 ? ? 
metalc2 metalc ? ? A CYS 58  SG  ? ? ? 1_555 C ZN . ZN ? ? A CYS 58  A ZN 202 1_555 ? ? ? ? ? ? ? 2.312 ? ? 
metalc3 metalc ? ? A CYS 116 SG  ? ? ? 1_555 C ZN . ZN ? ? A CYS 116 A ZN 202 1_555 ? ? ? ? ? ? ? 2.309 ? ? 
metalc4 metalc ? ? A HIS 118 ND1 ? ? ? 1_555 C ZN . ZN ? ? A HIS 118 A ZN 202 1_555 ? ? ? ? ? ? ? 2.124 ? ? 
# 
_struct_conn_type.id          metalc 
_struct_conn_type.criteria    ? 
_struct_conn_type.reference   ? 
# 
loop_
_pdbx_struct_conn_angle.id 
_pdbx_struct_conn_angle.ptnr1_label_atom_id 
_pdbx_struct_conn_angle.ptnr1_label_alt_id 
_pdbx_struct_conn_angle.ptnr1_label_asym_id 
_pdbx_struct_conn_angle.ptnr1_label_comp_id 
_pdbx_struct_conn_angle.ptnr1_label_seq_id 
_pdbx_struct_conn_angle.ptnr1_auth_atom_id 
_pdbx_struct_conn_angle.ptnr1_auth_asym_id 
_pdbx_struct_conn_angle.ptnr1_auth_comp_id 
_pdbx_struct_conn_angle.ptnr1_auth_seq_id 
_pdbx_struct_conn_angle.ptnr1_PDB_ins_code 
_pdbx_struct_conn_angle.ptnr1_symmetry 
_pdbx_struct_conn_angle.ptnr2_label_atom_id 
_pdbx_struct_conn_angle.ptnr2_label_alt_id 
_pdbx_struct_conn_angle.ptnr2_label_asym_id 
_pdbx_struct_conn_angle.ptnr2_label_comp_id 
_pdbx_struct_conn_angle.ptnr2_label_seq_id 
_pdbx_struct_conn_angle.ptnr2_auth_atom_id 
_pdbx_struct_conn_angle.ptnr2_auth_asym_id 
_pdbx_struct_conn_angle.ptnr2_auth_comp_id 
_pdbx_struct_conn_angle.ptnr2_auth_seq_id 
_pdbx_struct_conn_angle.ptnr2_PDB_ins_code 
_pdbx_struct_conn_angle.ptnr2_symmetry 
_pdbx_struct_conn_angle.ptnr3_label_atom_id 
_pdbx_struct_conn_angle.ptnr3_label_alt_id 
_pdbx_struct_conn_angle.ptnr3_label_asym_id 
_pdbx_struct_conn_angle.ptnr3_label_comp_id 
_pdbx_struct_conn_angle.ptnr3_label_seq_id 
_pdbx_struct_conn_angle.ptnr3_auth_atom_id 
_pdbx_struct_conn_angle.ptnr3_auth_asym_id 
_pdbx_struct_conn_angle.ptnr3_auth_comp_id 
_pdbx_struct_conn_angle.ptnr3_auth_seq_id 
_pdbx_struct_conn_angle.ptnr3_PDB_ins_code 
_pdbx_struct_conn_angle.ptnr3_symmetry 
_pdbx_struct_conn_angle.value 
_pdbx_struct_conn_angle.value_esd 
1 SG ? A CYS 56  ? A CYS 56  ? 1_555 ZN ? C ZN . ? A ZN 202 ? 1_555 SG  ? A CYS 58  ? A CYS 58  ? 1_555 104.5 ? 
2 SG ? A CYS 56  ? A CYS 56  ? 1_555 ZN ? C ZN . ? A ZN 202 ? 1_555 SG  ? A CYS 116 ? A CYS 116 ? 1_555 109.6 ? 
3 SG ? A CYS 58  ? A CYS 58  ? 1_555 ZN ? C ZN . ? A ZN 202 ? 1_555 SG  ? A CYS 116 ? A CYS 116 ? 1_555 119.4 ? 
4 SG ? A CYS 56  ? A CYS 56  ? 1_555 ZN ? C ZN . ? A ZN 202 ? 1_555 ND1 ? A HIS 118 ? A HIS 118 ? 1_555 107.4 ? 
5 SG ? A CYS 58  ? A CYS 58  ? 1_555 ZN ? C ZN . ? A ZN 202 ? 1_555 ND1 ? A HIS 118 ? A HIS 118 ? 1_555 100.4 ? 
6 SG ? A CYS 116 ? A CYS 116 ? 1_555 ZN ? C ZN . ? A ZN 202 ? 1_555 ND1 ? A HIS 118 ? A HIS 118 ? 1_555 114.4 ? 
# 
loop_
_struct_sheet.id 
_struct_sheet.type 
_struct_sheet.number_strands 
_struct_sheet.details 
AA1 ? 3 ? 
AA2 ? 7 ? 
# 
loop_
_struct_sheet_order.sheet_id 
_struct_sheet_order.range_id_1 
_struct_sheet_order.range_id_2 
_struct_sheet_order.offset 
_struct_sheet_order.sense 
AA1 1 2 ? anti-parallel 
AA1 2 3 ? anti-parallel 
AA2 1 2 ? anti-parallel 
AA2 2 3 ? anti-parallel 
AA2 3 4 ? anti-parallel 
AA2 4 5 ? anti-parallel 
AA2 5 6 ? anti-parallel 
AA2 6 7 ? anti-parallel 
# 
loop_
_struct_sheet_range.sheet_id 
_struct_sheet_range.id 
_struct_sheet_range.beg_label_comp_id 
_struct_sheet_range.beg_label_asym_id 
_struct_sheet_range.beg_label_seq_id 
_struct_sheet_range.pdbx_beg_PDB_ins_code 
_struct_sheet_range.end_label_comp_id 
_struct_sheet_range.end_label_asym_id 
_struct_sheet_range.end_label_seq_id 
_struct_sheet_range.pdbx_end_PDB_ins_code 
_struct_sheet_range.beg_auth_comp_id 
_struct_sheet_range.beg_auth_asym_id 
_struct_sheet_range.beg_auth_seq_id 
_struct_sheet_range.end_auth_comp_id 
_struct_sheet_range.end_auth_asym_id 
_struct_sheet_range.end_auth_seq_id 
AA1 1 LEU A 31  ? ASP A 35  ? LEU A 31  ASP A 35  
AA1 2 LEU A 40  ? CYS A 50  ? LEU A 40  CYS A 50  
AA1 3 ILE A 10  ? ASN A 19  ? ILE A 10  ASN A 19  
AA2 1 LYS A 70  ? SER A 75  ? LYS A 70  SER A 75  
AA2 2 THR A 60  ? CYS A 65  ? THR A 60  CYS A 65  
AA2 3 ILE A 113 ? CYS A 116 ? ILE A 113 CYS A 116 
AA2 4 GLY A 119 ? GLY A 128 ? GLY A 119 GLY A 128 
AA2 5 LEU A 131 ? ASP A 136 ? LEU A 131 ASP A 136 
AA2 6 ARG A 93  ? VAL A 102 ? ARG A 93  VAL A 102 
AA2 7 SER A 80  ? VAL A 84  ? SER A 80  VAL A 84  
# 
loop_
_pdbx_struct_sheet_hbond.sheet_id 
_pdbx_struct_sheet_hbond.range_id_1 
_pdbx_struct_sheet_hbond.range_id_2 
_pdbx_struct_sheet_hbond.range_1_label_atom_id 
_pdbx_struct_sheet_hbond.range_1_label_comp_id 
_pdbx_struct_sheet_hbond.range_1_label_asym_id 
_pdbx_struct_sheet_hbond.range_1_label_seq_id 
_pdbx_struct_sheet_hbond.range_1_PDB_ins_code 
_pdbx_struct_sheet_hbond.range_1_auth_atom_id 
_pdbx_struct_sheet_hbond.range_1_auth_comp_id 
_pdbx_struct_sheet_hbond.range_1_auth_asym_id 
_pdbx_struct_sheet_hbond.range_1_auth_seq_id 
_pdbx_struct_sheet_hbond.range_2_label_atom_id 
_pdbx_struct_sheet_hbond.range_2_label_comp_id 
_pdbx_struct_sheet_hbond.range_2_label_asym_id 
_pdbx_struct_sheet_hbond.range_2_label_seq_id 
_pdbx_struct_sheet_hbond.range_2_PDB_ins_code 
_pdbx_struct_sheet_hbond.range_2_auth_atom_id 
_pdbx_struct_sheet_hbond.range_2_auth_comp_id 
_pdbx_struct_sheet_hbond.range_2_auth_asym_id 
_pdbx_struct_sheet_hbond.range_2_auth_seq_id 
AA1 1 2 N TRP A 33  ? N TRP A 33  O VAL A 42  ? O VAL A 42  
AA1 2 3 N GLY A 49  ? N GLY A 49  O GLY A 13  ? O GLY A 13  
AA2 1 2 O LYS A 70  ? O LYS A 70  N CYS A 65  ? N CYS A 65  
AA2 2 3 N VAL A 62  ? N VAL A 62  O ARG A 115 ? O ARG A 115 
AA2 3 4 N LEU A 114 ? N LEU A 114 O VAL A 121 ? O VAL A 121 
AA2 4 5 N SER A 125 ? N SER A 125 O GLY A 133 ? O GLY A 133 
AA2 5 6 O PHE A 134 ? O PHE A 134 N MET A 99  ? N MET A 99  
AA2 6 7 O ARG A 93  ? O ARG A 93  N VAL A 84  ? N VAL A 84  
# 
_pdbx_entry_details.entry_id                   7H39 
_pdbx_entry_details.compound_details           ? 
_pdbx_entry_details.source_details             ? 
_pdbx_entry_details.nonpolymer_details         ? 
_pdbx_entry_details.sequence_details           ? 
_pdbx_entry_details.has_ligand_of_interest     ? 
_pdbx_entry_details.has_protein_modification   N 
# 
loop_
_pdbx_validate_close_contact.id 
_pdbx_validate_close_contact.PDB_model_num 
_pdbx_validate_close_contact.auth_atom_id_1 
_pdbx_validate_close_contact.auth_asym_id_1 
_pdbx_validate_close_contact.auth_comp_id_1 
_pdbx_validate_close_contact.auth_seq_id_1 
_pdbx_validate_close_contact.PDB_ins_code_1 
_pdbx_validate_close_contact.label_alt_id_1 
_pdbx_validate_close_contact.auth_atom_id_2 
_pdbx_validate_close_contact.auth_asym_id_2 
_pdbx_validate_close_contact.auth_comp_id_2 
_pdbx_validate_close_contact.auth_seq_id_2 
_pdbx_validate_close_contact.PDB_ins_code_2 
_pdbx_validate_close_contact.label_alt_id_2 
_pdbx_validate_close_contact.dist 
1  1 OE2 A GLU 88  ? ? O A HOH 301 ? ? 0.53 
2  1 CD  A GLU 88  ? ? O A HOH 301 ? ? 1.47 
3  1 O   A HOH 482 ? ? O A HOH 486 ? ? 1.78 
4  1 O   A SER 87  ? ? O A HOH 302 ? ? 1.99 
5  1 O   A HOH 367 ? ? O A HOH 464 ? ? 2.06 
6  1 O   A HOH 431 ? ? O A HOH 437 ? ? 2.07 
7  1 O   A HOH 309 ? ? O A HOH 356 ? ? 2.08 
8  1 NE  A ARG 93  ? ? O A HOH 303 ? ? 2.12 
9  1 OE1 A GLU 106 ? ? O A HOH 304 ? ? 2.17 
10 1 OE1 A GLU 85  ? ? O A HOH 305 ? ? 2.19 
# 
loop_
_pdbx_validate_symm_contact.id 
_pdbx_validate_symm_contact.PDB_model_num 
_pdbx_validate_symm_contact.auth_atom_id_1 
_pdbx_validate_symm_contact.auth_asym_id_1 
_pdbx_validate_symm_contact.auth_comp_id_1 
_pdbx_validate_symm_contact.auth_seq_id_1 
_pdbx_validate_symm_contact.PDB_ins_code_1 
_pdbx_validate_symm_contact.label_alt_id_1 
_pdbx_validate_symm_contact.site_symmetry_1 
_pdbx_validate_symm_contact.auth_atom_id_2 
_pdbx_validate_symm_contact.auth_asym_id_2 
_pdbx_validate_symm_contact.auth_comp_id_2 
_pdbx_validate_symm_contact.auth_seq_id_2 
_pdbx_validate_symm_contact.PDB_ins_code_2 
_pdbx_validate_symm_contact.label_alt_id_2 
_pdbx_validate_symm_contact.site_symmetry_2 
_pdbx_validate_symm_contact.dist 
1 1 O2 A SO4 206 ? ? 1_555 O4 A SO4 206 ? ? 2_556 1.72 
2 1 O  A HOH 426 ? ? 1_555 O  A HOH 426 ? ? 2_556 2.12 
3 1 O  A HOH 482 ? ? 1_555 O  A HOH 491 ? ? 4_546 2.12 
4 1 O  A HOH 512 ? ? 1_555 O  A HOH 512 ? ? 2_556 2.14 
# 
_pdbx_validate_rmsd_angle.id                         1 
_pdbx_validate_rmsd_angle.PDB_model_num              1 
_pdbx_validate_rmsd_angle.auth_atom_id_1             CB 
_pdbx_validate_rmsd_angle.auth_asym_id_1             A 
_pdbx_validate_rmsd_angle.auth_comp_id_1             GLU 
_pdbx_validate_rmsd_angle.auth_seq_id_1              85 
_pdbx_validate_rmsd_angle.PDB_ins_code_1             ? 
_pdbx_validate_rmsd_angle.label_alt_id_1             ? 
_pdbx_validate_rmsd_angle.auth_atom_id_2             CA 
_pdbx_validate_rmsd_angle.auth_asym_id_2             A 
_pdbx_validate_rmsd_angle.auth_comp_id_2             GLU 
_pdbx_validate_rmsd_angle.auth_seq_id_2              85 
_pdbx_validate_rmsd_angle.PDB_ins_code_2             ? 
_pdbx_validate_rmsd_angle.label_alt_id_2             ? 
_pdbx_validate_rmsd_angle.auth_atom_id_3             C 
_pdbx_validate_rmsd_angle.auth_asym_id_3             A 
_pdbx_validate_rmsd_angle.auth_comp_id_3             GLU 
_pdbx_validate_rmsd_angle.auth_seq_id_3              85 
_pdbx_validate_rmsd_angle.PDB_ins_code_3             ? 
_pdbx_validate_rmsd_angle.label_alt_id_3             ? 
_pdbx_validate_rmsd_angle.angle_value                94.11 
_pdbx_validate_rmsd_angle.angle_target_value         110.40 
_pdbx_validate_rmsd_angle.angle_deviation            -16.29 
_pdbx_validate_rmsd_angle.angle_standard_deviation   2.00 
_pdbx_validate_rmsd_angle.linker_flag                N 
# 
loop_
_pdbx_distant_solvent_atoms.id 
_pdbx_distant_solvent_atoms.PDB_model_num 
_pdbx_distant_solvent_atoms.auth_atom_id 
_pdbx_distant_solvent_atoms.label_alt_id 
_pdbx_distant_solvent_atoms.auth_asym_id 
_pdbx_distant_solvent_atoms.auth_comp_id 
_pdbx_distant_solvent_atoms.auth_seq_id 
_pdbx_distant_solvent_atoms.PDB_ins_code 
_pdbx_distant_solvent_atoms.neighbor_macromolecule_distance 
_pdbx_distant_solvent_atoms.neighbor_ligand_distance 
1 1 O ? A HOH 530 ? 6.06 . 
2 1 O ? A HOH 531 ? 7.85 . 
# 
loop_
_pdbx_unobs_or_zero_occ_residues.id 
_pdbx_unobs_or_zero_occ_residues.PDB_model_num 
_pdbx_unobs_or_zero_occ_residues.polymer_flag 
_pdbx_unobs_or_zero_occ_residues.occupancy_flag 
_pdbx_unobs_or_zero_occ_residues.auth_asym_id 
_pdbx_unobs_or_zero_occ_residues.auth_comp_id 
_pdbx_unobs_or_zero_occ_residues.auth_seq_id 
_pdbx_unobs_or_zero_occ_residues.PDB_ins_code 
_pdbx_unobs_or_zero_occ_residues.label_asym_id 
_pdbx_unobs_or_zero_occ_residues.label_comp_id 
_pdbx_unobs_or_zero_occ_residues.label_seq_id 
1  1 Y 1 A GLN 1   ? A GLN 1   
2  1 Y 1 A GLU 2   ? A GLU 2   
3  1 Y 1 A GLN 3   ? A GLN 3   
4  1 Y 1 A THR 4   ? A THR 4   
5  1 Y 1 A GLY 5   ? A GLY 5   
6  1 Y 1 A GLY 6   ? A GLY 6   
7  1 Y 1 A ALA 147 ? A ALA 147 
8  1 Y 1 A MET 148 ? A MET 148 
9  1 Y 1 A GLU 149 ? A GLU 149 
10 1 Y 1 A GLN 150 ? A GLN 150 
# 
loop_
_chem_comp_atom.comp_id 
_chem_comp_atom.atom_id 
_chem_comp_atom.type_symbol 
_chem_comp_atom.pdbx_aromatic_flag 
_chem_comp_atom.pdbx_stereo_config 
_chem_comp_atom.pdbx_ordinal 
ALA N    N  N N 1   
ALA CA   C  N S 2   
ALA C    C  N N 3   
ALA O    O  N N 4   
ALA CB   C  N N 5   
ALA OXT  O  N N 6   
ALA H    H  N N 7   
ALA H2   H  N N 8   
ALA HA   H  N N 9   
ALA HB1  H  N N 10  
ALA HB2  H  N N 11  
ALA HB3  H  N N 12  
ALA HXT  H  N N 13  
ARG N    N  N N 14  
ARG CA   C  N S 15  
ARG C    C  N N 16  
ARG O    O  N N 17  
ARG CB   C  N N 18  
ARG CG   C  N N 19  
ARG CD   C  N N 20  
ARG NE   N  N N 21  
ARG CZ   C  N N 22  
ARG NH1  N  N N 23  
ARG NH2  N  N N 24  
ARG OXT  O  N N 25  
ARG H    H  N N 26  
ARG H2   H  N N 27  
ARG HA   H  N N 28  
ARG HB2  H  N N 29  
ARG HB3  H  N N 30  
ARG HG2  H  N N 31  
ARG HG3  H  N N 32  
ARG HD2  H  N N 33  
ARG HD3  H  N N 34  
ARG HE   H  N N 35  
ARG HH11 H  N N 36  
ARG HH12 H  N N 37  
ARG HH21 H  N N 38  
ARG HH22 H  N N 39  
ARG HXT  H  N N 40  
ASN N    N  N N 41  
ASN CA   C  N S 42  
ASN C    C  N N 43  
ASN O    O  N N 44  
ASN CB   C  N N 45  
ASN CG   C  N N 46  
ASN OD1  O  N N 47  
ASN ND2  N  N N 48  
ASN OXT  O  N N 49  
ASN H    H  N N 50  
ASN H2   H  N N 51  
ASN HA   H  N N 52  
ASN HB2  H  N N 53  
ASN HB3  H  N N 54  
ASN HD21 H  N N 55  
ASN HD22 H  N N 56  
ASN HXT  H  N N 57  
ASP N    N  N N 58  
ASP CA   C  N S 59  
ASP C    C  N N 60  
ASP O    O  N N 61  
ASP CB   C  N N 62  
ASP CG   C  N N 63  
ASP OD1  O  N N 64  
ASP OD2  O  N N 65  
ASP OXT  O  N N 66  
ASP H    H  N N 67  
ASP H2   H  N N 68  
ASP HA   H  N N 69  
ASP HB2  H  N N 70  
ASP HB3  H  N N 71  
ASP HD2  H  N N 72  
ASP HXT  H  N N 73  
CYS N    N  N N 74  
CYS CA   C  N R 75  
CYS C    C  N N 76  
CYS O    O  N N 77  
CYS CB   C  N N 78  
CYS SG   S  N N 79  
CYS OXT  O  N N 80  
CYS H    H  N N 81  
CYS H2   H  N N 82  
CYS HA   H  N N 83  
CYS HB2  H  N N 84  
CYS HB3  H  N N 85  
CYS HG   H  N N 86  
CYS HXT  H  N N 87  
DMS S    S  N N 88  
DMS O    O  N N 89  
DMS C1   C  N N 90  
DMS C2   C  N N 91  
DMS H11  H  N N 92  
DMS H12  H  N N 93  
DMS H13  H  N N 94  
DMS H21  H  N N 95  
DMS H22  H  N N 96  
DMS H23  H  N N 97  
GLN N    N  N N 98  
GLN CA   C  N S 99  
GLN C    C  N N 100 
GLN O    O  N N 101 
GLN CB   C  N N 102 
GLN CG   C  N N 103 
GLN CD   C  N N 104 
GLN OE1  O  N N 105 
GLN NE2  N  N N 106 
GLN OXT  O  N N 107 
GLN H    H  N N 108 
GLN H2   H  N N 109 
GLN HA   H  N N 110 
GLN HB2  H  N N 111 
GLN HB3  H  N N 112 
GLN HG2  H  N N 113 
GLN HG3  H  N N 114 
GLN HE21 H  N N 115 
GLN HE22 H  N N 116 
GLN HXT  H  N N 117 
GLU N    N  N N 118 
GLU CA   C  N S 119 
GLU C    C  N N 120 
GLU O    O  N N 121 
GLU CB   C  N N 122 
GLU CG   C  N N 123 
GLU CD   C  N N 124 
GLU OE1  O  N N 125 
GLU OE2  O  N N 126 
GLU OXT  O  N N 127 
GLU H    H  N N 128 
GLU H2   H  N N 129 
GLU HA   H  N N 130 
GLU HB2  H  N N 131 
GLU HB3  H  N N 132 
GLU HG2  H  N N 133 
GLU HG3  H  N N 134 
GLU HE2  H  N N 135 
GLU HXT  H  N N 136 
GLY N    N  N N 137 
GLY CA   C  N N 138 
GLY C    C  N N 139 
GLY O    O  N N 140 
GLY OXT  O  N N 141 
GLY H    H  N N 142 
GLY H2   H  N N 143 
GLY HA2  H  N N 144 
GLY HA3  H  N N 145 
GLY HXT  H  N N 146 
HIS N    N  N N 147 
HIS CA   C  N S 148 
HIS C    C  N N 149 
HIS O    O  N N 150 
HIS CB   C  N N 151 
HIS CG   C  Y N 152 
HIS ND1  N  Y N 153 
HIS CD2  C  Y N 154 
HIS CE1  C  Y N 155 
HIS NE2  N  Y N 156 
HIS OXT  O  N N 157 
HIS H    H  N N 158 
HIS H2   H  N N 159 
HIS HA   H  N N 160 
HIS HB2  H  N N 161 
HIS HB3  H  N N 162 
HIS HD1  H  N N 163 
HIS HD2  H  N N 164 
HIS HE1  H  N N 165 
HIS HE2  H  N N 166 
HIS HXT  H  N N 167 
HOH O    O  N N 168 
HOH H1   H  N N 169 
HOH H2   H  N N 170 
ILE N    N  N N 171 
ILE CA   C  N S 172 
ILE C    C  N N 173 
ILE O    O  N N 174 
ILE CB   C  N S 175 
ILE CG1  C  N N 176 
ILE CG2  C  N N 177 
ILE CD1  C  N N 178 
ILE OXT  O  N N 179 
ILE H    H  N N 180 
ILE H2   H  N N 181 
ILE HA   H  N N 182 
ILE HB   H  N N 183 
ILE HG12 H  N N 184 
ILE HG13 H  N N 185 
ILE HG21 H  N N 186 
ILE HG22 H  N N 187 
ILE HG23 H  N N 188 
ILE HD11 H  N N 189 
ILE HD12 H  N N 190 
ILE HD13 H  N N 191 
ILE HXT  H  N N 192 
LEU N    N  N N 193 
LEU CA   C  N S 194 
LEU C    C  N N 195 
LEU O    O  N N 196 
LEU CB   C  N N 197 
LEU CG   C  N N 198 
LEU CD1  C  N N 199 
LEU CD2  C  N N 200 
LEU OXT  O  N N 201 
LEU H    H  N N 202 
LEU H2   H  N N 203 
LEU HA   H  N N 204 
LEU HB2  H  N N 205 
LEU HB3  H  N N 206 
LEU HG   H  N N 207 
LEU HD11 H  N N 208 
LEU HD12 H  N N 209 
LEU HD13 H  N N 210 
LEU HD21 H  N N 211 
LEU HD22 H  N N 212 
LEU HD23 H  N N 213 
LEU HXT  H  N N 214 
LYS N    N  N N 215 
LYS CA   C  N S 216 
LYS C    C  N N 217 
LYS O    O  N N 218 
LYS CB   C  N N 219 
LYS CG   C  N N 220 
LYS CD   C  N N 221 
LYS CE   C  N N 222 
LYS NZ   N  N N 223 
LYS OXT  O  N N 224 
LYS H    H  N N 225 
LYS H2   H  N N 226 
LYS HA   H  N N 227 
LYS HB2  H  N N 228 
LYS HB3  H  N N 229 
LYS HG2  H  N N 230 
LYS HG3  H  N N 231 
LYS HD2  H  N N 232 
LYS HD3  H  N N 233 
LYS HE2  H  N N 234 
LYS HE3  H  N N 235 
LYS HZ1  H  N N 236 
LYS HZ2  H  N N 237 
LYS HZ3  H  N N 238 
LYS HXT  H  N N 239 
MET N    N  N N 240 
MET CA   C  N S 241 
MET C    C  N N 242 
MET O    O  N N 243 
MET CB   C  N N 244 
MET CG   C  N N 245 
MET SD   S  N N 246 
MET CE   C  N N 247 
MET OXT  O  N N 248 
MET H    H  N N 249 
MET H2   H  N N 250 
MET HA   H  N N 251 
MET HB2  H  N N 252 
MET HB3  H  N N 253 
MET HG2  H  N N 254 
MET HG3  H  N N 255 
MET HE1  H  N N 256 
MET HE2  H  N N 257 
MET HE3  H  N N 258 
MET HXT  H  N N 259 
PHE N    N  N N 260 
PHE CA   C  N S 261 
PHE C    C  N N 262 
PHE O    O  N N 263 
PHE CB   C  N N 264 
PHE CG   C  Y N 265 
PHE CD1  C  Y N 266 
PHE CD2  C  Y N 267 
PHE CE1  C  Y N 268 
PHE CE2  C  Y N 269 
PHE CZ   C  Y N 270 
PHE OXT  O  N N 271 
PHE H    H  N N 272 
PHE H2   H  N N 273 
PHE HA   H  N N 274 
PHE HB2  H  N N 275 
PHE HB3  H  N N 276 
PHE HD1  H  N N 277 
PHE HD2  H  N N 278 
PHE HE1  H  N N 279 
PHE HE2  H  N N 280 
PHE HZ   H  N N 281 
PHE HXT  H  N N 282 
PRO N    N  N N 283 
PRO CA   C  N S 284 
PRO C    C  N N 285 
PRO O    O  N N 286 
PRO CB   C  N N 287 
PRO CG   C  N N 288 
PRO CD   C  N N 289 
PRO OXT  O  N N 290 
PRO H    H  N N 291 
PRO HA   H  N N 292 
PRO HB2  H  N N 293 
PRO HB3  H  N N 294 
PRO HG2  H  N N 295 
PRO HG3  H  N N 296 
PRO HD2  H  N N 297 
PRO HD3  H  N N 298 
PRO HXT  H  N N 299 
SER N    N  N N 300 
SER CA   C  N S 301 
SER C    C  N N 302 
SER O    O  N N 303 
SER CB   C  N N 304 
SER OG   O  N N 305 
SER OXT  O  N N 306 
SER H    H  N N 307 
SER H2   H  N N 308 
SER HA   H  N N 309 
SER HB2  H  N N 310 
SER HB3  H  N N 311 
SER HG   H  N N 312 
SER HXT  H  N N 313 
SO4 S    S  N N 314 
SO4 O1   O  N N 315 
SO4 O2   O  N N 316 
SO4 O3   O  N N 317 
SO4 O4   O  N N 318 
THR N    N  N N 319 
THR CA   C  N S 320 
THR C    C  N N 321 
THR O    O  N N 322 
THR CB   C  N R 323 
THR OG1  O  N N 324 
THR CG2  C  N N 325 
THR OXT  O  N N 326 
THR H    H  N N 327 
THR H2   H  N N 328 
THR HA   H  N N 329 
THR HB   H  N N 330 
THR HG1  H  N N 331 
THR HG21 H  N N 332 
THR HG22 H  N N 333 
THR HG23 H  N N 334 
THR HXT  H  N N 335 
TRP N    N  N N 336 
TRP CA   C  N S 337 
TRP C    C  N N 338 
TRP O    O  N N 339 
TRP CB   C  N N 340 
TRP CG   C  Y N 341 
TRP CD1  C  Y N 342 
TRP CD2  C  Y N 343 
TRP NE1  N  Y N 344 
TRP CE2  C  Y N 345 
TRP CE3  C  Y N 346 
TRP CZ2  C  Y N 347 
TRP CZ3  C  Y N 348 
TRP CH2  C  Y N 349 
TRP OXT  O  N N 350 
TRP H    H  N N 351 
TRP H2   H  N N 352 
TRP HA   H  N N 353 
TRP HB2  H  N N 354 
TRP HB3  H  N N 355 
TRP HD1  H  N N 356 
TRP HE1  H  N N 357 
TRP HE3  H  N N 358 
TRP HZ2  H  N N 359 
TRP HZ3  H  N N 360 
TRP HH2  H  N N 361 
TRP HXT  H  N N 362 
TYR N    N  N N 363 
TYR CA   C  N S 364 
TYR C    C  N N 365 
TYR O    O  N N 366 
TYR CB   C  N N 367 
TYR CG   C  Y N 368 
TYR CD1  C  Y N 369 
TYR CD2  C  Y N 370 
TYR CE1  C  Y N 371 
TYR CE2  C  Y N 372 
TYR CZ   C  Y N 373 
TYR OH   O  N N 374 
TYR OXT  O  N N 375 
TYR H    H  N N 376 
TYR H2   H  N N 377 
TYR HA   H  N N 378 
TYR HB2  H  N N 379 
TYR HB3  H  N N 380 
TYR HD1  H  N N 381 
TYR HD2  H  N N 382 
TYR HE1  H  N N 383 
TYR HE2  H  N N 384 
TYR HH   H  N N 385 
TYR HXT  H  N N 386 
VAL N    N  N N 387 
VAL CA   C  N S 388 
VAL C    C  N N 389 
VAL O    O  N N 390 
VAL CB   C  N N 391 
VAL CG1  C  N N 392 
VAL CG2  C  N N 393 
VAL OXT  O  N N 394 
VAL H    H  N N 395 
VAL H2   H  N N 396 
VAL HA   H  N N 397 
VAL HB   H  N N 398 
VAL HG11 H  N N 399 
VAL HG12 H  N N 400 
VAL HG13 H  N N 401 
VAL HG21 H  N N 402 
VAL HG22 H  N N 403 
VAL HG23 H  N N 404 
VAL HXT  H  N N 405 
W1P N1   N  N N 406 
W1P C4   C  Y N 407 
W1P C5   C  Y N 408 
W1P C6   C  Y N 409 
W1P C7   C  Y N 410 
W1P C8   C  Y N 411 
W1P O    O  N N 412 
W1P C2   C  N N 413 
W1P C3   C  N N 414 
W1P C1   C  N N 415 
W1P C    C  N N 416 
W1P N    N  N N 417 
W1P C9   C  Y N 418 
W1P H1   H  N N 419 
W1P H2   H  N N 420 
W1P H3   H  N N 421 
W1P H4   H  N N 422 
W1P H5   H  N N 423 
W1P H6   H  N N 424 
W1P H7   H  N N 425 
W1P H8   H  N N 426 
W1P H9   H  N N 427 
W1P H10  H  N N 428 
ZN  ZN   ZN N N 429 
# 
loop_
_chem_comp_bond.comp_id 
_chem_comp_bond.atom_id_1 
_chem_comp_bond.atom_id_2 
_chem_comp_bond.value_order 
_chem_comp_bond.pdbx_aromatic_flag 
_chem_comp_bond.pdbx_stereo_config 
_chem_comp_bond.pdbx_ordinal 
ALA N   CA   sing N N 1   
ALA N   H    sing N N 2   
ALA N   H2   sing N N 3   
ALA CA  C    sing N N 4   
ALA CA  CB   sing N N 5   
ALA CA  HA   sing N N 6   
ALA C   O    doub N N 7   
ALA C   OXT  sing N N 8   
ALA CB  HB1  sing N N 9   
ALA CB  HB2  sing N N 10  
ALA CB  HB3  sing N N 11  
ALA OXT HXT  sing N N 12  
ARG N   CA   sing N N 13  
ARG N   H    sing N N 14  
ARG N   H2   sing N N 15  
ARG CA  C    sing N N 16  
ARG CA  CB   sing N N 17  
ARG CA  HA   sing N N 18  
ARG C   O    doub N N 19  
ARG C   OXT  sing N N 20  
ARG CB  CG   sing N N 21  
ARG CB  HB2  sing N N 22  
ARG CB  HB3  sing N N 23  
ARG CG  CD   sing N N 24  
ARG CG  HG2  sing N N 25  
ARG CG  HG3  sing N N 26  
ARG CD  NE   sing N N 27  
ARG CD  HD2  sing N N 28  
ARG CD  HD3  sing N N 29  
ARG NE  CZ   sing N N 30  
ARG NE  HE   sing N N 31  
ARG CZ  NH1  sing N N 32  
ARG CZ  NH2  doub N N 33  
ARG NH1 HH11 sing N N 34  
ARG NH1 HH12 sing N N 35  
ARG NH2 HH21 sing N N 36  
ARG NH2 HH22 sing N N 37  
ARG OXT HXT  sing N N 38  
ASN N   CA   sing N N 39  
ASN N   H    sing N N 40  
ASN N   H2   sing N N 41  
ASN CA  C    sing N N 42  
ASN CA  CB   sing N N 43  
ASN CA  HA   sing N N 44  
ASN C   O    doub N N 45  
ASN C   OXT  sing N N 46  
ASN CB  CG   sing N N 47  
ASN CB  HB2  sing N N 48  
ASN CB  HB3  sing N N 49  
ASN CG  OD1  doub N N 50  
ASN CG  ND2  sing N N 51  
ASN ND2 HD21 sing N N 52  
ASN ND2 HD22 sing N N 53  
ASN OXT HXT  sing N N 54  
ASP N   CA   sing N N 55  
ASP N   H    sing N N 56  
ASP N   H2   sing N N 57  
ASP CA  C    sing N N 58  
ASP CA  CB   sing N N 59  
ASP CA  HA   sing N N 60  
ASP C   O    doub N N 61  
ASP C   OXT  sing N N 62  
ASP CB  CG   sing N N 63  
ASP CB  HB2  sing N N 64  
ASP CB  HB3  sing N N 65  
ASP CG  OD1  doub N N 66  
ASP CG  OD2  sing N N 67  
ASP OD2 HD2  sing N N 68  
ASP OXT HXT  sing N N 69  
CYS N   CA   sing N N 70  
CYS N   H    sing N N 71  
CYS N   H2   sing N N 72  
CYS CA  C    sing N N 73  
CYS CA  CB   sing N N 74  
CYS CA  HA   sing N N 75  
CYS C   O    doub N N 76  
CYS C   OXT  sing N N 77  
CYS CB  SG   sing N N 78  
CYS CB  HB2  sing N N 79  
CYS CB  HB3  sing N N 80  
CYS SG  HG   sing N N 81  
CYS OXT HXT  sing N N 82  
DMS S   O    doub N N 83  
DMS S   C1   sing N N 84  
DMS S   C2   sing N N 85  
DMS C1  H11  sing N N 86  
DMS C1  H12  sing N N 87  
DMS C1  H13  sing N N 88  
DMS C2  H21  sing N N 89  
DMS C2  H22  sing N N 90  
DMS C2  H23  sing N N 91  
GLN N   CA   sing N N 92  
GLN N   H    sing N N 93  
GLN N   H2   sing N N 94  
GLN CA  C    sing N N 95  
GLN CA  CB   sing N N 96  
GLN CA  HA   sing N N 97  
GLN C   O    doub N N 98  
GLN C   OXT  sing N N 99  
GLN CB  CG   sing N N 100 
GLN CB  HB2  sing N N 101 
GLN CB  HB3  sing N N 102 
GLN CG  CD   sing N N 103 
GLN CG  HG2  sing N N 104 
GLN CG  HG3  sing N N 105 
GLN CD  OE1  doub N N 106 
GLN CD  NE2  sing N N 107 
GLN NE2 HE21 sing N N 108 
GLN NE2 HE22 sing N N 109 
GLN OXT HXT  sing N N 110 
GLU N   CA   sing N N 111 
GLU N   H    sing N N 112 
GLU N   H2   sing N N 113 
GLU CA  C    sing N N 114 
GLU CA  CB   sing N N 115 
GLU CA  HA   sing N N 116 
GLU C   O    doub N N 117 
GLU C   OXT  sing N N 118 
GLU CB  CG   sing N N 119 
GLU CB  HB2  sing N N 120 
GLU CB  HB3  sing N N 121 
GLU CG  CD   sing N N 122 
GLU CG  HG2  sing N N 123 
GLU CG  HG3  sing N N 124 
GLU CD  OE1  doub N N 125 
GLU CD  OE2  sing N N 126 
GLU OE2 HE2  sing N N 127 
GLU OXT HXT  sing N N 128 
GLY N   CA   sing N N 129 
GLY N   H    sing N N 130 
GLY N   H2   sing N N 131 
GLY CA  C    sing N N 132 
GLY CA  HA2  sing N N 133 
GLY CA  HA3  sing N N 134 
GLY C   O    doub N N 135 
GLY C   OXT  sing N N 136 
GLY OXT HXT  sing N N 137 
HIS N   CA   sing N N 138 
HIS N   H    sing N N 139 
HIS N   H2   sing N N 140 
HIS CA  C    sing N N 141 
HIS CA  CB   sing N N 142 
HIS CA  HA   sing N N 143 
HIS C   O    doub N N 144 
HIS C   OXT  sing N N 145 
HIS CB  CG   sing N N 146 
HIS CB  HB2  sing N N 147 
HIS CB  HB3  sing N N 148 
HIS CG  ND1  sing Y N 149 
HIS CG  CD2  doub Y N 150 
HIS ND1 CE1  doub Y N 151 
HIS ND1 HD1  sing N N 152 
HIS CD2 NE2  sing Y N 153 
HIS CD2 HD2  sing N N 154 
HIS CE1 NE2  sing Y N 155 
HIS CE1 HE1  sing N N 156 
HIS NE2 HE2  sing N N 157 
HIS OXT HXT  sing N N 158 
HOH O   H1   sing N N 159 
HOH O   H2   sing N N 160 
ILE N   CA   sing N N 161 
ILE N   H    sing N N 162 
ILE N   H2   sing N N 163 
ILE CA  C    sing N N 164 
ILE CA  CB   sing N N 165 
ILE CA  HA   sing N N 166 
ILE C   O    doub N N 167 
ILE C   OXT  sing N N 168 
ILE CB  CG1  sing N N 169 
ILE CB  CG2  sing N N 170 
ILE CB  HB   sing N N 171 
ILE CG1 CD1  sing N N 172 
ILE CG1 HG12 sing N N 173 
ILE CG1 HG13 sing N N 174 
ILE CG2 HG21 sing N N 175 
ILE CG2 HG22 sing N N 176 
ILE CG2 HG23 sing N N 177 
ILE CD1 HD11 sing N N 178 
ILE CD1 HD12 sing N N 179 
ILE CD1 HD13 sing N N 180 
ILE OXT HXT  sing N N 181 
LEU N   CA   sing N N 182 
LEU N   H    sing N N 183 
LEU N   H2   sing N N 184 
LEU CA  C    sing N N 185 
LEU CA  CB   sing N N 186 
LEU CA  HA   sing N N 187 
LEU C   O    doub N N 188 
LEU C   OXT  sing N N 189 
LEU CB  CG   sing N N 190 
LEU CB  HB2  sing N N 191 
LEU CB  HB3  sing N N 192 
LEU CG  CD1  sing N N 193 
LEU CG  CD2  sing N N 194 
LEU CG  HG   sing N N 195 
LEU CD1 HD11 sing N N 196 
LEU CD1 HD12 sing N N 197 
LEU CD1 HD13 sing N N 198 
LEU CD2 HD21 sing N N 199 
LEU CD2 HD22 sing N N 200 
LEU CD2 HD23 sing N N 201 
LEU OXT HXT  sing N N 202 
LYS N   CA   sing N N 203 
LYS N   H    sing N N 204 
LYS N   H2   sing N N 205 
LYS CA  C    sing N N 206 
LYS CA  CB   sing N N 207 
LYS CA  HA   sing N N 208 
LYS C   O    doub N N 209 
LYS C   OXT  sing N N 210 
LYS CB  CG   sing N N 211 
LYS CB  HB2  sing N N 212 
LYS CB  HB3  sing N N 213 
LYS CG  CD   sing N N 214 
LYS CG  HG2  sing N N 215 
LYS CG  HG3  sing N N 216 
LYS CD  CE   sing N N 217 
LYS CD  HD2  sing N N 218 
LYS CD  HD3  sing N N 219 
LYS CE  NZ   sing N N 220 
LYS CE  HE2  sing N N 221 
LYS CE  HE3  sing N N 222 
LYS NZ  HZ1  sing N N 223 
LYS NZ  HZ2  sing N N 224 
LYS NZ  HZ3  sing N N 225 
LYS OXT HXT  sing N N 226 
MET N   CA   sing N N 227 
MET N   H    sing N N 228 
MET N   H2   sing N N 229 
MET CA  C    sing N N 230 
MET CA  CB   sing N N 231 
MET CA  HA   sing N N 232 
MET C   O    doub N N 233 
MET C   OXT  sing N N 234 
MET CB  CG   sing N N 235 
MET CB  HB2  sing N N 236 
MET CB  HB3  sing N N 237 
MET CG  SD   sing N N 238 
MET CG  HG2  sing N N 239 
MET CG  HG3  sing N N 240 
MET SD  CE   sing N N 241 
MET CE  HE1  sing N N 242 
MET CE  HE2  sing N N 243 
MET CE  HE3  sing N N 244 
MET OXT HXT  sing N N 245 
PHE N   CA   sing N N 246 
PHE N   H    sing N N 247 
PHE N   H2   sing N N 248 
PHE CA  C    sing N N 249 
PHE CA  CB   sing N N 250 
PHE CA  HA   sing N N 251 
PHE C   O    doub N N 252 
PHE C   OXT  sing N N 253 
PHE CB  CG   sing N N 254 
PHE CB  HB2  sing N N 255 
PHE CB  HB3  sing N N 256 
PHE CG  CD1  doub Y N 257 
PHE CG  CD2  sing Y N 258 
PHE CD1 CE1  sing Y N 259 
PHE CD1 HD1  sing N N 260 
PHE CD2 CE2  doub Y N 261 
PHE CD2 HD2  sing N N 262 
PHE CE1 CZ   doub Y N 263 
PHE CE1 HE1  sing N N 264 
PHE CE2 CZ   sing Y N 265 
PHE CE2 HE2  sing N N 266 
PHE CZ  HZ   sing N N 267 
PHE OXT HXT  sing N N 268 
PRO N   CA   sing N N 269 
PRO N   CD   sing N N 270 
PRO N   H    sing N N 271 
PRO CA  C    sing N N 272 
PRO CA  CB   sing N N 273 
PRO CA  HA   sing N N 274 
PRO C   O    doub N N 275 
PRO C   OXT  sing N N 276 
PRO CB  CG   sing N N 277 
PRO CB  HB2  sing N N 278 
PRO CB  HB3  sing N N 279 
PRO CG  CD   sing N N 280 
PRO CG  HG2  sing N N 281 
PRO CG  HG3  sing N N 282 
PRO CD  HD2  sing N N 283 
PRO CD  HD3  sing N N 284 
PRO OXT HXT  sing N N 285 
SER N   CA   sing N N 286 
SER N   H    sing N N 287 
SER N   H2   sing N N 288 
SER CA  C    sing N N 289 
SER CA  CB   sing N N 290 
SER CA  HA   sing N N 291 
SER C   O    doub N N 292 
SER C   OXT  sing N N 293 
SER CB  OG   sing N N 294 
SER CB  HB2  sing N N 295 
SER CB  HB3  sing N N 296 
SER OG  HG   sing N N 297 
SER OXT HXT  sing N N 298 
SO4 S   O1   doub N N 299 
SO4 S   O2   doub N N 300 
SO4 S   O3   sing N N 301 
SO4 S   O4   sing N N 302 
THR N   CA   sing N N 303 
THR N   H    sing N N 304 
THR N   H2   sing N N 305 
THR CA  C    sing N N 306 
THR CA  CB   sing N N 307 
THR CA  HA   sing N N 308 
THR C   O    doub N N 309 
THR C   OXT  sing N N 310 
THR CB  OG1  sing N N 311 
THR CB  CG2  sing N N 312 
THR CB  HB   sing N N 313 
THR OG1 HG1  sing N N 314 
THR CG2 HG21 sing N N 315 
THR CG2 HG22 sing N N 316 
THR CG2 HG23 sing N N 317 
THR OXT HXT  sing N N 318 
TRP N   CA   sing N N 319 
TRP N   H    sing N N 320 
TRP N   H2   sing N N 321 
TRP CA  C    sing N N 322 
TRP CA  CB   sing N N 323 
TRP CA  HA   sing N N 324 
TRP C   O    doub N N 325 
TRP C   OXT  sing N N 326 
TRP CB  CG   sing N N 327 
TRP CB  HB2  sing N N 328 
TRP CB  HB3  sing N N 329 
TRP CG  CD1  doub Y N 330 
TRP CG  CD2  sing Y N 331 
TRP CD1 NE1  sing Y N 332 
TRP CD1 HD1  sing N N 333 
TRP CD2 CE2  doub Y N 334 
TRP CD2 CE3  sing Y N 335 
TRP NE1 CE2  sing Y N 336 
TRP NE1 HE1  sing N N 337 
TRP CE2 CZ2  sing Y N 338 
TRP CE3 CZ3  doub Y N 339 
TRP CE3 HE3  sing N N 340 
TRP CZ2 CH2  doub Y N 341 
TRP CZ2 HZ2  sing N N 342 
TRP CZ3 CH2  sing Y N 343 
TRP CZ3 HZ3  sing N N 344 
TRP CH2 HH2  sing N N 345 
TRP OXT HXT  sing N N 346 
TYR N   CA   sing N N 347 
TYR N   H    sing N N 348 
TYR N   H2   sing N N 349 
TYR CA  C    sing N N 350 
TYR CA  CB   sing N N 351 
TYR CA  HA   sing N N 352 
TYR C   O    doub N N 353 
TYR C   OXT  sing N N 354 
TYR CB  CG   sing N N 355 
TYR CB  HB2  sing N N 356 
TYR CB  HB3  sing N N 357 
TYR CG  CD1  doub Y N 358 
TYR CG  CD2  sing Y N 359 
TYR CD1 CE1  sing Y N 360 
TYR CD1 HD1  sing N N 361 
TYR CD2 CE2  doub Y N 362 
TYR CD2 HD2  sing N N 363 
TYR CE1 CZ   doub Y N 364 
TYR CE1 HE1  sing N N 365 
TYR CE2 CZ   sing Y N 366 
TYR CE2 HE2  sing N N 367 
TYR CZ  OH   sing N N 368 
TYR OH  HH   sing N N 369 
TYR OXT HXT  sing N N 370 
VAL N   CA   sing N N 371 
VAL N   H    sing N N 372 
VAL N   H2   sing N N 373 
VAL CA  C    sing N N 374 
VAL CA  CB   sing N N 375 
VAL CA  HA   sing N N 376 
VAL C   O    doub N N 377 
VAL C   OXT  sing N N 378 
VAL CB  CG1  sing N N 379 
VAL CB  CG2  sing N N 380 
VAL CB  HB   sing N N 381 
VAL CG1 HG11 sing N N 382 
VAL CG1 HG12 sing N N 383 
VAL CG1 HG13 sing N N 384 
VAL CG2 HG21 sing N N 385 
VAL CG2 HG22 sing N N 386 
VAL CG2 HG23 sing N N 387 
VAL OXT HXT  sing N N 388 
W1P C   C1   sing N N 389 
W1P C1  C3   sing N N 390 
W1P C1  N    doub N N 391 
W1P C3  C2   sing N N 392 
W1P N   N1   sing N N 393 
W1P C2  N1   sing N N 394 
W1P C2  O    doub N N 395 
W1P N1  C4   sing N N 396 
W1P C4  C9   doub Y N 397 
W1P C4  C5   sing Y N 398 
W1P C9  C8   sing Y N 399 
W1P C5  C6   doub Y N 400 
W1P C8  C7   doub Y N 401 
W1P C6  C7   sing Y N 402 
W1P C5  H1   sing N N 403 
W1P C6  H2   sing N N 404 
W1P C7  H3   sing N N 405 
W1P C8  H4   sing N N 406 
W1P C3  H5   sing N N 407 
W1P C3  H6   sing N N 408 
W1P C   H7   sing N N 409 
W1P C   H8   sing N N 410 
W1P C   H9   sing N N 411 
W1P C9  H10  sing N N 412 
# 
_pdbx_audit_support.funding_organization   
'National Institutes of Health/National Institute Of Allergy and Infectious Diseases (NIH/NIAID)' 
_pdbx_audit_support.country                'United States' 
_pdbx_audit_support.grant_number           U19AI171399 
_pdbx_audit_support.ordinal                1 
# 
_pdbx_deposit_group.group_id            G_1002288 
_pdbx_deposit_group.group_description   'Crystallographic fragment screening of Coxsackievirus A16 (G-10) 2A protease' 
_pdbx_deposit_group.group_title         
'Group deposition for crystallographic fragment screening of Coxsackievirus A16 (G-10) 2A protease' 
_pdbx_deposit_group.group_type          'changed state' 
# 
_atom_sites.entry_id                    7H39 
_atom_sites.fract_transf_matrix[1][1]   0.00424261 
_atom_sites.fract_transf_matrix[1][2]   0.00342228 
_atom_sites.fract_transf_matrix[1][3]   -0.01017991 
_atom_sites.fract_transf_matrix[2][1]   -0.00723933 
_atom_sites.fract_transf_matrix[2][2]   -0.01376412 
_atom_sites.fract_transf_matrix[2][3]   -0.00764430 
_atom_sites.fract_transf_matrix[3][1]   -0.02512251 
_atom_sites.fract_transf_matrix[3][2]   0.01653209 
_atom_sites.fract_transf_matrix[3][3]   -0.00597562 
_atom_sites.fract_transf_vector[1]      0.183375 
_atom_sites.fract_transf_vector[2]      0.126314 
_atom_sites.fract_transf_vector[3]      0.415703 
# 
loop_
_atom_type.symbol 
C  
N  
O  
S  
ZN 
# 
loop_
_atom_site.group_PDB 
_atom_site.id 
_atom_site.type_symbol 
_atom_site.label_atom_id 
_atom_site.label_alt_id 
_atom_site.label_comp_id 
_atom_site.label_asym_id 
_atom_site.label_entity_id 
_atom_site.label_seq_id 
_atom_site.pdbx_PDB_ins_code 
_atom_site.Cartn_x 
_atom_site.Cartn_y 
_atom_site.Cartn_z 
_atom_site.occupancy 
_atom_site.B_iso_or_equiv 
_atom_site.pdbx_formal_charge 
_atom_site.auth_seq_id 
_atom_site.auth_comp_id 
_atom_site.auth_asym_id 
_atom_site.auth_atom_id 
_atom_site.pdbx_PDB_model_num 
ATOM   1    N  N   . SER A 1 7   ? -6.524  7.028   -5.333  1.00 32.47  ? 7   SER A N   1 
ATOM   2    C  CA  . SER A 1 7   ? -5.391  6.817   -6.273  1.00 32.98  ? 7   SER A CA  1 
ATOM   3    C  C   . SER A 1 7   ? -4.062  7.148   -5.591  1.00 30.14  ? 7   SER A C   1 
ATOM   4    O  O   . SER A 1 7   ? -4.084  7.775   -4.527  1.00 28.08  ? 7   SER A O   1 
ATOM   5    C  CB  . SER A 1 7   ? -5.555  7.642   -7.511  1.00 34.77  ? 7   SER A CB  1 
ATOM   6    O  OG  . SER A 1 7   ? -5.441  9.014   -7.187  1.00 35.79  ? 7   SER A OG  1 
ATOM   7    N  N   . GLY A 1 8   ? -2.946  6.714   -6.192  1.00 28.08  ? 8   GLY A N   1 
ATOM   8    C  CA  . GLY A 1 8   ? -1.586  7.038   -5.734  1.00 24.95  ? 8   GLY A CA  1 
ATOM   9    C  C   . GLY A 1 8   ? -0.603  5.893   -5.918  1.00 25.23  ? 8   GLY A C   1 
ATOM   10   O  O   . GLY A 1 8   ? -1.028  4.715   -6.065  1.00 24.85  ? 8   GLY A O   1 
ATOM   11   N  N   . ALA A 1 9   ? 0.685   6.212   -5.887  1.00 22.31  ? 9   ALA A N   1 
ATOM   12   C  CA  . ALA A 1 9   ? 1.773   5.243   -6.137  1.00 23.03  ? 9   ALA A CA  1 
ATOM   13   C  C   . ALA A 1 9   ? 3.006   5.583   -5.300  1.00 23.65  ? 9   ALA A C   1 
ATOM   14   O  O   . ALA A 1 9   ? 3.158   6.750   -4.881  1.00 24.58  ? 9   ALA A O   1 
ATOM   15   C  CB  . ALA A 1 9   ? 2.127   5.240   -7.602  1.00 23.80  ? 9   ALA A CB  1 
ATOM   16   N  N   . ILE A 1 10  ? 3.849   4.574   -5.087  1.00 21.86  ? 10  ILE A N   1 
ATOM   17   C  CA  . ILE A 1 10  ? 5.234   4.757   -4.597  1.00 22.01  ? 10  ILE A CA  1 
ATOM   18   C  C   . ILE A 1 10  ? 6.180   4.734   -5.793  1.00 24.06  ? 10  ILE A C   1 
ATOM   19   O  O   . ILE A 1 10  ? 6.146   3.754   -6.569  1.00 23.26  ? 10  ILE A O   1 
ATOM   20   C  CB  . ILE A 1 10  ? 5.613   3.693   -3.564  1.00 20.85  ? 10  ILE A CB  1 
ATOM   21   C  CG1 . ILE A 1 10  ? 4.533   3.537   -2.493  1.00 21.27  ? 10  ILE A CG1 1 
ATOM   22   C  CG2 . ILE A 1 10  ? 6.988   4.002   -2.972  1.00 21.85  ? 10  ILE A CG2 1 
ATOM   23   C  CD1 . ILE A 1 10  ? 4.682   2.287   -1.615  1.00 21.53  ? 10  ILE A CD1 1 
ATOM   24   N  N   . TYR A 1 11  ? 7.010   5.775   -5.917  1.00 25.27  ? 11  TYR A N   1 
ATOM   25   C  CA  . TYR A 1 11  ? 8.083   5.871   -6.936  1.00 24.91  ? 11  TYR A CA  1 
ATOM   26   C  C   . TYR A 1 11  ? 9.433   5.735   -6.236  1.00 26.74  ? 11  TYR A C   1 
ATOM   27   O  O   . TYR A 1 11  ? 9.919   6.736   -5.699  1.00 29.94  ? 11  TYR A O   1 
ATOM   28   C  CB  . TYR A 1 11  ? 7.946   7.150   -7.751  1.00 25.44  ? 11  TYR A CB  1 
ATOM   29   C  CG  . TYR A 1 11  ? 6.644   7.243   -8.492  1.00 27.21  ? 11  TYR A CG  1 
ATOM   30   C  CD1 . TYR A 1 11  ? 6.463   6.593   -9.708  1.00 25.09  ? 11  TYR A CD1 1 
ATOM   31   C  CD2 . TYR A 1 11  ? 5.569   7.932   -7.950  1.00 27.68  ? 11  TYR A CD2 1 
ATOM   32   C  CE1 . TYR A 1 11  ? 5.261   6.670   -10.386 1.00 27.79  ? 11  TYR A CE1 1 
ATOM   33   C  CE2 . TYR A 1 11  ? 4.354   8.008   -8.608  1.00 29.13  ? 11  TYR A CE2 1 
ATOM   34   C  CZ  . TYR A 1 11  ? 4.201   7.381   -9.836  1.00 29.99  ? 11  TYR A CZ  1 
ATOM   35   O  OH  . TYR A 1 11  ? 3.005   7.458   -10.487 1.00 34.24  ? 11  TYR A OH  1 
ATOM   36   N  N   . VAL A 1 12  ? 10.018  4.536   -6.271  1.00 26.62  ? 12  VAL A N   1 
ATOM   37   C  CA  . VAL A 1 12  ? 11.336  4.204   -5.651  1.00 27.55  ? 12  VAL A CA  1 
ATOM   38   C  C   . VAL A 1 12  ? 12.230  3.617   -6.746  1.00 28.26  ? 12  VAL A C   1 
ATOM   39   O  O   . VAL A 1 12  ? 11.822  2.605   -7.397  1.00 28.01  ? 12  VAL A O   1 
ATOM   40   C  CB  . VAL A 1 12  ? 11.217  3.264   -4.432  1.00 28.11  ? 12  VAL A CB  1 
ATOM   41   C  CG1 . VAL A 1 12  ? 10.446  1.981   -4.734  1.00 28.88  ? 12  VAL A CG1 1 
ATOM   42   C  CG2 . VAL A 1 12  ? 12.577  2.933   -3.849  1.00 29.31  ? 12  VAL A CG2 1 
ATOM   43   N  N   . GLY A 1 13  ? 13.421  4.200   -6.922  1.00 27.91  ? 13  GLY A N   1 
ATOM   44   C  CA  . GLY A 1 13  ? 14.339  3.829   -8.011  1.00 27.99  ? 13  GLY A CA  1 
ATOM   45   C  C   . GLY A 1 13  ? 13.589  3.815   -9.328  1.00 26.94  ? 13  GLY A C   1 
ATOM   46   O  O   . GLY A 1 13  ? 12.942  4.819   -9.630  1.00 29.08  ? 13  GLY A O   1 
ATOM   47   N  N   . ASN A 1 14  ? 13.653  2.696   -10.058 1.00 29.74  ? 14  ASN A N   1 
ATOM   48   C  CA  . ASN A 1 14  ? 12.958  2.523   -11.360 1.00 30.39  ? 14  ASN A CA  1 
ATOM   49   C  C   . ASN A 1 14  ? 11.755  1.587   -11.154 1.00 28.50  ? 14  ASN A C   1 
ATOM   50   O  O   . ASN A 1 14  ? 11.421  0.801   -12.064 1.00 26.06  ? 14  ASN A O   1 
ATOM   51   C  CB  . ASN A 1 14  ? 13.944  2.072   -12.447 1.00 35.55  ? 14  ASN A CB  1 
ATOM   52   C  CG  . ASN A 1 14  ? 14.849  3.202   -12.899 1.00 38.51  ? 14  ASN A CG  1 
ATOM   53   O  OD1 . ASN A 1 14  ? 14.506  3.976   -13.793 1.00 41.02  ? 14  ASN A OD1 1 
ATOM   54   N  ND2 . ASN A 1 14  ? 15.979  3.347   -12.236 1.00 44.96  ? 14  ASN A ND2 1 
ATOM   55   N  N   . TYR A 1 15  ? 11.079  1.719   -10.020 1.00 25.78  ? 15  TYR A N   1 
ATOM   56   C  CA  . TYR A 1 15  ? 9.845   0.966   -9.685  1.00 25.28  ? 15  TYR A CA  1 
ATOM   57   C  C   . TYR A 1 15  ? 8.691   1.919   -9.376  1.00 25.98  ? 15  TYR A C   1 
ATOM   58   O  O   . TYR A 1 15  ? 8.889   2.981   -8.749  1.00 26.13  ? 15  TYR A O   1 
ATOM   59   C  CB  . TYR A 1 15  ? 10.105  0.047   -8.490  1.00 24.20  ? 15  TYR A CB  1 
ATOM   60   C  CG  . TYR A 1 15  ? 11.160  -0.998  -8.742  1.00 23.98  ? 15  TYR A CG  1 
ATOM   61   C  CD1 . TYR A 1 15  ? 11.032  -1.877  -9.806  1.00 27.66  ? 15  TYR A CD1 1 
ATOM   62   C  CD2 . TYR A 1 15  ? 12.267  -1.146  -7.910  1.00 25.37  ? 15  TYR A CD2 1 
ATOM   63   C  CE1 . TYR A 1 15  ? 11.974  -2.859  -10.051 1.00 26.67  ? 15  TYR A CE1 1 
ATOM   64   C  CE2 . TYR A 1 15  ? 13.206  -2.140  -8.125  1.00 25.14  ? 15  TYR A CE2 1 
ATOM   65   C  CZ  . TYR A 1 15  ? 13.055  -3.002  -9.200  1.00 27.05  ? 15  TYR A CZ  1 
ATOM   66   O  OH  . TYR A 1 15  ? 13.980  -3.961  -9.448  1.00 32.06  ? 15  TYR A OH  1 
ATOM   67   N  N   . ARG A 1 16  ? 7.501   1.537   -9.829  1.00 24.30  ? 16  ARG A N   1 
ATOM   68   C  CA  . ARG A 1 16  ? 6.210   2.178   -9.480  1.00 22.88  ? 16  ARG A CA  1 
ATOM   69   C  C   . ARG A 1 16  ? 5.377   1.132   -8.738  1.00 22.60  ? 16  ARG A C   1 
ATOM   70   O  O   . ARG A 1 16  ? 5.140   0.016   -9.260  1.00 19.51  ? 16  ARG A O   1 
ATOM   71   C  CB  . ARG A 1 16  ? 5.514   2.721   -10.733 1.00 24.83  ? 16  ARG A CB  1 
ATOM   72   C  CG  . ARG A 1 16  ? 4.046   3.052   -10.520 1.00 26.06  ? 16  ARG A CG  1 
ATOM   73   C  CD  . ARG A 1 16  ? 3.440   3.713   -11.736 1.00 28.90  ? 16  ARG A CD  1 
ATOM   74   N  NE  . ARG A 1 16  ? 2.084   3.259   -11.996 1.00 29.80  ? 16  ARG A NE  1 
ATOM   75   C  CZ  . ARG A 1 16  ? 0.968   3.943   -11.733 1.00 32.86  ? 16  ARG A CZ  1 
ATOM   76   N  NH1 . ARG A 1 16  ? 1.019   5.131   -11.153 1.00 30.70  ? 16  ARG A NH1 1 
ATOM   77   N  NH2 . ARG A 1 16  ? -0.209  3.422   -12.049 1.00 32.83  ? 16  ARG A NH2 1 
ATOM   78   N  N   . VAL A 1 17  ? 5.007   1.441   -7.507  1.00 23.07  ? 17  VAL A N   1 
ATOM   79   C  CA  . VAL A 1 17  ? 4.219   0.510   -6.657  1.00 20.93  ? 17  VAL A CA  1 
ATOM   80   C  C   . VAL A 1 17  ? 2.806   1.071   -6.617  1.00 22.56  ? 17  VAL A C   1 
ATOM   81   O  O   . VAL A 1 17  ? 2.655   2.201   -6.168  1.00 21.46  ? 17  VAL A O   1 
ATOM   82   C  CB  . VAL A 1 17  ? 4.792   0.364   -5.245  1.00 21.17  ? 17  VAL A CB  1 
ATOM   83   C  CG1 . VAL A 1 17  ? 4.073   -0.721  -4.464  1.00 20.90  ? 17  VAL A CG1 1 
ATOM   84   C  CG2 . VAL A 1 17  ? 6.298   0.120   -5.267  1.00 20.31  ? 17  VAL A CG2 1 
ATOM   85   N  N   . VAL A 1 18  ? 1.824   0.283   -7.043  1.00 20.15  ? 18  VAL A N   1 
ATOM   86   C  CA  . VAL A 1 18  ? 0.402   0.698   -7.089  1.00 19.95  ? 18  VAL A CA  1 
ATOM   87   C  C   . VAL A 1 18  ? -0.452  -0.405  -6.477  1.00 19.30  ? 18  VAL A C   1 
ATOM   88   O  O   . VAL A 1 18  ? 0.047   -1.545  -6.269  1.00 22.44  ? 18  VAL A O   1 
ATOM   89   C  CB  . VAL A 1 18  ? -0.060  1.085   -8.505  1.00 20.27  ? 18  VAL A CB  1 
ATOM   90   C  CG1 . VAL A 1 18  ? 0.683   2.329   -8.952  1.00 22.80  ? 18  VAL A CG1 1 
ATOM   91   C  CG2 . VAL A 1 18  ? 0.086   -0.048  -9.522  1.00 19.99  ? 18  VAL A CG2 1 
ATOM   92   N  N   . ASN A 1 19  ? -1.681  -0.066  -6.111  1.00 18.45  ? 19  ASN A N   1 
ATOM   93   C  CA  . ASN A 1 19  ? -2.689  -1.106  -5.765  1.00 17.73  ? 19  ASN A CA  1 
ATOM   94   C  C   . ASN A 1 19  ? -2.878  -1.960  -7.018  1.00 17.83  ? 19  ASN A C   1 
ATOM   95   O  O   . ASN A 1 19  ? -3.049  -1.392  -8.099  1.00 18.90  ? 19  ASN A O   1 
ATOM   96   C  CB  . ASN A 1 19  ? -4.034  -0.547  -5.306  1.00 16.62  ? 19  ASN A CB  1 
ATOM   97   C  CG  . ASN A 1 19  ? -3.918  0.306   -4.063  1.00 16.51  ? 19  ASN A CG  1 
ATOM   98   O  OD1 . ASN A 1 19  ? -3.700  1.528   -4.129  1.00 18.50  ? 19  ASN A OD1 1 
ATOM   99   N  ND2 . ASN A 1 19  ? -4.091  -0.342  -2.931  1.00 18.37  ? 19  ASN A ND2 1 
ATOM   100  N  N   . ARG A 1 20  ? -2.819  -3.272  -6.880  1.00 17.21  ? 20  ARG A N   1 
ATOM   101  C  CA  . ARG A 1 20  ? -3.024  -4.200  -8.029  1.00 19.28  ? 20  ARG A CA  1 
ATOM   102  C  C   . ARG A 1 20  ? -4.326  -3.838  -8.756  1.00 20.02  ? 20  ARG A C   1 
ATOM   103  O  O   . ARG A 1 20  ? -4.327  -3.758  -10.008 1.00 19.47  ? 20  ARG A O   1 
ATOM   104  C  CB  . ARG A 1 20  ? -3.020  -5.657  -7.579  1.00 19.89  ? 20  ARG A CB  1 
ATOM   105  C  CG  . ARG A 1 20  ? -2.884  -6.618  -8.747  1.00 21.35  ? 20  ARG A CG  1 
ATOM   106  C  CD  . ARG A 1 20  ? -2.850  -8.018  -8.208  1.00 21.52  ? 20  ARG A CD  1 
ATOM   107  N  NE  . ARG A 1 20  ? -2.737  -9.113  -9.182  1.00 22.93  ? 20  ARG A NE  1 
ATOM   108  C  CZ  . ARG A 1 20  ? -3.758  -9.651  -9.850  1.00 25.84  ? 20  ARG A CZ  1 
ATOM   109  N  NH1 . ARG A 1 20  ? -4.983  -9.151  -9.770  1.00 26.86  ? 20  ARG A NH1 1 
ATOM   110  N  NH2 . ARG A 1 20  ? -3.542  -10.679 -10.656 1.00 27.09  ? 20  ARG A NH2 1 
ATOM   111  N  N   . HIS A 1 21  ? -5.387  -3.559  -8.001  1.00 21.73  ? 21  HIS A N   1 
ATOM   112  C  CA  . HIS A 1 21  ? -6.738  -3.340  -8.562  1.00 22.11  ? 21  HIS A CA  1 
ATOM   113  C  C   . HIS A 1 21  ? -6.788  -2.002  -9.288  1.00 21.88  ? 21  HIS A C   1 
ATOM   114  O  O   . HIS A 1 21  ? -7.781  -1.816  -9.986  1.00 21.34  ? 21  HIS A O   1 
ATOM   115  C  CB  . HIS A 1 21  ? -7.821  -3.545  -7.489  1.00 22.35  ? 21  HIS A CB  1 
ATOM   116  C  CG  . HIS A 1 21  ? -7.924  -2.437  -6.507  1.00 24.34  ? 21  HIS A CG  1 
ATOM   117  N  ND1 . HIS A 1 21  ? -7.176  -2.414  -5.368  1.00 23.04  ? 21  HIS A ND1 1 
ATOM   118  C  CD2 . HIS A 1 21  ? -8.727  -1.351  -6.456  1.00 27.50  ? 21  HIS A CD2 1 
ATOM   119  C  CE1 . HIS A 1 21  ? -7.487  -1.349  -4.659  1.00 26.22  ? 21  HIS A CE1 1 
ATOM   120  N  NE2 . HIS A 1 21  ? -8.428  -0.674  -5.299  1.00 25.09  ? 21  HIS A NE2 1 
ATOM   121  N  N   . LEU A 1 22  ? -5.793  -1.108  -9.163  1.00 21.06  ? 22  LEU A N   1 
ATOM   122  C  CA  . LEU A 1 22  ? -5.794  0.191   -9.889  1.00 21.43  ? 22  LEU A CA  1 
ATOM   123  C  C   . LEU A 1 22  ? -4.715  0.202   -10.980 1.00 24.07  ? 22  LEU A C   1 
ATOM   124  O  O   . LEU A 1 22  ? -4.543  1.255   -11.634 1.00 25.49  ? 22  LEU A O   1 
ATOM   125  C  CB  . LEU A 1 22  ? -5.631  1.340   -8.883  1.00 21.18  ? 22  LEU A CB  1 
ATOM   126  C  CG  . LEU A 1 22  ? -6.730  1.416   -7.827  1.00 21.98  ? 22  LEU A CG  1 
ATOM   127  C  CD1 . LEU A 1 22  ? -6.476  2.556   -6.840  1.00 22.47  ? 22  LEU A CD1 1 
ATOM   128  C  CD2 . LEU A 1 22  ? -8.113  1.560   -8.484  1.00 21.15  ? 22  LEU A CD2 1 
ATOM   129  N  N   . ALA A 1 23  ? -4.007  -0.917  -11.197 1.00 25.52  ? 23  ALA A N   1 
ATOM   130  C  CA  . ALA A 1 23  ? -2.905  -0.975  -12.184 1.00 28.19  ? 23  ALA A CA  1 
ATOM   131  C  C   . ALA A 1 23  ? -3.515  -0.730  -13.562 1.00 27.18  ? 23  ALA A C   1 
ATOM   132  O  O   . ALA A 1 23  ? -4.649  -1.215  -13.787 1.00 27.55  ? 23  ALA A O   1 
ATOM   133  C  CB  . ALA A 1 23  ? -2.169  -2.288  -12.106 1.00 27.62  ? 23  ALA A CB  1 
ATOM   134  N  N   . THR A 1 24  ? -2.810  0.023   -14.401 1.00 26.35  ? 24  THR A N   1 
ATOM   135  C  CA  . THR A 1 24  ? -3.238  0.420   -15.768 1.00 29.65  ? 24  THR A CA  1 
ATOM   136  C  C   . THR A 1 24  ? -2.686  -0.583  -16.789 1.00 30.63  ? 24  THR A C   1 
ATOM   137  O  O   . THR A 1 24  ? -1.835  -1.434  -16.414 1.00 27.14  ? 24  THR A O   1 
ATOM   138  C  CB  . THR A 1 24  ? -2.760  1.831   -16.136 1.00 30.80  ? 24  THR A CB  1 
ATOM   139  O  OG1 . THR A 1 24  ? -1.342  1.812   -16.276 1.00 30.53  ? 24  THR A OG1 1 
ATOM   140  C  CG2 . THR A 1 24  ? -3.140  2.884   -15.120 1.00 33.32  ? 24  THR A CG2 1 
ATOM   141  N  N   . HIS A 1 25  ? -3.116  -0.452  -18.041 1.00 30.59  ? 25  HIS A N   1 
ATOM   142  C  CA  . HIS A 1 25  ? -2.516  -1.156  -19.213 1.00 32.92  ? 25  HIS A CA  1 
ATOM   143  C  C   . HIS A 1 25  ? -0.983  -1.074  -19.134 1.00 32.42  ? 25  HIS A C   1 
ATOM   144  O  O   . HIS A 1 25  ? -0.320  -2.140  -19.150 1.00 31.28  ? 25  HIS A O   1 
ATOM   145  C  CB  . HIS A 1 25  ? -3.043  -0.554  -20.521 1.00 35.47  ? 25  HIS A CB  1 
ATOM   146  C  CG  . HIS A 1 25  ? -2.302  -0.986  -21.741 1.00 34.27  ? 25  HIS A CG  1 
ATOM   147  N  ND1 . HIS A 1 25  ? -2.869  -1.820  -22.676 1.00 38.67  ? 25  HIS A ND1 1 
ATOM   148  C  CD2 . HIS A 1 25  ? -1.072  -0.662  -22.207 1.00 36.70  ? 25  HIS A CD2 1 
ATOM   149  C  CE1 . HIS A 1 25  ? -2.014  -2.008  -23.664 1.00 38.86  ? 25  HIS A CE1 1 
ATOM   150  N  NE2 . HIS A 1 25  ? -0.896  -1.320  -23.395 1.00 35.46  ? 25  HIS A NE2 1 
ATOM   151  N  N   . ASN A 1 26  ? -0.440  0.138   -19.045 1.00 30.24  ? 26  ASN A N   1 
ATOM   152  C  CA  . ASN A 1 26  ? 1.026   0.378   -19.053 1.00 31.98  ? 26  ASN A CA  1 
ATOM   153  C  C   . ASN A 1 26  ? 1.691   -0.365  -17.884 1.00 32.57  ? 26  ASN A C   1 
ATOM   154  O  O   . ASN A 1 26  ? 2.800   -0.917  -18.073 1.00 29.92  ? 26  ASN A O   1 
ATOM   155  C  CB  . ASN A 1 26  ? 1.324   1.877   -19.047 1.00 37.62  ? 26  ASN A CB  1 
ATOM   156  C  CG  . ASN A 1 26  ? 2.800   2.171   -19.186 1.00 42.19  ? 26  ASN A CG  1 
ATOM   157  O  OD1 . ASN A 1 26  ? 3.359   2.098   -20.288 1.00 43.07  ? 26  ASN A OD1 1 
ATOM   158  N  ND2 . ASN A 1 26  ? 3.438   2.480   -18.072 1.00 40.19  ? 26  ASN A ND2 1 
ATOM   159  N  N   . ASP A 1 27  ? 1.065   -0.378  -16.700 1.00 31.84  ? 27  ASP A N   1 
ATOM   160  C  CA  . ASP A 1 27  ? 1.606   -1.132  -15.546 1.00 27.53  ? 27  ASP A CA  1 
ATOM   161  C  C   . ASP A 1 27  ? 1.737   -2.609  -15.908 1.00 26.91  ? 27  ASP A C   1 
ATOM   162  O  O   . ASP A 1 27  ? 2.811   -3.196  -15.583 1.00 26.21  ? 27  ASP A O   1 
ATOM   163  C  CB  . ASP A 1 27  ? 0.732   -1.021  -14.303 1.00 26.84  ? 27  ASP A CB  1 
ATOM   164  C  CG  . ASP A 1 27  ? 0.777   0.365   -13.697 1.00 27.86  ? 27  ASP A CG  1 
ATOM   165  O  OD1 . ASP A 1 27  ? 1.887   0.907   -13.590 1.00 26.67  ? 27  ASP A OD1 1 
ATOM   166  O  OD2 . ASP A 1 27  ? -0.297  0.864   -13.332 1.00 28.21  ? 27  ASP A OD2 1 
ATOM   167  N  N   . TRP A 1 28  ? 0.680   -3.199  -16.489 1.00 26.07  ? 28  TRP A N   1 
ATOM   168  C  CA  . TRP A 1 28  ? 0.666   -4.628  -16.881 1.00 25.73  ? 28  TRP A CA  1 
ATOM   169  C  C   . TRP A 1 28  ? 1.671   -4.851  -18.025 1.00 24.80  ? 28  TRP A C   1 
ATOM   170  O  O   . TRP A 1 28  ? 2.324   -5.900  -17.993 1.00 29.70  ? 28  TRP A O   1 
ATOM   171  C  CB  . TRP A 1 28  ? -0.754  -5.118  -17.205 1.00 24.11  ? 28  TRP A CB  1 
ATOM   172  C  CG  . TRP A 1 28  ? -1.636  -5.254  -16.002 1.00 22.59  ? 28  TRP A CG  1 
ATOM   173  C  CD1 . TRP A 1 28  ? -2.645  -4.431  -15.611 1.00 20.99  ? 28  TRP A CD1 1 
ATOM   174  C  CD2 . TRP A 1 28  ? -1.554  -6.276  -14.992 1.00 21.49  ? 28  TRP A CD2 1 
ATOM   175  N  NE1 . TRP A 1 28  ? -3.194  -4.883  -14.445 1.00 21.83  ? 28  TRP A NE1 1 
ATOM   176  C  CE2 . TRP A 1 28  ? -2.543  -6.002  -14.032 1.00 20.28  ? 28  TRP A CE2 1 
ATOM   177  C  CE3 . TRP A 1 28  ? -0.740  -7.390  -14.814 1.00 19.92  ? 28  TRP A CE3 1 
ATOM   178  C  CZ2 . TRP A 1 28  ? -2.770  -6.831  -12.936 1.00 21.30  ? 28  TRP A CZ2 1 
ATOM   179  C  CZ3 . TRP A 1 28  ? -0.962  -8.214  -13.740 1.00 20.65  ? 28  TRP A CZ3 1 
ATOM   180  C  CH2 . TRP A 1 28  ? -1.926  -7.904  -12.781 1.00 21.90  ? 28  TRP A CH2 1 
ATOM   181  N  N   . ALA A 1 29  ? 1.848   -3.875  -18.927 1.00 27.47  ? 29  ALA A N   1 
ATOM   182  C  CA  . ALA A 1 29  ? 2.819   -3.942  -20.060 1.00 28.91  ? 29  ALA A CA  1 
ATOM   183  C  C   . ALA A 1 29  ? 4.273   -3.819  -19.562 1.00 32.93  ? 29  ALA A C   1 
ATOM   184  O  O   . ALA A 1 29  ? 5.211   -4.092  -20.361 1.00 30.04  ? 29  ALA A O   1 
ATOM   185  C  CB  . ALA A 1 29  ? 2.522   -2.878  -21.077 1.00 31.26  ? 29  ALA A CB  1 
ATOM   186  N  N   . ASN A 1 30  ? 4.478   -3.399  -18.313 1.00 28.20  ? 30  ASN A N   1 
ATOM   187  C  CA  . ASN A 1 30  ? 5.822   -3.138  -17.742 1.00 29.63  ? 30  ASN A CA  1 
ATOM   188  C  C   . ASN A 1 30  ? 5.912   -3.779  -16.358 1.00 27.91  ? 30  ASN A C   1 
ATOM   189  O  O   . ASN A 1 30  ? 6.614   -3.228  -15.469 1.00 25.54  ? 30  ASN A O   1 
ATOM   190  C  CB  . ASN A 1 30  ? 6.110   -1.644  -17.743 1.00 31.86  ? 30  ASN A CB  1 
ATOM   191  C  CG  . ASN A 1 30  ? 6.211   -1.144  -19.161 1.00 31.55  ? 30  ASN A CG  1 
ATOM   192  O  OD1 . ASN A 1 30  ? 7.142   -1.502  -19.868 1.00 35.66  ? 30  ASN A OD1 1 
ATOM   193  N  ND2 . ASN A 1 30  ? 5.235   -0.373  -19.588 1.00 35.08  ? 30  ASN A ND2 1 
ATOM   194  N  N   . LEU A 1 31  ? 5.289   -4.948  -16.216 1.00 26.30  ? 31  LEU A N   1 
ATOM   195  C  CA  . LEU A 1 31  ? 5.145   -5.627  -14.909 1.00 26.50  ? 31  LEU A CA  1 
ATOM   196  C  C   . LEU A 1 31  ? 6.501   -6.128  -14.411 1.00 28.09  ? 31  LEU A C   1 
ATOM   197  O  O   . LEU A 1 31  ? 7.220   -6.778  -15.173 1.00 27.53  ? 31  LEU A O   1 
ATOM   198  C  CB  . LEU A 1 31  ? 4.186   -6.806  -15.056 1.00 29.05  ? 31  LEU A CB  1 
ATOM   199  C  CG  . LEU A 1 31  ? 3.928   -7.570  -13.764 1.00 26.34  ? 31  LEU A CG  1 
ATOM   200  C  CD1 . LEU A 1 31  ? 3.200   -6.681  -12.763 1.00 27.92  ? 31  LEU A CD1 1 
ATOM   201  C  CD2 . LEU A 1 31  ? 3.120   -8.832  -14.024 1.00 27.10  ? 31  LEU A CD2 1 
ATOM   202  N  N   . VAL A 1 32  ? 6.773   -5.930  -13.125 1.00 27.11  ? 32  VAL A N   1 
ATOM   203  C  CA  . VAL A 1 32  ? 7.927   -6.541  -12.423 1.00 24.68  ? 32  VAL A CA  1 
ATOM   204  C  C   . VAL A 1 32  ? 7.375   -7.647  -11.530 1.00 25.37  ? 32  VAL A C   1 
ATOM   205  O  O   . VAL A 1 32  ? 7.915   -8.739  -11.498 1.00 24.68  ? 32  VAL A O   1 
ATOM   206  C  CB  . VAL A 1 32  ? 8.700   -5.461  -11.639 1.00 23.98  ? 32  VAL A CB  1 
ATOM   207  C  CG1 . VAL A 1 32  ? 9.788   -6.054  -10.760 1.00 24.64  ? 32  VAL A CG1 1 
ATOM   208  C  CG2 . VAL A 1 32  ? 9.250   -4.405  -12.582 1.00 24.82  ? 32  VAL A CG2 1 
ATOM   209  N  N   . TRP A 1 33  ? 6.339   -7.351  -10.766 1.00 24.95  ? 33  TRP A N   1 
ATOM   210  C  CA  . TRP A 1 33  ? 5.866   -8.291  -9.733  1.00 22.77  ? 33  TRP A CA  1 
ATOM   211  C  C   . TRP A 1 33  ? 4.457   -7.883  -9.338  1.00 22.58  ? 33  TRP A C   1 
ATOM   212  O  O   . TRP A 1 33  ? 4.214   -6.692  -9.215  1.00 22.64  ? 33  TRP A O   1 
ATOM   213  C  CB  . TRP A 1 33  ? 6.817   -8.298  -8.539  1.00 23.87  ? 33  TRP A CB  1 
ATOM   214  C  CG  . TRP A 1 33  ? 6.311   -9.059  -7.353  1.00 24.56  ? 33  TRP A CG  1 
ATOM   215  C  CD1 . TRP A 1 33  ? 6.418   -10.402 -7.124  1.00 24.94  ? 33  TRP A CD1 1 
ATOM   216  C  CD2 . TRP A 1 33  ? 5.617   -8.513  -6.210  1.00 23.58  ? 33  TRP A CD2 1 
ATOM   217  N  NE1 . TRP A 1 33  ? 5.870   -10.721 -5.903  1.00 24.71  ? 33  TRP A NE1 1 
ATOM   218  C  CE2 . TRP A 1 33  ? 5.352   -9.583  -5.329  1.00 23.55  ? 33  TRP A CE2 1 
ATOM   219  C  CE3 . TRP A 1 33  ? 5.213   -7.227  -5.849  1.00 25.32  ? 33  TRP A CE3 1 
ATOM   220  C  CZ2 . TRP A 1 33  ? 4.690   -9.407  -4.112  1.00 22.80  ? 33  TRP A CZ2 1 
ATOM   221  C  CZ3 . TRP A 1 33  ? 4.575   -7.049  -4.639  1.00 23.02  ? 33  TRP A CZ3 1 
ATOM   222  C  CH2 . TRP A 1 33  ? 4.313   -8.123  -3.792  1.00 23.30  ? 33  TRP A CH2 1 
ATOM   223  N  N   . GLU A 1 34  ? 3.583   -8.854  -9.125  1.00 23.05  ? 34  GLU A N   1 
ATOM   224  C  CA  . GLU A 1 34  ? 2.213   -8.590  -8.600  1.00 23.65  ? 34  GLU A CA  1 
ATOM   225  C  C   . GLU A 1 34  ? 1.788   -9.745  -7.711  1.00 24.57  ? 34  GLU A C   1 
ATOM   226  O  O   . GLU A 1 34  ? 2.251   -10.851 -7.934  1.00 22.93  ? 34  GLU A O   1 
ATOM   227  C  CB  . GLU A 1 34  ? 1.225   -8.335  -9.729  1.00 24.11  ? 34  GLU A CB  1 
ATOM   228  C  CG  . GLU A 1 34  ? 1.219   -9.424  -10.794 1.00 24.70  ? 34  GLU A CG  1 
ATOM   229  C  CD  . GLU A 1 34  ? 0.431   -10.674 -10.452 1.00 25.46  ? 34  GLU A CD  1 
ATOM   230  O  OE1 . GLU A 1 34  ? 0.640   -11.677 -11.153 1.00 29.21  ? 34  GLU A OE1 1 
ATOM   231  O  OE2 . GLU A 1 34  ? -0.371  -10.672 -9.478  1.00 25.65  ? 34  GLU A OE2 1 
ATOM   232  N  N   . ASP A 1 35  ? 1.006   -9.443  -6.678  1.00 24.11  ? 35  ASP A N   1 
ATOM   233  C  CA  . ASP A 1 35  ? 0.425   -10.448 -5.763  1.00 23.21  ? 35  ASP A CA  1 
ATOM   234  C  C   . ASP A 1 35  ? -1.003  -10.018 -5.445  1.00 23.33  ? 35  ASP A C   1 
ATOM   235  O  O   . ASP A 1 35  ? -1.185  -8.945  -4.774  1.00 20.78  ? 35  ASP A O   1 
ATOM   236  C  CB  . ASP A 1 35  ? 1.320   -10.630 -4.545  1.00 22.09  ? 35  ASP A CB  1 
ATOM   237  C  CG  . ASP A 1 35  ? 0.898   -11.691 -3.568  1.00 26.37  ? 35  ASP A CG  1 
ATOM   238  O  OD1 . ASP A 1 35  ? -0.287  -11.980 -3.504  1.00 30.66  ? 35  ASP A OD1 1 
ATOM   239  O  OD2 . ASP A 1 35  ? 1.783   -12.163 -2.818  1.00 29.29  ? 35  ASP A OD2 1 
ATOM   240  N  N   A SER A 1 36  ? -1.979  -10.817 -5.880  0.25 23.69  ? 36  SER A N   1 
ATOM   241  N  N   B SER A 1 36  ? -1.979  -10.817 -5.880  0.25 23.69  ? 36  SER A N   1 
ATOM   242  C  CA  A SER A 1 36  ? -3.417  -10.510 -5.687  0.25 22.40  ? 36  SER A CA  1 
ATOM   243  C  CA  B SER A 1 36  ? -3.412  -10.477 -5.684  0.25 24.30  ? 36  SER A CA  1 
ATOM   244  C  C   A SER A 1 36  ? -3.729  -10.527 -4.188  0.25 23.15  ? 36  SER A C   1 
ATOM   245  C  C   B SER A 1 36  ? -3.729  -10.527 -4.188  0.25 23.15  ? 36  SER A C   1 
ATOM   246  O  O   A SER A 1 36  ? -4.469  -9.633  -3.718  0.25 22.79  ? 36  SER A O   1 
ATOM   247  O  O   B SER A 1 36  ? -4.469  -9.633  -3.718  0.25 22.79  ? 36  SER A O   1 
ATOM   248  C  CB  A SER A 1 36  ? -4.286  -11.477 -6.454  0.25 21.75  ? 36  SER A CB  1 
ATOM   249  C  CB  B SER A 1 36  ? -4.337  -11.360 -6.493  0.25 25.87  ? 36  SER A CB  1 
ATOM   250  O  OG  A SER A 1 36  ? -5.651  -11.164 -6.271  0.25 19.32  ? 36  SER A OG  1 
ATOM   251  O  OG  B SER A 1 36  ? -3.780  -12.646 -6.668  0.25 29.08  ? 36  SER A OG  1 
ATOM   252  N  N   . SER A 1 37  ? -3.157  -11.491 -3.473  1.00 21.44  ? 37  SER A N   1 
ATOM   253  C  CA  . SER A 1 37  ? -3.447  -11.691 -2.038  1.00 23.99  ? 37  SER A CA  1 
ATOM   254  C  C   . SER A 1 37  ? -2.968  -10.453 -1.260  1.00 22.31  ? 37  SER A C   1 
ATOM   255  O  O   . SER A 1 37  ? -3.440  -10.275 -0.152  1.00 24.25  ? 37  SER A O   1 
ATOM   256  C  CB  . SER A 1 37  ? -2.838  -12.967 -1.514  1.00 27.38  ? 37  SER A CB  1 
ATOM   257  O  OG  . SER A 1 37  ? -1.455  -12.817 -1.241  1.00 31.11  ? 37  SER A OG  1 
ATOM   258  N  N   . ARG A 1 38  ? -2.048  -9.656  -1.816  1.00 20.95  ? 38  ARG A N   1 
ATOM   259  C  CA  . ARG A 1 38  ? -1.493  -8.439  -1.147  1.00 21.64  ? 38  ARG A CA  1 
ATOM   260  C  C   . ARG A 1 38  ? -2.073  -7.145  -1.715  1.00 20.91  ? 38  ARG A C   1 
ATOM   261  O  O   . ARG A 1 38  ? -1.749  -6.062  -1.137  1.00 19.36  ? 38  ARG A O   1 
ATOM   262  C  CB  . ARG A 1 38  ? 0.029   -8.383  -1.296  1.00 23.09  ? 38  ARG A CB  1 
ATOM   263  C  CG  . ARG A 1 38  ? 0.749   -9.505  -0.564  1.00 23.04  ? 38  ARG A CG  1 
ATOM   264  C  CD  . ARG A 1 38  ? 2.260   -9.426  -0.659  1.00 24.08  ? 38  ARG A CD  1 
ATOM   265  N  NE  . ARG A 1 38  ? 2.802   -8.300  0.094   1.00 23.65  ? 38  ARG A NE  1 
ATOM   266  C  CZ  . ARG A 1 38  ? 4.043   -8.199  0.555   1.00 21.88  ? 38  ARG A CZ  1 
ATOM   267  N  NH1 . ARG A 1 38  ? 4.933   -9.155  0.324   1.00 23.22  ? 38  ARG A NH1 1 
ATOM   268  N  NH2 . ARG A 1 38  ? 4.389   -7.134  1.248   1.00 19.41  ? 38  ARG A NH2 1 
ATOM   269  N  N   . ASP A 1 39  ? -2.825  -7.223  -2.818  1.00 18.27  ? 39  ASP A N   1 
ATOM   270  C  CA  . ASP A 1 39  ? -3.304  -6.078  -3.627  1.00 18.37  ? 39  ASP A CA  1 
ATOM   271  C  C   . ASP A 1 39  ? -2.127  -5.182  -4.032  1.00 20.56  ? 39  ASP A C   1 
ATOM   272  O  O   . ASP A 1 39  ? -2.310  -3.948  -4.029  1.00 21.36  ? 39  ASP A O   1 
ATOM   273  C  CB  . ASP A 1 39  ? -4.343  -5.272  -2.831  1.00 17.55  ? 39  ASP A CB  1 
ATOM   274  C  CG  . ASP A 1 39  ? -4.997  -4.127  -3.586  1.00 18.23  ? 39  ASP A CG  1 
ATOM   275  O  OD1 . ASP A 1 39  ? -5.292  -4.300  -4.771  1.00 18.14  ? 39  ASP A OD1 1 
ATOM   276  O  OD2 . ASP A 1 39  ? -5.171  -3.025  -2.956  1.00 18.73  ? 39  ASP A OD2 1 
ATOM   277  N  N   . LEU A 1 40  ? -0.978  -5.753  -4.415  1.00 19.14  ? 40  LEU A N   1 
ATOM   278  C  CA  . LEU A 1 40  ? 0.171   -4.928  -4.865  1.00 19.07  ? 40  LEU A CA  1 
ATOM   279  C  C   . LEU A 1 40  ? 0.578   -5.313  -6.276  1.00 20.25  ? 40  LEU A C   1 
ATOM   280  O  O   . LEU A 1 40  ? 0.512   -6.511  -6.645  1.00 19.58  ? 40  LEU A O   1 
ATOM   281  C  CB  . LEU A 1 40  ? 1.370   -5.114  -3.943  1.00 18.41  ? 40  LEU A CB  1 
ATOM   282  C  CG  . LEU A 1 40  ? 1.277   -4.477  -2.568  1.00 18.53  ? 40  LEU A CG  1 
ATOM   283  C  CD1 . LEU A 1 40  ? 2.543   -4.820  -1.792  1.00 18.48  ? 40  LEU A CD1 1 
ATOM   284  C  CD2 . LEU A 1 40  ? 1.073   -2.973  -2.650  1.00 17.69  ? 40  LEU A CD2 1 
ATOM   285  N  N   . LEU A 1 41  ? 1.011   -4.308  -7.007  1.00 18.95  ? 41  LEU A N   1 
ATOM   286  C  CA  . LEU A 1 41  ? 1.648   -4.483  -8.317  1.00 19.48  ? 41  LEU A CA  1 
ATOM   287  C  C   . LEU A 1 41  ? 2.820   -3.514  -8.381  1.00 19.68  ? 41  LEU A C   1 
ATOM   288  O  O   . LEU A 1 41  ? 2.696   -2.360  -7.897  1.00 20.20  ? 41  LEU A O   1 
ATOM   289  C  CB  . LEU A 1 41  ? 0.636   -4.189  -9.426  1.00 20.01  ? 41  LEU A CB  1 
ATOM   290  C  CG  . LEU A 1 41  ? 1.167   -4.375  -10.836 1.00 21.74  ? 41  LEU A CG  1 
ATOM   291  C  CD1 . LEU A 1 41  ? 0.083   -4.956  -11.733 1.00 23.33  ? 41  LEU A CD1 1 
ATOM   292  C  CD2 . LEU A 1 41  ? 1.695   -3.070  -11.398 1.00 21.50  ? 41  LEU A CD2 1 
ATOM   293  N  N   . VAL A 1 42  ? 3.940   -3.994  -8.910  1.00 20.61  ? 42  VAL A N   1 
ATOM   294  C  CA  . VAL A 1 42  ? 5.086   -3.109  -9.235  1.00 18.87  ? 42  VAL A CA  1 
ATOM   295  C  C   . VAL A 1 42  ? 5.329   -3.170  -10.736 1.00 21.17  ? 42  VAL A C   1 
ATOM   296  O  O   . VAL A 1 42  ? 5.352   -4.277  -11.282 1.00 21.54  ? 42  VAL A O   1 
ATOM   297  C  CB  . VAL A 1 42  ? 6.324   -3.544  -8.444  1.00 19.42  ? 42  VAL A CB  1 
ATOM   298  C  CG1 . VAL A 1 42  ? 7.483   -2.632  -8.764  1.00 19.62  ? 42  VAL A CG1 1 
ATOM   299  C  CG2 . VAL A 1 42  ? 6.079   -3.618  -6.936  1.00 19.33  ? 42  VAL A CG2 1 
ATOM   300  N  N   . SER A 1 43  ? 5.509   -2.009  -11.358 1.00 22.56  ? 43  SER A N   1 
ATOM   301  C  CA  . SER A 1 43  ? 5.901   -1.883  -12.770 1.00 24.57  ? 43  SER A CA  1 
ATOM   302  C  C   . SER A 1 43  ? 7.221   -1.112  -12.830 1.00 27.69  ? 43  SER A C   1 
ATOM   303  O  O   . SER A 1 43  ? 7.603   -0.491  -11.813 1.00 26.69  ? 43  SER A O   1 
ATOM   304  C  CB  . SER A 1 43  ? 4.795   -1.194  -13.546 1.00 24.68  ? 43  SER A CB  1 
ATOM   305  O  OG  . SER A 1 43  ? 4.537   0.097   -13.021 1.00 24.30  ? 43  SER A OG  1 
ATOM   306  N  N   . SER A 1 44  ? 7.871   -1.122  -13.994 1.00 28.41  ? 44  SER A N   1 
ATOM   307  C  CA  . SER A 1 44  ? 9.153   -0.414  -14.234 1.00 27.75  ? 44  SER A CA  1 
ATOM   308  C  C   . SER A 1 44  ? 8.872   0.973   -14.794 1.00 27.73  ? 44  SER A C   1 
ATOM   309  O  O   . SER A 1 44  ? 7.860   1.145   -15.470 1.00 30.14  ? 44  SER A O   1 
ATOM   310  C  CB  . SER A 1 44  ? 10.032  -1.228  -15.153 1.00 30.41  ? 44  SER A CB  1 
ATOM   311  O  OG  . SER A 1 44  ? 9.284   -1.664  -16.269 1.00 31.92  ? 44  SER A OG  1 
ATOM   312  N  N   . THR A 1 45  ? 9.748   1.932   -14.512 1.00 27.30  ? 45  THR A N   1 
ATOM   313  C  CA  . THR A 1 45  ? 9.582   3.342   -14.914 1.00 29.27  ? 45  THR A CA  1 
ATOM   314  C  C   . THR A 1 45  ? 10.858  3.754   -15.647 1.00 29.61  ? 45  THR A C   1 
ATOM   315  O  O   . THR A 1 45  ? 11.910  3.209   -15.299 1.00 32.67  ? 45  THR A O   1 
ATOM   316  C  CB  . THR A 1 45  ? 9.338   4.205   -13.671 1.00 30.65  ? 45  THR A CB  1 
ATOM   317  O  OG1 . THR A 1 45  ? 10.547  4.145   -12.922 1.00 33.20  ? 45  THR A OG1 1 
ATOM   318  C  CG2 . THR A 1 45  ? 8.188   3.706   -12.822 1.00 27.46  ? 45  THR A CG2 1 
ATOM   319  N  N   . THR A 1 46  ? 10.772  4.704   -16.569 1.00 34.68  ? 46  THR A N   1 
ATOM   320  C  CA  . THR A 1 46  ? 11.965  5.267   -17.251 1.00 39.83  ? 46  THR A CA  1 
ATOM   321  C  C   . THR A 1 46  ? 12.686  6.186   -16.257 1.00 40.77  ? 46  THR A C   1 
ATOM   322  O  O   . THR A 1 46  ? 13.906  6.044   -16.114 1.00 46.39  ? 46  THR A O   1 
ATOM   323  C  CB  . THR A 1 46  ? 11.577  5.927   -18.578 1.00 40.96  ? 46  THR A CB  1 
ATOM   324  O  OG1 . THR A 1 46  ? 10.696  7.015   -18.319 1.00 39.89  ? 46  THR A OG1 1 
ATOM   325  C  CG2 . THR A 1 46  ? 10.901  4.959   -19.522 1.00 38.62  ? 46  THR A CG2 1 
ATOM   326  N  N   . ALA A 1 47  ? 11.955  7.061   -15.561 1.00 42.39  ? 47  ALA A N   1 
ATOM   327  C  CA  . ALA A 1 47  ? 12.526  8.030   -14.590 1.00 43.11  ? 47  ALA A CA  1 
ATOM   328  C  C   . ALA A 1 47  ? 12.830  7.336   -13.253 1.00 43.39  ? 47  ALA A C   1 
ATOM   329  O  O   . ALA A 1 47  ? 12.137  6.354   -12.910 1.00 46.39  ? 47  ALA A O   1 
ATOM   330  C  CB  . ALA A 1 47  ? 11.582  9.195   -14.415 1.00 43.77  ? 47  ALA A CB  1 
ATOM   331  N  N   . GLN A 1 48  ? 13.882  7.824   -12.585 0.26 43.16  ? 48  GLN A N   1 
ATOM   332  C  CA  . GLN A 1 48  ? 14.354  7.303   -11.276 0.26 44.34  ? 48  GLN A CA  1 
ATOM   333  C  C   . GLN A 1 48  ? 13.693  8.114   -10.159 0.26 39.00  ? 48  GLN A C   1 
ATOM   334  O  O   . GLN A 1 48  ? 14.106  9.268   -9.928  0.26 36.99  ? 48  GLN A O   1 
ATOM   335  C  CB  . GLN A 1 48  ? 15.880  7.381   -11.188 0.26 50.74  ? 48  GLN A CB  1 
ATOM   336  C  CG  . GLN A 1 48  ? 16.536  6.060   -10.816 0.26 57.69  ? 48  GLN A CG  1 
ATOM   337  C  CD  . GLN A 1 48  ? 17.996  6.223   -10.473 0.26 66.50  ? 48  GLN A CD  1 
ATOM   338  O  OE1 . GLN A 1 48  ? 18.693  7.073   -11.024 0.26 72.24  ? 48  GLN A OE1 1 
ATOM   339  N  NE2 . GLN A 1 48  ? 18.474  5.402   -9.552  0.26 68.56  ? 48  GLN A NE2 1 
ATOM   340  N  N   . GLY A 1 49  ? 12.703  7.508   -9.503  0.26 36.13  ? 49  GLY A N   1 
ATOM   341  C  CA  . GLY A 1 49  ? 11.932  8.112   -8.403  0.26 39.87  ? 49  GLY A CA  1 
ATOM   342  C  C   . GLY A 1 49  ? 12.718  8.293   -7.109  0.26 40.88  ? 49  GLY A C   1 
ATOM   343  O  O   . GLY A 1 49  ? 13.849  7.838   -6.958  0.26 37.65  ? 49  GLY A O   1 
ATOM   344  N  N   . CYS A 1 50  ? 12.104  8.964   -6.161  0.26 45.71  ? 50  CYS A N   1 
ATOM   345  C  CA  . CYS A 1 50  ? 12.907  9.298   -4.972  0.26 49.67  ? 50  CYS A CA  1 
ATOM   346  C  C   . CYS A 1 50  ? 12.359  8.816   -3.650  0.26 40.29  ? 50  CYS A C   1 
ATOM   347  O  O   . CYS A 1 50  ? 13.013  9.043   -2.636  0.26 39.72  ? 50  CYS A O   1 
ATOM   348  C  CB  . CYS A 1 50  ? 12.835  10.786  -4.827  0.26 58.09  ? 50  CYS A CB  1 
ATOM   349  S  SG  . CYS A 1 50  ? 13.527  11.593  -6.293  0.26 78.34  ? 50  CYS A SG  1 
ATOM   350  N  N   . ASP A 1 51  ? 11.250  8.115   -3.689  0.26 34.44  ? 51  ASP A N   1 
ATOM   351  C  CA  . ASP A 1 51  ? 10.700  7.628   -2.407  0.26 31.01  ? 51  ASP A CA  1 
ATOM   352  C  C   . ASP A 1 51  ? 11.698  6.647   -1.783  0.26 28.59  ? 51  ASP A C   1 
ATOM   353  O  O   . ASP A 1 51  ? 12.289  5.869   -2.430  0.26 34.93  ? 51  ASP A O   1 
ATOM   354  C  CB  . ASP A 1 51  ? 9.278   7.064   -2.536  0.26 31.30  ? 51  ASP A CB  1 
ATOM   355  C  CG  . ASP A 1 51  ? 8.208   8.077   -2.904  0.26 33.25  ? 51  ASP A CG  1 
ATOM   356  O  OD1 . ASP A 1 51  ? 8.291   9.130   -2.323  0.26 37.35  ? 51  ASP A OD1 1 
ATOM   357  O  OD2 . ASP A 1 51  ? 7.381   7.821   -3.829  0.26 27.80  ? 51  ASP A OD2 1 
ATOM   358  N  N   . THR A 1 52  ? 11.845  6.666   -0.484  0.26 25.84  ? 52  THR A N   1 
ATOM   359  C  CA  . THR A 1 52  ? 12.671  5.648   0.223   0.26 25.31  ? 52  THR A CA  1 
ATOM   360  C  C   . THR A 1 52  ? 11.743  4.677   0.995   0.26 24.66  ? 52  THR A C   1 
ATOM   361  O  O   . THR A 1 52  ? 10.888  5.163   1.727   0.26 22.32  ? 52  THR A O   1 
ATOM   362  C  CB  . THR A 1 52  ? 13.587  6.322   1.258   0.26 26.50  ? 52  THR A CB  1 
ATOM   363  O  OG1 . THR A 1 52  ? 14.639  6.912   0.522   0.26 29.75  ? 52  THR A OG1 1 
ATOM   364  C  CG2 . THR A 1 52  ? 14.250  5.335   2.187   0.26 29.53  ? 52  THR A CG2 1 
ATOM   365  N  N   . ILE A 1 53  ? 11.883  3.355   0.854   0.26 21.84  ? 53  ILE A N   1 
ATOM   366  C  CA  . ILE A 1 53  ? 11.032  2.393   1.602   0.26 20.59  ? 53  ILE A CA  1 
ATOM   367  C  C   . ILE A 1 53  ? 11.570  2.295   3.030   0.26 21.94  ? 53  ILE A C   1 
ATOM   368  O  O   . ILE A 1 53  ? 12.758  2.155   3.230   0.26 22.39  ? 53  ILE A O   1 
ATOM   369  C  CB  . ILE A 1 53  ? 10.954  0.979   1.012   0.26 20.13  ? 53  ILE A CB  1 
ATOM   370  C  CG1 . ILE A 1 53  ? 10.669  0.986   -0.476  0.26 20.40  ? 53  ILE A CG1 1 
ATOM   371  C  CG2 . ILE A 1 53  ? 9.922   0.107   1.691   0.26 19.71  ? 53  ILE A CG2 1 
ATOM   372  C  CD1 . ILE A 1 53  ? 9.456   1.784   -0.888  0.26 20.49  ? 53  ILE A CD1 1 
ATOM   373  N  N   . ALA A 1 54  ? 10.679  2.326   4.005   1.00 19.89  ? 54  ALA A N   1 
ATOM   374  C  CA  . ALA A 1 54  ? 11.038  2.089   5.413   1.00 21.62  ? 54  ALA A CA  1 
ATOM   375  C  C   . ALA A 1 54  ? 11.523  0.643   5.572   1.00 19.90  ? 54  ALA A C   1 
ATOM   376  O  O   . ALA A 1 54  ? 10.979  -0.270  4.888   1.00 17.77  ? 54  ALA A O   1 
ATOM   377  C  CB  . ALA A 1 54  ? 9.857   2.396   6.314   1.00 20.16  ? 54  ALA A CB  1 
ATOM   378  N  N   . ARG A 1 55  ? 12.544  0.456   6.421   1.00 20.91  ? 55  ARG A N   1 
ATOM   379  C  CA  . ARG A 1 55  ? 13.094  -0.863  6.805   1.00 21.70  ? 55  ARG A CA  1 
ATOM   380  C  C   . ARG A 1 55  ? 13.117  -0.923  8.324   1.00 21.99  ? 55  ARG A C   1 
ATOM   381  O  O   . ARG A 1 55  ? 14.163  -0.605  8.938   1.00 23.86  ? 55  ARG A O   1 
ATOM   382  C  CB  . ARG A 1 55  ? 14.467  -1.078  6.165   1.00 23.13  ? 55  ARG A CB  1 
ATOM   383  C  CG  . ARG A 1 55  ? 14.445  -0.964  4.646   1.00 23.06  ? 55  ARG A CG  1 
ATOM   384  C  CD  . ARG A 1 55  ? 13.576  -1.995  3.952   1.00 21.90  ? 55  ARG A CD  1 
ATOM   385  N  NE  . ARG A 1 55  ? 13.604  -1.750  2.494   1.00 24.00  ? 55  ARG A NE  1 
ATOM   386  C  CZ  . ARG A 1 55  ? 12.803  -2.339  1.581   1.00 24.37  ? 55  ARG A CZ  1 
ATOM   387  N  NH1 . ARG A 1 55  ? 11.840  -3.167  1.946   1.00 24.70  ? 55  ARG A NH1 1 
ATOM   388  N  NH2 . ARG A 1 55  ? 12.940  -2.041  0.297   1.00 25.18  ? 55  ARG A NH2 1 
ATOM   389  N  N   . CYS A 1 56  ? 11.982  -1.276  8.906   1.00 22.60  ? 56  CYS A N   1 
ATOM   390  C  CA  . CYS A 1 56  ? 11.714  -1.038  10.345  1.00 22.95  ? 56  CYS A CA  1 
ATOM   391  C  C   . CYS A 1 56  ? 10.524  -1.879  10.777  1.00 23.36  ? 56  CYS A C   1 
ATOM   392  O  O   . CYS A 1 56  ? 9.878   -2.483  9.913   1.00 24.30  ? 56  CYS A O   1 
ATOM   393  C  CB  . CYS A 1 56  ? 11.434  0.433   10.615  1.00 20.88  ? 56  CYS A CB  1 
ATOM   394  S  SG  . CYS A 1 56  ? 9.872   0.991   9.873   1.00 22.94  ? 56  CYS A SG  1 
ATOM   395  N  N   A ASP A 1 57  ? 10.251  -1.958  12.078  0.25 26.52  ? 57  ASP A N   1 
ATOM   396  N  N   B ASP A 1 57  ? 10.284  -1.854  12.094  0.25 25.41  ? 57  ASP A N   1 
ATOM   397  C  CA  A ASP A 1 57  ? 8.980   -2.526  12.602  0.25 27.11  ? 57  ASP A CA  1 
ATOM   398  C  CA  B ASP A 1 57  ? 9.182   -2.519  12.840  0.25 25.25  ? 57  ASP A CA  1 
ATOM   399  C  C   A ASP A 1 57  ? 8.274   -1.425  13.405  0.25 26.34  ? 57  ASP A C   1 
ATOM   400  C  C   B ASP A 1 57  ? 8.194   -1.455  13.358  0.25 25.03  ? 57  ASP A C   1 
ATOM   401  O  O   A ASP A 1 57  ? 7.773   -1.700  14.506  0.25 26.62  ? 57  ASP A O   1 
ATOM   402  O  O   B ASP A 1 57  ? 7.354   -1.810  14.204  0.25 24.50  ? 57  ASP A O   1 
ATOM   403  C  CB  A ASP A 1 57  ? 9.218   -3.835  13.362  0.25 29.26  ? 57  ASP A CB  1 
ATOM   404  C  CB  B ASP A 1 57  ? 9.759   -3.344  13.997  0.25 25.81  ? 57  ASP A CB  1 
ATOM   405  C  CG  A ASP A 1 57  ? 9.794   -3.671  14.754  0.25 30.71  ? 57  ASP A CG  1 
ATOM   406  C  CG  B ASP A 1 57  ? 8.887   -4.492  14.483  0.25 26.91  ? 57  ASP A CG  1 
ATOM   407  O  OD1 A ASP A 1 57  ? 10.389  -2.614  15.025  0.25 34.49  ? 57  ASP A OD1 1 
ATOM   408  O  OD1 B ASP A 1 57  ? 8.155   -5.059  13.661  0.25 29.17  ? 57  ASP A OD1 1 
ATOM   409  O  OD2 A ASP A 1 57  ? 9.649   -4.617  15.554  0.25 35.89  ? 57  ASP A OD2 1 
ATOM   410  O  OD2 B ASP A 1 57  ? 8.969   -4.839  15.689  0.25 31.04  ? 57  ASP A OD2 1 
ATOM   411  N  N   . CYS A 1 58  ? 8.251   -0.210  12.850  1.00 24.00  ? 58  CYS A N   1 
ATOM   412  C  CA  . CYS A 1 58  ? 7.341   0.889   13.297  1.00 23.03  ? 58  CYS A CA  1 
ATOM   413  C  C   . CYS A 1 58  ? 5.870   0.468   13.221  1.00 22.50  ? 58  CYS A C   1 
ATOM   414  O  O   . CYS A 1 58  ? 5.457   -0.197  12.253  1.00 20.02  ? 58  CYS A O   1 
ATOM   415  C  CB  . CYS A 1 58  ? 7.466   2.146   12.459  1.00 22.40  ? 58  CYS A CB  1 
ATOM   416  S  SG  . CYS A 1 58  ? 8.989   3.055   12.802  1.00 22.88  ? 58  CYS A SG  1 
ATOM   417  N  N   . GLN A 1 59  ? 5.126   0.822   14.258  1.00 21.20  ? 59  GLN A N   1 
ATOM   418  C  CA  . GLN A 1 59  ? 3.659   0.612   14.334  1.00 22.17  ? 59  GLN A CA  1 
ATOM   419  C  C   . GLN A 1 59  ? 2.989   1.973   14.509  1.00 21.06  ? 59  GLN A C   1 
ATOM   420  O  O   . GLN A 1 59  ? 1.795   1.980   14.802  1.00 21.65  ? 59  GLN A O   1 
ATOM   421  C  CB  . GLN A 1 59  ? 3.310   -0.356  15.468  1.00 24.32  ? 59  GLN A CB  1 
ATOM   422  C  CG  . GLN A 1 59  ? 3.540   -1.809  15.127  1.00 27.76  ? 59  GLN A CG  1 
ATOM   423  C  CD  . GLN A 1 59  ? 2.888   -2.696  16.159  1.00 29.27  ? 59  GLN A CD  1 
ATOM   424  O  OE1 . GLN A 1 59  ? 3.557   -3.276  17.007  1.00 31.71  ? 59  GLN A OE1 1 
ATOM   425  N  NE2 . GLN A 1 59  ? 1.566   -2.788  16.123  1.00 27.72  ? 59  GLN A NE2 1 
ATOM   426  N  N   . THR A 1 60  ? 3.716   3.079   14.292  1.00 19.89  ? 60  THR A N   1 
ATOM   427  C  CA  . THR A 1 60  ? 3.143   4.454   14.229  1.00 20.02  ? 60  THR A CA  1 
ATOM   428  C  C   . THR A 1 60  ? 3.629   5.138   12.938  1.00 18.87  ? 60  THR A C   1 
ATOM   429  O  O   . THR A 1 60  ? 4.756   4.865   12.475  1.00 18.73  ? 60  THR A O   1 
ATOM   430  C  CB  . THR A 1 60  ? 3.416   5.229   15.525  1.00 24.26  ? 60  THR A CB  1 
ATOM   431  O  OG1 . THR A 1 60  ? 4.818   5.380   15.725  1.00 24.64  ? 60  THR A OG1 1 
ATOM   432  C  CG2 . THR A 1 60  ? 2.846   4.530   16.738  1.00 23.33  ? 60  THR A CG2 1 
ATOM   433  N  N   . GLY A 1 61  ? 2.764   5.993   12.376  1.00 15.63  ? 61  GLY A N   1 
ATOM   434  C  CA  . GLY A 1 61  ? 3.001   6.681   11.108  1.00 14.96  ? 61  GLY A CA  1 
ATOM   435  C  C   . GLY A 1 61  ? 1.938   7.715   10.870  1.00 14.87  ? 61  GLY A C   1 
ATOM   436  O  O   . GLY A 1 61  ? 1.140   7.961   11.755  1.00 15.82  ? 61  GLY A O   1 
ATOM   437  N  N   . VAL A 1 62  ? 1.974   8.289   9.686   1.00 17.13  ? 62  VAL A N   1 
ATOM   438  C  CA  . VAL A 1 62  ? 0.997   9.287   9.206   1.00 18.89  ? 62  VAL A CA  1 
ATOM   439  C  C   . VAL A 1 62  ? 0.592   8.779   7.826   1.00 19.49  ? 62  VAL A C   1 
ATOM   440  O  O   . VAL A 1 62  ? 1.474   8.357   7.076   1.00 19.36  ? 62  VAL A O   1 
ATOM   441  C  CB  . VAL A 1 62  ? 1.569   10.716  9.154   1.00 21.06  ? 62  VAL A CB  1 
ATOM   442  C  CG1 . VAL A 1 62  ? 0.669   11.689  8.391   1.00 21.73  ? 62  VAL A CG1 1 
ATOM   443  C  CG2 . VAL A 1 62  ? 1.880   11.247  10.541  1.00 21.56  ? 62  VAL A CG2 1 
ATOM   444  N  N   . TYR A 1 63  ? -0.699  8.784   7.515   1.00 17.35  ? 63  TYR A N   1 
ATOM   445  C  CA  . TYR A 1 63  ? -1.161  8.445   6.154   1.00 17.95  ? 63  TYR A CA  1 
ATOM   446  C  C   . TYR A 1 63  ? -1.983  9.607   5.638   1.00 18.81  ? 63  TYR A C   1 
ATOM   447  O  O   . TYR A 1 63  ? -2.534  10.396  6.435   1.00 17.83  ? 63  TYR A O   1 
ATOM   448  C  CB  . TYR A 1 63  ? -1.932  7.130   6.100   1.00 19.07  ? 63  TYR A CB  1 
ATOM   449  C  CG  . TYR A 1 63  ? -3.389  7.202   6.473   1.00 20.09  ? 63  TYR A CG  1 
ATOM   450  C  CD1 . TYR A 1 63  ? -3.795  7.246   7.802   1.00 19.58  ? 63  TYR A CD1 1 
ATOM   451  C  CD2 . TYR A 1 63  ? -4.358  7.168   5.495   1.00 19.03  ? 63  TYR A CD2 1 
ATOM   452  C  CE1 . TYR A 1 63  ? -5.136  7.289   8.146   1.00 20.26  ? 63  TYR A CE1 1 
ATOM   453  C  CE2 . TYR A 1 63  ? -5.706  7.176   5.831   1.00 19.22  ? 63  TYR A CE2 1 
ATOM   454  C  CZ  . TYR A 1 63  ? -6.101  7.239   7.155   1.00 18.85  ? 63  TYR A CZ  1 
ATOM   455  O  OH  . TYR A 1 63  ? -7.426  7.285   7.502   1.00 18.73  ? 63  TYR A OH  1 
ATOM   456  N  N   . TYR A 1 64  ? -2.069  9.658   4.320   1.00 18.69  ? 64  TYR A N   1 
ATOM   457  C  CA  . TYR A 1 64  ? -2.867  10.653  3.601   1.00 17.48  ? 64  TYR A CA  1 
ATOM   458  C  C   . TYR A 1 64  ? -4.189  10.036  3.168   1.00 18.29  ? 64  TYR A C   1 
ATOM   459  O  O   . TYR A 1 64  ? -4.212  8.990   2.470   1.00 16.67  ? 64  TYR A O   1 
ATOM   460  C  CB  . TYR A 1 64  ? -2.094  11.220  2.426   1.00 17.94  ? 64  TYR A CB  1 
ATOM   461  C  CG  . TYR A 1 64  ? -2.930  12.222  1.696   1.00 19.75  ? 64  TYR A CG  1 
ATOM   462  C  CD1 . TYR A 1 64  ? -3.311  13.408  2.314   1.00 19.39  ? 64  TYR A CD1 1 
ATOM   463  C  CD2 . TYR A 1 64  ? -3.446  11.942  0.436   1.00 20.54  ? 64  TYR A CD2 1 
ATOM   464  C  CE1 . TYR A 1 64  ? -4.138  14.317  1.675   1.00 21.23  ? 64  TYR A CE1 1 
ATOM   465  C  CE2 . TYR A 1 64  ? -4.276  12.842  -0.209  1.00 20.98  ? 64  TYR A CE2 1 
ATOM   466  C  CZ  . TYR A 1 64  ? -4.617  14.039  0.409   1.00 21.46  ? 64  TYR A CZ  1 
ATOM   467  O  OH  . TYR A 1 64  ? -5.429  14.928  -0.231  1.00 22.27  ? 64  TYR A OH  1 
ATOM   468  N  N   . CYS A 1 65  ? -5.270  10.714  3.539   1.00 18.79  ? 65  CYS A N   1 
ATOM   469  C  CA  . CYS A 1 65  ? -6.660  10.313  3.255   1.00 18.10  ? 65  CYS A CA  1 
ATOM   470  C  C   . CYS A 1 65  ? -7.259  11.322  2.267   1.00 19.92  ? 65  CYS A C   1 
ATOM   471  O  O   . CYS A 1 65  ? -7.551  12.476  2.673   1.00 20.42  ? 65  CYS A O   1 
ATOM   472  C  CB  . CYS A 1 65  ? -7.444  10.198  4.557   1.00 19.23  ? 65  CYS A CB  1 
ATOM   473  S  SG  . CYS A 1 65  ? -9.225  9.997   4.285   1.00 18.76  ? 65  CYS A SG  1 
ATOM   474  N  N   . SER A 1 66  ? -7.345  10.950  0.984   1.00 17.93  ? 66  SER A N   1 
ATOM   475  C  CA  . SER A 1 66  ? -7.848  11.846  -0.089  1.00 20.55  ? 66  SER A CA  1 
ATOM   476  C  C   . SER A 1 66  ? -9.286  12.286  0.211   1.00 20.50  ? 66  SER A C   1 
ATOM   477  O  O   . SER A 1 66  ? -9.614  13.474  -0.019  1.00 19.87  ? 66  SER A O   1 
ATOM   478  C  CB  . SER A 1 66  ? -7.742  11.256  -1.478  1.00 23.20  ? 66  SER A CB  1 
ATOM   479  O  OG  . SER A 1 66  ? -8.484  10.048  -1.567  1.00 28.91  ? 66  SER A OG  1 
ATOM   480  N  N   . SER A 1 67  ? -10.125 11.395  0.750   1.00 19.53  ? 67  SER A N   1 
ATOM   481  C  CA  . SER A 1 67  ? -11.568 11.699  0.932   1.00 19.36  ? 67  SER A CA  1 
ATOM   482  C  C   . SER A 1 67  ? -11.786 12.711  2.074   1.00 19.58  ? 67  SER A C   1 
ATOM   483  O  O   . SER A 1 67  ? -12.939 13.136  2.239   1.00 20.17  ? 67  SER A O   1 
ATOM   484  C  CB  . SER A 1 67  ? -12.374 10.472  1.141   1.00 18.17  ? 67  SER A CB  1 
ATOM   485  O  OG  . SER A 1 67  ? -12.018 9.844   2.370   1.00 16.19  ? 67  SER A OG  1 
ATOM   486  N  N   . ARG A 1 68  ? -10.742 13.077  2.833   1.00 20.26  ? 68  ARG A N   1 
ATOM   487  C  CA  . ARG A 1 68  ? -10.786 14.155  3.868   1.00 19.55  ? 68  ARG A CA  1 
ATOM   488  C  C   . ARG A 1 68  ? -9.789  15.266  3.548   1.00 19.58  ? 68  ARG A C   1 
ATOM   489  O  O   . ARG A 1 68  ? -9.712  16.207  4.342   1.00 19.26  ? 68  ARG A O   1 
ATOM   490  C  CB  . ARG A 1 68  ? -10.550 13.568  5.255   1.00 22.61  ? 68  ARG A CB  1 
ATOM   491  C  CG  . ARG A 1 68  ? -11.644 12.605  5.676   1.00 25.06  ? 68  ARG A CG  1 
ATOM   492  C  CD  . ARG A 1 68  ? -12.884 13.373  6.134   1.00 27.70  ? 68  ARG A CD  1 
ATOM   493  N  NE  . ARG A 1 68  ? -13.907 12.432  6.566   1.00 30.22  ? 68  ARG A NE  1 
ATOM   494  C  CZ  . ARG A 1 68  ? -14.844 11.916  5.780   1.00 30.98  ? 68  ARG A CZ  1 
ATOM   495  N  NH1 . ARG A 1 68  ? -14.958 12.291  4.514   1.00 29.96  ? 68  ARG A NH1 1 
ATOM   496  N  NH2 . ARG A 1 68  ? -15.710 11.061  6.291   1.00 34.07  ? 68  ARG A NH2 1 
ATOM   497  N  N   . ARG A 1 69  ? -9.028  15.152  2.460   1.00 19.92  ? 69  ARG A N   1 
ATOM   498  C  CA  . ARG A 1 69  ? -7.865  16.038  2.192   1.00 20.91  ? 69  ARG A CA  1 
ATOM   499  C  C   . ARG A 1 69  ? -7.098  16.222  3.515   1.00 21.49  ? 69  ARG A C   1 
ATOM   500  O  O   . ARG A 1 69  ? -6.763  17.384  3.862   1.00 22.59  ? 69  ARG A O   1 
ATOM   501  C  CB  . ARG A 1 69  ? -8.360  17.349  1.556   1.00 23.20  ? 69  ARG A CB  1 
ATOM   502  C  CG  . ARG A 1 69  ? -8.878  17.191  0.130   1.00 27.29  ? 69  ARG A CG  1 
ATOM   503  C  CD  . ARG A 1 69  ? -9.182  18.517  -0.564  1.00 31.82  ? 69  ARG A CD  1 
ATOM   504  N  NE  . ARG A 1 69  ? -9.922  18.401  -1.836  1.00 35.25  ? 69  ARG A NE  1 
ATOM   505  C  CZ  . ARG A 1 69  ? -11.129 18.936  -2.105  1.00 35.67  ? 69  ARG A CZ  1 
ATOM   506  N  NH1 . ARG A 1 69  ? -11.777 19.625  -1.179  1.00 36.96  ? 69  ARG A NH1 1 
ATOM   507  N  NH2 . ARG A 1 69  ? -11.703 18.752  -3.295  1.00 31.59  ? 69  ARG A NH2 1 
ATOM   508  N  N   . LYS A 1 70  ? -6.866  15.128  4.257   1.00 23.34  ? 70  LYS A N   1 
ATOM   509  C  CA  . LYS A 1 70  ? -6.236  15.160  5.606   1.00 24.60  ? 70  LYS A CA  1 
ATOM   510  C  C   . LYS A 1 70  ? -5.159  14.090  5.762   1.00 22.75  ? 70  LYS A C   1 
ATOM   511  O  O   . LYS A 1 70  ? -5.296  12.983  5.197   1.00 23.37  ? 70  LYS A O   1 
ATOM   512  C  CB  . LYS A 1 70  ? -7.255  15.022  6.739   1.00 28.10  ? 70  LYS A CB  1 
ATOM   513  C  CG  . LYS A 1 70  ? -7.760  16.362  7.261   1.00 39.48  ? 70  LYS A CG  1 
ATOM   514  C  CD  . LYS A 1 70  ? -8.059  16.427  8.748   1.00 45.18  ? 70  LYS A CD  1 
ATOM   515  C  CE  . LYS A 1 70  ? -8.778  17.713  9.128   1.00 54.66  ? 70  LYS A CE  1 
ATOM   516  N  NZ  . LYS A 1 70  ? -9.966  17.970  8.272   1.00 57.00  ? 70  LYS A NZ  1 
ATOM   517  N  N   . HIS A 1 71  ? -4.142  14.433  6.544   1.00 20.06  ? 71  HIS A N   1 
ATOM   518  C  CA  . HIS A 1 71  ? -3.071  13.523  7.022   1.00 18.90  ? 71  HIS A CA  1 
ATOM   519  C  C   . HIS A 1 71  ? -3.372  13.153  8.470   1.00 21.41  ? 71  HIS A C   1 
ATOM   520  O  O   . HIS A 1 71  ? -3.641  14.048  9.319   1.00 22.57  ? 71  HIS A O   1 
ATOM   521  C  CB  . HIS A 1 71  ? -1.692  14.180  6.860   1.00 19.46  ? 71  HIS A CB  1 
ATOM   522  C  CG  . HIS A 1 71  ? -1.366  14.633  5.484   1.00 21.09  ? 71  HIS A CG  1 
ATOM   523  N  ND1 . HIS A 1 71  ? -0.450  13.966  4.668   1.00 21.31  ? 71  HIS A ND1 1 
ATOM   524  C  CD2 . HIS A 1 71  ? -1.835  15.665  4.758   1.00 20.27  ? 71  HIS A CD2 1 
ATOM   525  C  CE1 . HIS A 1 71  ? -0.392  14.578  3.498   1.00 20.57  ? 71  HIS A CE1 1 
ATOM   526  N  NE2 . HIS A 1 71  ? -1.230  15.624  3.523   1.00 21.90  ? 71  HIS A NE2 1 
ATOM   527  N  N   . TYR A 1 72  ? -3.376  11.867  8.756   1.00 19.39  ? 72  TYR A N   1 
ATOM   528  C  CA  . TYR A 1 72  ? -3.763  11.356  10.075  1.00 19.02  ? 72  TYR A CA  1 
ATOM   529  C  C   . TYR A 1 72  ? -2.626  10.549  10.662  1.00 21.27  ? 72  TYR A C   1 
ATOM   530  O  O   . TYR A 1 72  ? -2.113  9.631   10.038  1.00 22.73  ? 72  TYR A O   1 
ATOM   531  C  CB  . TYR A 1 72  ? -4.968  10.433  10.002  1.00 20.20  ? 72  TYR A CB  1 
ATOM   532  C  CG  . TYR A 1 72  ? -6.236  11.125  9.588   1.00 19.51  ? 72  TYR A CG  1 
ATOM   533  C  CD1 . TYR A 1 72  ? -6.893  11.977  10.458  1.00 21.86  ? 72  TYR A CD1 1 
ATOM   534  C  CD2 . TYR A 1 72  ? -6.819  10.831  8.385   1.00 20.35  ? 72  TYR A CD2 1 
ATOM   535  C  CE1 . TYR A 1 72  ? -8.098  12.564  10.105  1.00 21.56  ? 72  TYR A CE1 1 
ATOM   536  C  CE2 . TYR A 1 72  ? -8.021  11.404  8.015   1.00 21.19  ? 72  TYR A CE2 1 
ATOM   537  C  CZ  . TYR A 1 72  ? -8.661  12.266  8.877   1.00 21.93  ? 72  TYR A CZ  1 
ATOM   538  O  OH  . TYR A 1 72  ? -9.833  12.840  8.487   1.00 22.51  ? 72  TYR A OH  1 
ATOM   539  N  N   . PRO A 1 73  ? -2.244  10.894  11.896  1.00 20.62  ? 73  PRO A N   1 
ATOM   540  C  CA  . PRO A 1 73  ? -1.297  10.103  12.664  1.00 19.53  ? 73  PRO A CA  1 
ATOM   541  C  C   . PRO A 1 73  ? -2.061  8.877   13.180  1.00 20.50  ? 73  PRO A C   1 
ATOM   542  O  O   . PRO A 1 73  ? -3.164  9.033   13.646  1.00 19.50  ? 73  PRO A O   1 
ATOM   543  C  CB  . PRO A 1 73  ? -0.843  11.089  13.762  1.00 20.69  ? 73  PRO A CB  1 
ATOM   544  C  CG  . PRO A 1 73  ? -2.033  11.984  13.957  1.00 21.11  ? 73  PRO A CG  1 
ATOM   545  C  CD  . PRO A 1 73  ? -2.630  12.149  12.570  1.00 21.05  ? 73  PRO A CD  1 
ATOM   546  N  N   . VAL A 1 74  ? -1.483  7.684   13.010  1.00 20.04  ? 74  VAL A N   1 
ATOM   547  C  CA  . VAL A 1 74  ? -2.144  6.385   13.340  1.00 20.63  ? 74  VAL A CA  1 
ATOM   548  C  C   . VAL A 1 74  ? -1.160  5.435   14.011  1.00 19.80  ? 74  VAL A C   1 
ATOM   549  O  O   . VAL A 1 74  ? 0.050   5.465   13.677  1.00 20.19  ? 74  VAL A O   1 
ATOM   550  C  CB  . VAL A 1 74  ? -2.770  5.709   12.105  1.00 20.01  ? 74  VAL A CB  1 
ATOM   551  C  CG1 . VAL A 1 74  ? -4.048  6.405   11.616  1.00 20.11  ? 74  VAL A CG1 1 
ATOM   552  C  CG2 . VAL A 1 74  ? -1.783  5.592   10.957  1.00 20.89  ? 74  VAL A CG2 1 
ATOM   553  N  N   . SER A 1 75  ? -1.708  4.607   14.911  1.00 20.00  ? 75  SER A N   1 
ATOM   554  C  CA  . SER A 1 75  ? -1.155  3.294   15.330  1.00 20.13  ? 75  SER A CA  1 
ATOM   555  C  C   . SER A 1 75  ? -1.720  2.214   14.407  1.00 21.51  ? 75  SER A C   1 
ATOM   556  O  O   . SER A 1 75  ? -2.900  2.315   14.018  1.00 23.00  ? 75  SER A O   1 
ATOM   557  C  CB  . SER A 1 75  ? -1.459  2.972   16.785  1.00 20.66  ? 75  SER A CB  1 
ATOM   558  O  OG  . SER A 1 75  ? -0.971  4.005   17.605  1.00 26.02  ? 75  SER A OG  1 
ATOM   559  N  N   . PHE A 1 76  ? -0.884  1.274   13.977  1.00 18.71  ? 76  PHE A N   1 
ATOM   560  C  CA  . PHE A 1 76  ? -1.314  0.189   13.067  1.00 18.85  ? 76  PHE A CA  1 
ATOM   561  C  C   . PHE A 1 76  ? -0.733  -1.132  13.539  1.00 19.76  ? 76  PHE A C   1 
ATOM   562  O  O   . PHE A 1 76  ? 0.335   -1.156  14.195  1.00 21.26  ? 76  PHE A O   1 
ATOM   563  C  CB  . PHE A 1 76  ? -0.983  0.456   11.595  1.00 19.52  ? 76  PHE A CB  1 
ATOM   564  C  CG  . PHE A 1 76  ? 0.449   0.842   11.308  1.00 19.22  ? 76  PHE A CG  1 
ATOM   565  C  CD1 . PHE A 1 76  ? 0.838   2.162   11.324  1.00 18.77  ? 76  PHE A CD1 1 
ATOM   566  C  CD2 . PHE A 1 76  ? 1.391   -0.127  11.006  1.00 20.11  ? 76  PHE A CD2 1 
ATOM   567  C  CE1 . PHE A 1 76  ? 2.155   2.522   11.073  1.00 18.73  ? 76  PHE A CE1 1 
ATOM   568  C  CE2 . PHE A 1 76  ? 2.697   0.230   10.729  1.00 18.68  ? 76  PHE A CE2 1 
ATOM   569  C  CZ  . PHE A 1 76  ? 3.083   1.556   10.775  1.00 20.83  ? 76  PHE A CZ  1 
ATOM   570  N  N   . SER A 1 77  ? -1.458  -2.196  13.241  1.00 20.30  ? 77  SER A N   1 
ATOM   571  C  CA  . SER A 1 77  ? -1.047  -3.574  13.579  1.00 21.11  ? 77  SER A CA  1 
ATOM   572  C  C   . SER A 1 77  ? 0.071   -4.000  12.619  1.00 21.15  ? 77  SER A C   1 
ATOM   573  O  O   . SER A 1 77  ? 0.187   -3.435  11.508  1.00 20.54  ? 77  SER A O   1 
ATOM   574  C  CB  . SER A 1 77  ? -2.214  -4.506  13.541  1.00 23.09  ? 77  SER A CB  1 
ATOM   575  O  OG  . SER A 1 77  ? -2.787  -4.469  12.258  1.00 24.37  ? 77  SER A OG  1 
ATOM   576  N  N   . LYS A 1 78  ? 0.914   -4.924  13.070  1.00 20.86  ? 78  LYS A N   1 
ATOM   577  C  CA  . LYS A 1 78  ? 1.995   -5.523  12.255  1.00 21.96  ? 78  LYS A CA  1 
ATOM   578  C  C   . LYS A 1 78  ? 1.356   -6.251  11.083  1.00 21.83  ? 78  LYS A C   1 
ATOM   579  O  O   . LYS A 1 78  ? 0.238   -6.746  11.185  1.00 19.70  ? 78  LYS A O   1 
ATOM   580  C  CB  . LYS A 1 78  ? 2.858   -6.436  13.139  1.00 23.44  ? 78  LYS A CB  1 
ATOM   581  C  CG  . LYS A 1 78  ? 3.679   -5.688  14.179  1.00 26.02  ? 78  LYS A CG  1 
ATOM   582  C  CD  . LYS A 1 78  ? 4.533   -6.579  15.094  1.00 29.09  ? 78  LYS A CD  1 
ATOM   583  C  CE  . LYS A 1 78  ? 5.562   -5.774  15.857  1.00 33.39  ? 78  LYS A CE  1 
ATOM   584  N  NZ  . LYS A 1 78  ? 6.435   -6.639  16.693  1.00 36.17  ? 78  LYS A NZ  1 
ATOM   585  N  N   . PRO A 1 79  ? 2.038   -6.310  9.913   1.00 22.87  ? 79  PRO A N   1 
ATOM   586  C  CA  . PRO A 1 79  ? 1.448   -6.943  8.734   1.00 22.40  ? 79  PRO A CA  1 
ATOM   587  C  C   . PRO A 1 79  ? 1.047   -8.393  9.054   1.00 23.51  ? 79  PRO A C   1 
ATOM   588  O  O   . PRO A 1 79  ? 1.840   -9.120  9.659   1.00 25.46  ? 79  PRO A O   1 
ATOM   589  C  CB  . PRO A 1 79  ? 2.567   -6.904  7.680   1.00 23.69  ? 79  PRO A CB  1 
ATOM   590  C  CG  . PRO A 1 79  ? 3.542   -5.858  8.170   1.00 25.25  ? 79  PRO A CG  1 
ATOM   591  C  CD  . PRO A 1 79  ? 3.389   -5.790  9.682   1.00 23.43  ? 79  PRO A CD  1 
ATOM   592  N  N   A SER A 1 80  ? -0.169  -8.786  8.669   0.25 24.02  ? 80  SER A N   1 
ATOM   593  N  N   B SER A 1 80  ? -0.151  -8.799  8.641   0.25 24.23  ? 80  SER A N   1 
ATOM   594  C  CA  A SER A 1 80  ? -0.805  -10.080 9.033   0.25 25.54  ? 80  SER A CA  1 
ATOM   595  C  CA  B SER A 1 80  ? -0.746  -10.115 8.989   0.25 25.94  ? 80  SER A CA  1 
ATOM   596  C  C   A SER A 1 80  ? -1.733  -10.542 7.910   0.25 25.12  ? 80  SER A C   1 
ATOM   597  C  C   B SER A 1 80  ? -1.746  -10.537 7.914   0.25 25.37  ? 80  SER A C   1 
ATOM   598  O  O   A SER A 1 80  ? -1.940  -9.772  6.953   0.25 24.54  ? 80  SER A O   1 
ATOM   599  O  O   B SER A 1 80  ? -1.998  -9.743  6.988   0.25 24.76  ? 80  SER A O   1 
ATOM   600  C  CB  A SER A 1 80  ? -1.583  -9.982  10.328  0.25 26.74  ? 80  SER A CB  1 
ATOM   601  C  CB  B SER A 1 80  ? -1.397  -10.073 10.350  0.25 27.48  ? 80  SER A CB  1 
ATOM   602  O  OG  A SER A 1 80  ? -1.422  -8.710  10.930  0.25 31.58  ? 80  SER A OG  1 
ATOM   603  O  OG  B SER A 1 80  ? -0.749  -9.127  11.195  0.25 32.23  ? 80  SER A OG  1 
ATOM   604  N  N   . LEU A 1 81  ? -2.294  -11.746 8.067   1.00 26.18  ? 81  LEU A N   1 
ATOM   605  C  CA  . LEU A 1 81  ? -3.306  -12.356 7.173   1.00 26.94  ? 81  LEU A CA  1 
ATOM   606  C  C   . LEU A 1 81  ? -4.686  -12.028 7.754   1.00 29.17  ? 81  LEU A C   1 
ATOM   607  O  O   . LEU A 1 81  ? -4.985  -12.487 8.878   1.00 32.36  ? 81  LEU A O   1 
ATOM   608  C  CB  . LEU A 1 81  ? -3.036  -13.863 7.126   1.00 31.41  ? 81  LEU A CB  1 
ATOM   609  C  CG  . LEU A 1 81  ? -3.882  -14.687 6.150   1.00 32.08  ? 81  LEU A CG  1 
ATOM   610  C  CD1 . LEU A 1 81  ? -3.652  -14.255 4.707   1.00 30.93  ? 81  LEU A CD1 1 
ATOM   611  C  CD2 . LEU A 1 81  ? -3.594  -16.176 6.303   1.00 33.15  ? 81  LEU A CD2 1 
ATOM   612  N  N   . ILE A 1 82  ? -5.457  -11.201 7.049   1.00 28.51  ? 82  ILE A N   1 
ATOM   613  C  CA  . ILE A 1 82  ? -6.699  -10.548 7.556   1.00 31.29  ? 82  ILE A CA  1 
ATOM   614  C  C   . ILE A 1 82  ? -7.864  -10.875 6.622   1.00 30.50  ? 82  ILE A C   1 
ATOM   615  O  O   . ILE A 1 82  ? -7.738  -10.634 5.393   1.00 24.55  ? 82  ILE A O   1 
ATOM   616  C  CB  . ILE A 1 82  ? -6.496  -9.024  7.638   1.00 32.71  ? 82  ILE A CB  1 
ATOM   617  C  CG1 . ILE A 1 82  ? -5.322  -8.650  8.546   1.00 32.85  ? 82  ILE A CG1 1 
ATOM   618  C  CG2 . ILE A 1 82  ? -7.789  -8.332  8.045   1.00 33.60  ? 82  ILE A CG2 1 
ATOM   619  C  CD1 . ILE A 1 82  ? -5.450  -9.174  9.949   1.00 36.70  ? 82  ILE A CD1 1 
ATOM   620  N  N   . PHE A 1 83  ? -8.997  -11.217 7.180   0.50 29.36  ? 83  PHE A N   1 
ATOM   621  C  CA  . PHE A 1 83  ? -10.079 -11.417 6.209   0.50 31.63  ? 83  PHE A CA  1 
ATOM   622  C  C   . PHE A 1 83  ? -10.648 -10.053 5.853   0.50 31.56  ? 83  PHE A C   1 
ATOM   623  O  O   . PHE A 1 83  ? -10.792 -9.155  6.638   0.50 35.96  ? 83  PHE A O   1 
ATOM   624  C  CB  . PHE A 1 83  ? -11.057 -12.444 6.767   0.50 35.87  ? 83  PHE A CB  1 
ATOM   625  C  CG  . PHE A 1 83  ? -12.127 -12.778 5.772   0.50 36.53  ? 83  PHE A CG  1 
ATOM   626  C  CD1 . PHE A 1 83  ? -11.882 -13.665 4.733   0.50 37.40  ? 83  PHE A CD1 1 
ATOM   627  C  CD2 . PHE A 1 83  ? -13.337 -12.111 5.839   0.50 39.72  ? 83  PHE A CD2 1 
ATOM   628  C  CE1 . PHE A 1 83  ? -12.902 -13.939 3.838   0.50 39.04  ? 83  PHE A CE1 1 
ATOM   629  C  CE2 . PHE A 1 83  ? -14.332 -12.370 4.919   0.50 38.72  ? 83  PHE A CE2 1 
ATOM   630  C  CZ  . PHE A 1 83  ? -14.089 -13.266 3.914   0.50 38.02  ? 83  PHE A CZ  1 
ATOM   631  N  N   . VAL A 1 84  ? -11.006 -9.960  4.619   0.50 28.45  ? 84  VAL A N   1 
ATOM   632  C  CA  . VAL A 1 84  ? -11.479 -8.642  4.191   0.50 28.09  ? 84  VAL A CA  1 
ATOM   633  C  C   . VAL A 1 84  ? -12.755 -8.871  3.424   0.50 30.03  ? 84  VAL A C   1 
ATOM   634  O  O   . VAL A 1 84  ? -12.705 -9.492  2.398   0.50 31.78  ? 84  VAL A O   1 
ATOM   635  C  CB  . VAL A 1 84  ? -10.434 -8.030  3.248   0.50 27.44  ? 84  VAL A CB  1 
ATOM   636  C  CG1 . VAL A 1 84  ? -10.982 -6.846  2.517   0.50 28.41  ? 84  VAL A CG1 1 
ATOM   637  C  CG2 . VAL A 1 84  ? -9.148  -7.658  3.936   0.50 26.29  ? 84  VAL A CG2 1 
ATOM   638  N  N   . GLU A 1 85  ? -13.807 -8.218  3.848   0.50 30.48  ? 85  GLU A N   1 
ATOM   639  C  CA  . GLU A 1 85  ? -15.092 -8.376  3.145   0.50 32.52  ? 85  GLU A CA  1 
ATOM   640  C  C   . GLU A 1 85  ? -14.971 -7.954  1.699   0.50 31.63  ? 85  GLU A C   1 
ATOM   641  O  O   . GLU A 1 85  ? -14.249 -6.986  1.439   0.50 28.84  ? 85  GLU A O   1 
ATOM   642  C  CB  . GLU A 1 85  ? -16.006 -7.233  3.515   0.50 34.04  ? 85  GLU A CB  1 
ATOM   643  C  CG  . GLU A 1 85  ? -16.609 -7.515  4.817   0.50 35.45  ? 85  GLU A CG  1 
ATOM   644  C  CD  . GLU A 1 85  ? -17.047 -8.956  5.017   0.50 41.25  ? 85  GLU A CD  1 
ATOM   645  O  OE1 . GLU A 1 85  ? -18.015 -9.375  4.352   0.50 41.18  ? 85  GLU A OE1 1 
ATOM   646  O  OE2 . GLU A 1 85  ? -16.420 -9.654  5.837   0.50 43.16  ? 85  GLU A OE2 1 
ATOM   647  N  N   . ALA A 1 86  ? -15.888 -8.484  0.882   0.50 33.98  ? 86  ALA A N   1 
ATOM   648  C  CA  . ALA A 1 86  ? -15.993 -8.177  -0.561  0.50 34.45  ? 86  ALA A CA  1 
ATOM   649  C  C   . ALA A 1 86  ? -16.068 -6.682  -0.817  0.50 35.72  ? 86  ALA A C   1 
ATOM   650  O  O   . ALA A 1 86  ? -16.667 -5.941  -0.055  0.50 33.95  ? 86  ALA A O   1 
ATOM   651  C  CB  . ALA A 1 86  ? -17.193 -8.831  -1.180  0.50 32.43  ? 86  ALA A CB  1 
ATOM   652  N  N   . SER A 1 87  ? -15.475 -6.302  -1.937  0.50 37.43  ? 87  SER A N   1 
ATOM   653  C  CA  . SER A 1 87  ? -15.455 -4.919  -2.441  0.50 41.08  ? 87  SER A CA  1 
ATOM   654  C  C   . SER A 1 87  ? -15.807 -4.950  -3.939  0.50 43.96  ? 87  SER A C   1 
ATOM   655  O  O   . SER A 1 87  ? -16.210 -5.978  -4.439  0.50 41.07  ? 87  SER A O   1 
ATOM   656  C  CB  . SER A 1 87  ? -14.084 -4.332  -2.178  0.50 40.84  ? 87  SER A CB  1 
ATOM   657  O  OG  . SER A 1 87  ? -13.076 -5.025  -2.880  0.50 37.86  ? 87  SER A OG  1 
ATOM   658  N  N   . GLU A 1 88  ? -15.507 -3.896  -4.659  0.50 56.07  ? 88  GLU A N   1 
ATOM   659  C  CA  . GLU A 1 88  ? -15.827 -3.859  -6.103  0.50 62.36  ? 88  GLU A CA  1 
ATOM   660  C  C   . GLU A 1 88  ? -14.772 -4.611  -6.930  0.50 63.28  ? 88  GLU A C   1 
ATOM   661  O  O   . GLU A 1 88  ? -15.106 -5.095  -7.985  0.50 57.38  ? 88  GLU A O   1 
ATOM   662  C  CB  . GLU A 1 88  ? -16.124 -2.411  -6.463  0.50 72.31  ? 88  GLU A CB  1 
ATOM   663  C  CG  . GLU A 1 88  ? -16.139 -2.187  -7.938  0.50 76.89  ? 88  GLU A CG  1 
ATOM   664  C  CD  . GLU A 1 88  ? -15.744 -0.814  -8.466  0.50 79.05  ? 88  GLU A CD  1 
ATOM   665  O  OE1 . GLU A 1 88  ? -15.760 0.153   -7.693  0.50 86.78  ? 88  GLU A OE1 1 
ATOM   666  O  OE2 . GLU A 1 88  ? -15.404 -0.735  -9.677  0.50 79.20  ? 88  GLU A OE2 1 
ATOM   667  N  N   . TYR A 1 89  ? -13.611 -4.869  -6.341  0.50 64.39  ? 89  TYR A N   1 
ATOM   668  C  CA  . TYR A 1 89  ? -12.476 -5.519  -7.036  0.50 61.30  ? 89  TYR A CA  1 
ATOM   669  C  C   . TYR A 1 89  ? -12.127 -6.875  -6.467  0.50 55.95  ? 89  TYR A C   1 
ATOM   670  O  O   . TYR A 1 89  ? -11.379 -7.540  -7.171  0.50 53.58  ? 89  TYR A O   1 
ATOM   671  C  CB  . TYR A 1 89  ? -11.231 -4.691  -6.784  0.50 63.89  ? 89  TYR A CB  1 
ATOM   672  C  CG  . TYR A 1 89  ? -11.467 -3.295  -7.269  0.50 66.94  ? 89  TYR A CG  1 
ATOM   673  C  CD1 . TYR A 1 89  ? -11.308 -2.936  -8.594  0.50 69.18  ? 89  TYR A CD1 1 
ATOM   674  C  CD2 . TYR A 1 89  ? -11.917 -2.358  -6.369  0.50 63.35  ? 89  TYR A CD2 1 
ATOM   675  C  CE1 . TYR A 1 89  ? -11.576 -1.637  -8.991  0.50 61.39  ? 89  TYR A CE1 1 
ATOM   676  C  CE2 . TYR A 1 89  ? -12.162 -1.055  -6.730  0.50 65.90  ? 89  TYR A CE2 1 
ATOM   677  C  CZ  . TYR A 1 89  ? -11.981 -0.703  -8.048  0.50 68.60  ? 89  TYR A CZ  1 
ATOM   678  O  OH  . TYR A 1 89  ? -12.255 0.587   -8.307  0.50 72.40  ? 89  TYR A OH  1 
ATOM   679  N  N   . TYR A 1 90  ? -12.474 -7.175  -5.231  0.50 49.70  ? 90  TYR A N   1 
ATOM   680  C  CA  . TYR A 1 90  ? -12.186 -8.544  -4.810  0.50 42.16  ? 90  TYR A CA  1 
ATOM   681  C  C   . TYR A 1 90  ? -13.379 -9.033  -4.014  0.50 42.68  ? 90  TYR A C   1 
ATOM   682  O  O   . TYR A 1 90  ? -14.170 -8.256  -3.547  0.50 46.00  ? 90  TYR A O   1 
ATOM   683  C  CB  . TYR A 1 90  ? -10.950 -8.629  -3.918  0.50 41.65  ? 90  TYR A CB  1 
ATOM   684  C  CG  . TYR A 1 90  ? -9.645  -8.091  -4.436  0.50 36.11  ? 90  TYR A CG  1 
ATOM   685  C  CD1 . TYR A 1 90  ? -8.916  -8.753  -5.404  0.50 34.61  ? 90  TYR A CD1 1 
ATOM   686  C  CD2 . TYR A 1 90  ? -9.130  -6.912  -3.923  0.50 30.85  ? 90  TYR A CD2 1 
ATOM   687  C  CE1 . TYR A 1 90  ? -7.741  -8.213  -5.899  0.50 31.92  ? 90  TYR A CE1 1 
ATOM   688  C  CE2 . TYR A 1 90  ? -7.921  -6.413  -4.343  0.50 27.81  ? 90  TYR A CE2 1 
ATOM   689  C  CZ  . TYR A 1 90  ? -7.221  -7.065  -5.337  0.50 29.75  ? 90  TYR A CZ  1 
ATOM   690  O  OH  . TYR A 1 90  ? -6.084  -6.493  -5.783  0.50 22.83  ? 90  TYR A OH  1 
ATOM   691  N  N   . PRO A 1 91  ? -13.571 -10.342 -4.069  0.50 39.47  ? 91  PRO A N   1 
ATOM   692  C  CA  . PRO A 1 91  ? -14.557 -11.023 -3.258  0.50 40.57  ? 91  PRO A CA  1 
ATOM   693  C  C   . PRO A 1 91  ? -13.944 -11.208 -1.864  0.50 37.99  ? 91  PRO A C   1 
ATOM   694  O  O   . PRO A 1 91  ? -12.754 -11.161 -1.699  0.50 37.30  ? 91  PRO A O   1 
ATOM   695  C  CB  . PRO A 1 91  ? -14.645 -12.369 -3.970  0.50 42.83  ? 91  PRO A CB  1 
ATOM   696  C  CG  . PRO A 1 91  ? -13.253 -12.573 -4.504  0.50 44.04  ? 91  PRO A CG  1 
ATOM   697  C  CD  . PRO A 1 91  ? -12.831 -11.202 -4.964  0.50 42.51  ? 91  PRO A CD  1 
ATOM   698  N  N   . ALA A 1 92  ? -14.797 -11.464 -0.883  0.50 35.15  ? 92  ALA A N   1 
ATOM   699  C  CA  . ALA A 1 92  ? -14.434 -11.675 0.527   0.50 33.48  ? 92  ALA A CA  1 
ATOM   700  C  C   . ALA A 1 92  ? -13.352 -12.752 0.554   0.50 34.74  ? 92  ALA A C   1 
ATOM   701  O  O   . ALA A 1 92  ? -13.499 -13.805 -0.059  0.50 34.15  ? 92  ALA A O   1 
ATOM   702  C  CB  . ALA A 1 92  ? -15.689 -11.989 1.261   0.50 32.74  ? 92  ALA A CB  1 
ATOM   703  N  N   . ARG A 1 93  ? -12.272 -12.407 1.216   1.00 30.95  ? 93  ARG A N   1 
ATOM   704  C  CA  . ARG A 1 93  ? -11.033 -13.203 1.091   1.00 30.90  ? 93  ARG A CA  1 
ATOM   705  C  C   . ARG A 1 93  ? -10.021 -12.770 2.156   1.00 29.64  ? 93  ARG A C   1 
ATOM   706  O  O   . ARG A 1 93  ? -10.190 -11.684 2.724   1.00 30.09  ? 93  ARG A O   1 
ATOM   707  C  CB  . ARG A 1 93  ? -10.485 -12.981 -0.320  1.00 35.31  ? 93  ARG A CB  1 
ATOM   708  C  CG  . ARG A 1 93  ? -9.930  -11.579 -0.521  1.00 38.55  ? 93  ARG A CG  1 
ATOM   709  C  CD  . ARG A 1 93  ? -9.408  -11.335 -1.918  1.00 37.73  ? 93  ARG A CD  1 
ATOM   710  N  NE  . ARG A 1 93  ? -8.497  -10.212 -1.810  1.00 39.00  ? 93  ARG A NE  1 
ATOM   711  C  CZ  . ARG A 1 93  ? -7.418  -10.007 -2.541  1.00 41.71  ? 93  ARG A CZ  1 
ATOM   712  N  NH1 . ARG A 1 93  ? -7.067  -10.872 -3.485  1.00 46.90  ? 93  ARG A NH1 1 
ATOM   713  N  NH2 . ARG A 1 93  ? -6.700  -8.913  -2.312  1.00 37.75  ? 93  ARG A NH2 1 
ATOM   714  N  N   . TYR A 1 94  ? -9.020  -13.610 2.418   1.00 29.08  ? 94  TYR A N   1 
ATOM   715  C  CA  . TYR A 1 94  ? -7.850  -13.286 3.261   1.00 28.92  ? 94  TYR A CA  1 
ATOM   716  C  C   . TYR A 1 94  ? -6.863  -12.477 2.418   1.00 26.97  ? 94  TYR A C   1 
ATOM   717  O  O   . TYR A 1 94  ? -6.452  -12.924 1.326   1.00 27.17  ? 94  TYR A O   1 
ATOM   718  C  CB  . TYR A 1 94  ? -7.257  -14.558 3.868   1.00 33.81  ? 94  TYR A CB  1 
ATOM   719  C  CG  . TYR A 1 94  ? -8.138  -15.134 4.949   1.00 35.77  ? 94  TYR A CG  1 
ATOM   720  C  CD1 . TYR A 1 94  ? -8.018  -14.705 6.258   1.00 34.33  ? 94  TYR A CD1 1 
ATOM   721  C  CD2 . TYR A 1 94  ? -9.142  -16.042 4.650   1.00 35.30  ? 94  TYR A CD2 1 
ATOM   722  C  CE1 . TYR A 1 94  ? -8.841  -15.191 7.259   1.00 35.59  ? 94  TYR A CE1 1 
ATOM   723  C  CE2 . TYR A 1 94  ? -9.974  -16.544 5.641   1.00 35.71  ? 94  TYR A CE2 1 
ATOM   724  C  CZ  . TYR A 1 94  ? -9.814  -16.125 6.952   1.00 37.69  ? 94  TYR A CZ  1 
ATOM   725  O  OH  . TYR A 1 94  ? -10.622 -16.624 7.932   1.00 38.50  ? 94  TYR A OH  1 
ATOM   726  N  N   . GLN A 1 95  ? -6.552  -11.272 2.886   1.00 24.88  ? 95  GLN A N   1 
ATOM   727  C  CA  . GLN A 1 95  ? -5.474  -10.442 2.314   1.00 24.35  ? 95  GLN A CA  1 
ATOM   728  C  C   . GLN A 1 95  ? -4.262  -10.598 3.227   1.00 24.38  ? 95  GLN A C   1 
ATOM   729  O  O   . GLN A 1 95  ? -4.431  -10.490 4.487   1.00 23.72  ? 95  GLN A O   1 
ATOM   730  C  CB  . GLN A 1 95  ? -5.909  -8.987  2.209   1.00 25.75  ? 95  GLN A CB  1 
ATOM   731  C  CG  . GLN A 1 95  ? -4.851  -8.091  1.568   1.00 25.92  ? 95  GLN A CG  1 
ATOM   732  C  CD  . GLN A 1 95  ? -5.449  -6.831  0.996   1.00 26.66  ? 95  GLN A CD  1 
ATOM   733  O  OE1 . GLN A 1 95  ? -6.615  -6.792  0.629   1.00 28.77  ? 95  GLN A OE1 1 
ATOM   734  N  NE2 . GLN A 1 95  ? -4.647  -5.785  0.901   1.00 24.96  ? 95  GLN A NE2 1 
ATOM   735  N  N   . SER A 1 96  ? -3.090  -10.794 2.631   1.00 23.44  ? 96  SER A N   1 
ATOM   736  C  CA  . SER A 1 96  ? -1.825  -10.977 3.378   1.00 22.37  ? 96  SER A CA  1 
ATOM   737  C  C   . SER A 1 96  ? -1.073  -9.646  3.469   1.00 21.40  ? 96  SER A C   1 
ATOM   738  O  O   . SER A 1 96  ? -1.341  -8.747  2.653   1.00 20.04  ? 96  SER A O   1 
ATOM   739  C  CB  . SER A 1 96  ? -0.982  -12.042 2.738   1.00 21.60  ? 96  SER A CB  1 
ATOM   740  O  OG  . SER A 1 96  ? -0.640  -11.668 1.421   1.00 21.94  ? 96  SER A OG  1 
ATOM   741  N  N   . HIS A 1 97  ? -0.173  -9.547  4.431   1.00 19.43  ? 97  HIS A N   1 
ATOM   742  C  CA  . HIS A 1 97  ? 0.765   -8.404  4.610   1.00 20.43  ? 97  HIS A CA  1 
ATOM   743  C  C   . HIS A 1 97  ? -0.052  -7.113  4.810   1.00 20.09  ? 97  HIS A C   1 
ATOM   744  O  O   . HIS A 1 97  ? 0.371   -6.049  4.340   1.00 20.97  ? 97  HIS A O   1 
ATOM   745  C  CB  . HIS A 1 97  ? 1.756   -8.350  3.442   1.00 21.68  ? 97  HIS A CB  1 
ATOM   746  C  CG  . HIS A 1 97  ? 2.625   -9.562  3.325   1.00 22.23  ? 97  HIS A CG  1 
ATOM   747  N  ND1 . HIS A 1 97  ? 3.915   -9.641  3.858   1.00 22.29  ? 97  HIS A ND1 1 
ATOM   748  C  CD2 . HIS A 1 97  ? 2.394   -10.760 2.738   1.00 23.35  ? 97  HIS A CD2 1 
ATOM   749  C  CE1 . HIS A 1 97  ? 4.424   -10.833 3.562   1.00 22.18  ? 97  HIS A CE1 1 
ATOM   750  N  NE2 . HIS A 1 97  ? 3.497   -11.548 2.934   1.00 21.70  ? 97  HIS A NE2 1 
ATOM   751  N  N   . LEU A 1 98  ? -1.193  -7.235  5.475   1.00 21.06  ? 98  LEU A N   1 
ATOM   752  C  CA  . LEU A 1 98  ? -2.124  -6.105  5.707   1.00 21.76  ? 98  LEU A CA  1 
ATOM   753  C  C   . LEU A 1 98  ? -1.965  -5.601  7.152   1.00 20.87  ? 98  LEU A C   1 
ATOM   754  O  O   . LEU A 1 98  ? -1.965  -6.393  8.142   1.00 20.44  ? 98  LEU A O   1 
ATOM   755  C  CB  . LEU A 1 98  ? -3.555  -6.539  5.375   1.00 23.10  ? 98  LEU A CB  1 
ATOM   756  C  CG  . LEU A 1 98  ? -4.603  -5.429  5.372   1.00 22.03  ? 98  LEU A CG  1 
ATOM   757  C  CD1 . LEU A 1 98  ? -4.408  -4.502  4.197   1.00 21.88  ? 98  LEU A CD1 1 
ATOM   758  C  CD2 . LEU A 1 98  ? -5.994  -6.037  5.319   1.00 22.58  ? 98  LEU A CD2 1 
ATOM   759  N  N   . MET A 1 99  ? -1.913  -4.280  7.287   1.00 19.98  ? 99  MET A N   1 
ATOM   760  C  CA  . MET A 1 99  ? -1.802  -3.583  8.587   1.00 18.96  ? 99  MET A CA  1 
ATOM   761  C  C   . MET A 1 99  ? -3.091  -2.780  8.786   1.00 18.60  ? 99  MET A C   1 
ATOM   762  O  O   . MET A 1 99  ? -3.502  -2.137  7.816   1.00 19.45  ? 99  MET A O   1 
ATOM   763  C  CB  . MET A 1 99  ? -0.603  -2.633  8.561   1.00 19.58  ? 99  MET A CB  1 
ATOM   764  C  CG  . MET A 1 99  ? 0.721   -3.372  8.295   1.00 20.27  ? 99  MET A CG  1 
ATOM   765  S  SD  . MET A 1 99  ? 2.049   -2.226  7.964   1.00 19.87  ? 99  MET A SD  1 
ATOM   766  C  CE  . MET A 1 99  ? 1.663   -1.540  6.352   1.00 17.80  ? 99  MET A CE  1 
ATOM   767  N  N   . LEU A 1 100 ? -3.746  -2.891  9.954   1.00 19.96  ? 100 LEU A N   1 
ATOM   768  C  CA  . LEU A 1 100 ? -5.016  -2.169  10.231  1.00 18.42  ? 100 LEU A CA  1 
ATOM   769  C  C   . LEU A 1 100 ? -4.750  -0.981  11.160  1.00 17.61  ? 100 LEU A C   1 
ATOM   770  O  O   . LEU A 1 100 ? -3.902  -1.060  12.063  1.00 18.97  ? 100 LEU A O   1 
ATOM   771  C  CB  . LEU A 1 100 ? -6.024  -3.155  10.829  1.00 21.99  ? 100 LEU A CB  1 
ATOM   772  C  CG  . LEU A 1 100 ? -6.482  -4.248  9.877   1.00 25.14  ? 100 LEU A CG  1 
ATOM   773  C  CD1 . LEU A 1 100 ? -7.425  -5.199  10.587  1.00 28.52  ? 100 LEU A CD1 1 
ATOM   774  C  CD2 . LEU A 1 100 ? -7.135  -3.655  8.646   1.00 25.83  ? 100 LEU A CD2 1 
ATOM   775  N  N   . ALA A 1 101 ? -5.511  0.093   10.976  1.00 19.08  ? 101 ALA A N   1 
ATOM   776  C  CA  . ALA A 1 101 ? -5.563  1.221   11.914  1.00 18.00  ? 101 ALA A CA  1 
ATOM   777  C  C   . ALA A 1 101 ? -7.004  1.724   11.990  1.00 19.00  ? 101 ALA A C   1 
ATOM   778  O  O   . ALA A 1 101 ? -7.805  1.455   11.088  1.00 19.43  ? 101 ALA A O   1 
ATOM   779  C  CB  . ALA A 1 101 ? -4.669  2.334   11.451  1.00 20.26  ? 101 ALA A CB  1 
ATOM   780  N  N   . VAL A 1 102 ? -7.298  2.431   13.067  1.00 20.25  ? 102 VAL A N   1 
ATOM   781  C  CA  . VAL A 1 102 ? -8.594  3.125   13.208  1.00 19.22  ? 102 VAL A CA  1 
ATOM   782  C  C   . VAL A 1 102 ? -8.463  4.403   12.395  1.00 20.44  ? 102 VAL A C   1 
ATOM   783  O  O   . VAL A 1 102 ? -7.646  5.268   12.760  1.00 19.45  ? 102 VAL A O   1 
ATOM   784  C  CB  . VAL A 1 102 ? -8.949  3.365   14.680  1.00 18.33  ? 102 VAL A CB  1 
ATOM   785  C  CG1 . VAL A 1 102 ? -10.275 4.099   14.797  1.00 19.66  ? 102 VAL A CG1 1 
ATOM   786  C  CG2 . VAL A 1 102 ? -9.017  2.051   15.419  1.00 16.51  ? 102 VAL A CG2 1 
ATOM   787  N  N   . GLY A 1 103 ? -9.273  4.527   11.352  1.00 19.99  ? 103 GLY A N   1 
ATOM   788  C  CA  . GLY A 1 103 ? -9.265  5.725   10.515  1.00 22.20  ? 103 GLY A CA  1 
ATOM   789  C  C   . GLY A 1 103 ? -10.228 5.617   9.364   1.00 20.81  ? 103 GLY A C   1 
ATOM   790  O  O   . GLY A 1 103 ? -10.845 4.554   9.197   1.00 22.99  ? 103 GLY A O   1 
ATOM   791  N  N   . HIS A 1 104 ? -10.268 6.670   8.557   1.00 22.95  ? 104 HIS A N   1 
ATOM   792  C  CA  . HIS A 1 104 ? -11.225 6.836   7.447   1.00 23.55  ? 104 HIS A CA  1 
ATOM   793  C  C   . HIS A 1 104 ? -10.569 6.379   6.153   1.00 21.41  ? 104 HIS A C   1 
ATOM   794  O  O   . HIS A 1 104 ? -9.433  6.822   5.877   1.00 24.25  ? 104 HIS A O   1 
ATOM   795  C  CB  . HIS A 1 104 ? -11.709 8.287   7.346   1.00 24.91  ? 104 HIS A CB  1 
ATOM   796  C  CG  . HIS A 1 104 ? -12.814 8.437   6.356   1.00 26.58  ? 104 HIS A CG  1 
ATOM   797  N  ND1 . HIS A 1 104 ? -14.080 7.937   6.597   1.00 27.65  ? 104 HIS A ND1 1 
ATOM   798  C  CD2 . HIS A 1 104 ? -12.839 8.968   5.116   1.00 27.07  ? 104 HIS A CD2 1 
ATOM   799  C  CE1 . HIS A 1 104 ? -14.832 8.121   5.525   1.00 24.29  ? 104 HIS A CE1 1 
ATOM   800  N  NE2 . HIS A 1 104 ? -14.108 8.821   4.622   1.00 25.38  ? 104 HIS A NE2 1 
ATOM   801  N  N   . SER A 1 105 ? -11.293 5.568   5.378   1.00 19.39  ? 105 SER A N   1 
ATOM   802  C  CA  . SER A 1 105 ? -10.824 4.903   4.147   1.00 20.10  ? 105 SER A CA  1 
ATOM   803  C  C   . SER A 1 105 ? -12.011 4.551   3.263   1.00 22.00  ? 105 SER A C   1 
ATOM   804  O  O   . SER A 1 105 ? -12.650 3.501   3.499   1.00 24.74  ? 105 SER A O   1 
ATOM   805  C  CB  . SER A 1 105 ? -10.039 3.674   4.491   1.00 20.11  ? 105 SER A CB  1 
ATOM   806  O  OG  . SER A 1 105 ? -9.509  3.071   3.325   1.00 18.80  ? 105 SER A OG  1 
ATOM   807  N  N   . GLU A 1 106 ? -12.208 5.333   2.216   1.00 19.46  ? 106 GLU A N   1 
ATOM   808  C  CA  . GLU A 1 106 ? -13.165 5.018   1.127   1.00 22.42  ? 106 GLU A CA  1 
ATOM   809  C  C   . GLU A 1 106 ? -12.381 4.404   -0.030  1.00 22.86  ? 106 GLU A C   1 
ATOM   810  O  O   . GLU A 1 106 ? -11.158 4.515   -0.091  1.00 21.55  ? 106 GLU A O   1 
ATOM   811  C  CB  . GLU A 1 106 ? -13.926 6.287   0.735   1.00 23.41  ? 106 GLU A CB  1 
ATOM   812  C  CG  . GLU A 1 106 ? -14.529 7.039   1.913   1.00 25.45  ? 106 GLU A CG  1 
ATOM   813  C  CD  . GLU A 1 106 ? -15.352 8.285   1.560   1.00 26.43  ? 106 GLU A CD  1 
ATOM   814  O  OE1 . GLU A 1 106 ? -15.777 8.428   0.415   1.00 29.94  ? 106 GLU A OE1 1 
ATOM   815  O  OE2 . GLU A 1 106 ? -15.549 9.122   2.434   1.00 28.64  ? 106 GLU A OE2 1 
ATOM   816  N  N   . PRO A 1 107 ? -13.042 3.721   -0.992  1.00 24.52  ? 107 PRO A N   1 
ATOM   817  C  CA  . PRO A 1 107 ? -12.323 3.082   -2.096  1.00 23.12  ? 107 PRO A CA  1 
ATOM   818  C  C   . PRO A 1 107 ? -11.301 3.978   -2.801  1.00 19.99  ? 107 PRO A C   1 
ATOM   819  O  O   . PRO A 1 107 ? -10.180 3.512   -3.057  1.00 19.61  ? 107 PRO A O   1 
ATOM   820  C  CB  . PRO A 1 107 ? -13.479 2.677   -3.020  1.00 23.94  ? 107 PRO A CB  1 
ATOM   821  C  CG  . PRO A 1 107 ? -14.524 2.264   -2.017  1.00 24.92  ? 107 PRO A CG  1 
ATOM   822  C  CD  . PRO A 1 107 ? -14.483 3.405   -1.013  1.00 26.57  ? 107 PRO A CD  1 
ATOM   823  N  N   . GLY A 1 108 ? -11.654 5.236   -3.074  1.00 20.20  ? 108 GLY A N   1 
ATOM   824  C  CA  . GLY A 1 108 ? -10.756 6.174   -3.772  1.00 19.96  ? 108 GLY A CA  1 
ATOM   825  C  C   . GLY A 1 108 ? -9.564  6.612   -2.923  1.00 19.17  ? 108 GLY A C   1 
ATOM   826  O  O   . GLY A 1 108 ? -8.675  7.252   -3.467  1.00 20.01  ? 108 GLY A O   1 
ATOM   827  N  N   . ASP A 1 109 ? -9.528  6.264   -1.630  1.00 19.09  ? 109 ASP A N   1 
ATOM   828  C  CA  . ASP A 1 109 ? -8.375  6.529   -0.735  1.00 20.55  ? 109 ASP A CA  1 
ATOM   829  C  C   . ASP A 1 109 ? -7.254  5.527   -1.028  1.00 18.80  ? 109 ASP A C   1 
ATOM   830  O  O   . ASP A 1 109 ? -6.102  5.793   -0.644  1.00 19.40  ? 109 ASP A O   1 
ATOM   831  C  CB  . ASP A 1 109 ? -8.797  6.483   0.733   1.00 19.74  ? 109 ASP A CB  1 
ATOM   832  C  CG  . ASP A 1 109 ? -9.683  7.674   1.071   1.00 19.24  ? 109 ASP A CG  1 
ATOM   833  O  OD1 . ASP A 1 109 ? -9.441  8.755   0.484   1.00 20.16  ? 109 ASP A OD1 1 
ATOM   834  O  OD2 . ASP A 1 109 ? -10.562 7.514   1.913   1.00 18.33  ? 109 ASP A OD2 1 
ATOM   835  N  N   . CYS A 1 110 ? -7.537  4.445   -1.750  1.00 20.82  ? 110 CYS A N   1 
ATOM   836  C  CA  . CYS A 1 110 ? -6.470  3.473   -2.113  1.00 18.92  ? 110 CYS A CA  1 
ATOM   837  C  C   . CYS A 1 110 ? -5.342  4.210   -2.835  1.00 17.88  ? 110 CYS A C   1 
ATOM   838  O  O   . CYS A 1 110 ? -5.622  5.046   -3.715  1.00 17.98  ? 110 CYS A O   1 
ATOM   839  C  CB  . CYS A 1 110 ? -7.011  2.319   -2.943  1.00 18.52  ? 110 CYS A CB  1 
ATOM   840  S  SG  . CYS A 1 110 ? -7.945  1.137   -1.947  1.00 18.86  ? 110 CYS A SG  1 
ATOM   841  N  N   . GLY A 1 111 ? -4.094  3.936   -2.451  1.00 18.49  ? 111 GLY A N   1 
ATOM   842  C  CA  . GLY A 1 111 ? -2.922  4.590   -3.050  1.00 18.94  ? 111 GLY A CA  1 
ATOM   843  C  C   . GLY A 1 111 ? -2.359  5.649   -2.119  1.00 19.56  ? 111 GLY A C   1 
ATOM   844  O  O   . GLY A 1 111 ? -1.173  6.049   -2.329  1.00 19.62  ? 111 GLY A O   1 
ATOM   845  N  N   . GLY A 1 112 ? -3.130  6.056   -1.096  1.00 18.11  ? 112 GLY A N   1 
ATOM   846  C  CA  . GLY A 1 112 ? -2.638  6.987   -0.074  1.00 18.23  ? 112 GLY A CA  1 
ATOM   847  C  C   . GLY A 1 112 ? -1.466  6.369   0.646   1.00 17.90  ? 112 GLY A C   1 
ATOM   848  O  O   . GLY A 1 112 ? -1.553  5.213   0.954   1.00 17.49  ? 112 GLY A O   1 
ATOM   849  N  N   . ILE A 1 113 ? -0.391  7.101   0.842   0.26 19.04  ? 113 ILE A N   1 
ATOM   850  C  CA  . ILE A 1 113 ? 0.808   6.528   1.493   0.26 17.81  ? 113 ILE A CA  1 
ATOM   851  C  C   . ILE A 1 113 ? 0.767   6.676   3.018   0.26 17.07  ? 113 ILE A C   1 
ATOM   852  O  O   . ILE A 1 113 ? 0.286   7.651   3.524   0.26 15.65  ? 113 ILE A O   1 
ATOM   853  C  CB  . ILE A 1 113 ? 2.028   7.197   0.834   0.26 20.99  ? 113 ILE A CB  1 
ATOM   854  C  CG1 . ILE A 1 113 ? 2.320   6.640   -0.549  0.26 22.10  ? 113 ILE A CG1 1 
ATOM   855  C  CG2 . ILE A 1 113 ? 3.274   7.153   1.672   0.26 21.74  ? 113 ILE A CG2 1 
ATOM   856  C  CD1 . ILE A 1 113 ? 3.377   7.437   -1.307  0.26 24.34  ? 113 ILE A CD1 1 
ATOM   857  N  N   . LEU A 1 114 ? 1.279   5.629   3.678   0.26 16.71  ? 114 LEU A N   1 
ATOM   858  C  CA  . LEU A 1 114 ? 1.539   5.495   5.128   0.26 16.03  ? 114 LEU A CA  1 
ATOM   859  C  C   . LEU A 1 114 ? 3.060   5.623   5.252   0.26 17.43  ? 114 LEU A C   1 
ATOM   860  O  O   . LEU A 1 114 ? 3.746   4.905   4.605   0.26 15.99  ? 114 LEU A O   1 
ATOM   861  C  CB  . LEU A 1 114 ? 1.034   4.146   5.630   0.26 16.59  ? 114 LEU A CB  1 
ATOM   862  C  CG  . LEU A 1 114 ? 1.432   3.829   7.081   0.26 16.17  ? 114 LEU A CG  1 
ATOM   863  C  CD1 . LEU A 1 114 ? 0.892   4.867   8.057   0.26 16.70  ? 114 LEU A CD1 1 
ATOM   864  C  CD2 . LEU A 1 114 ? 1.053   2.430   7.534   0.26 15.68  ? 114 LEU A CD2 1 
ATOM   865  N  N   . ARG A 1 115 ? 3.482   6.587   6.065   0.26 17.81  ? 115 ARG A N   1 
ATOM   866  C  CA  . ARG A 1 115 ? 4.913   6.943   6.195   0.26 20.52  ? 115 ARG A CA  1 
ATOM   867  C  C   . ARG A 1 115 ? 5.279   7.089   7.669   0.26 20.54  ? 115 ARG A C   1 
ATOM   868  O  O   . ARG A 1 115 ? 4.497   7.555   8.477   0.26 19.52  ? 115 ARG A O   1 
ATOM   869  C  CB  . ARG A 1 115 ? 5.208   8.265   5.475   0.26 24.38  ? 115 ARG A CB  1 
ATOM   870  C  CG  . ARG A 1 115 ? 5.488   8.205   3.988   0.26 34.17  ? 115 ARG A CG  1 
ATOM   871  C  CD  . ARG A 1 115 ? 6.029   9.592   3.837   0.26 41.61  ? 115 ARG A CD  1 
ATOM   872  N  NE  . ARG A 1 115 ? 6.289   9.697   2.412   0.26 50.14  ? 115 ARG A NE  1 
ATOM   873  C  CZ  . ARG A 1 115 ? 7.429   9.419   1.805   0.26 54.00  ? 115 ARG A CZ  1 
ATOM   874  N  NH1 . ARG A 1 115 ? 8.483   9.085   2.533   0.26 51.18  ? 115 ARG A NH1 1 
ATOM   875  N  NH2 . ARG A 1 115 ? 7.513   9.510   0.499   0.26 49.68  ? 115 ARG A NH2 1 
ATOM   876  N  N   . CYS A 1 116 ? 6.498   6.666   7.945   0.26 20.78  ? 116 CYS A N   1 
ATOM   877  C  CA  . CYS A 1 116 ? 7.167   6.821   9.272   0.26 22.25  ? 116 CYS A CA  1 
ATOM   878  C  C   . CYS A 1 116 ? 8.485   7.589   9.053   0.26 21.72  ? 116 CYS A C   1 
ATOM   879  O  O   . CYS A 1 116 ? 8.790   7.933   7.938   0.26 20.15  ? 116 CYS A O   1 
ATOM   880  C  CB  . CYS A 1 116 ? 7.389   5.504   9.982   0.26 22.21  ? 116 CYS A CB  1 
ATOM   881  S  SG  . CYS A 1 116 ? 8.605   4.503   9.103   0.26 20.18  ? 116 CYS A SG  1 
ATOM   882  N  N   . GLN A 1 117 ? 9.275   7.838   10.080  0.26 24.83  ? 117 GLN A N   1 
ATOM   883  C  CA  . GLN A 1 117 ? 10.535  8.606   9.898   0.26 27.77  ? 117 GLN A CA  1 
ATOM   884  C  C   . GLN A 1 117 ? 11.490  7.848   8.986   0.26 25.74  ? 117 GLN A C   1 
ATOM   885  O  O   . GLN A 1 117 ? 12.364  8.463   8.405   0.26 25.96  ? 117 GLN A O   1 
ATOM   886  C  CB  . GLN A 1 117 ? 11.255  8.695   11.229  0.26 29.87  ? 117 GLN A CB  1 
ATOM   887  C  CG  . GLN A 1 117 ? 11.407  7.337   11.831  0.26 33.16  ? 117 GLN A CG  1 
ATOM   888  C  CD  . GLN A 1 117 ? 11.939  7.590   13.197  0.26 38.87  ? 117 GLN A CD  1 
ATOM   889  O  OE1 . GLN A 1 117 ? 11.449  7.040   14.151  0.26 43.76  ? 117 GLN A OE1 1 
ATOM   890  N  NE2 . GLN A 1 117 ? 12.953  8.415   13.282  0.26 41.18  ? 117 GLN A NE2 1 
ATOM   891  N  N   . HIS A 1 118 ? 11.280  6.551   8.862   1.00 24.89  ? 118 HIS A N   1 
ATOM   892  C  CA  . HIS A 1 118 ? 12.191  5.723   8.029   1.00 22.56  ? 118 HIS A CA  1 
ATOM   893  C  C   . HIS A 1 118 ? 11.811  5.761   6.547   1.00 24.43  ? 118 HIS A C   1 
ATOM   894  O  O   . HIS A 1 118 ? 12.631  5.300   5.734   1.00 23.82  ? 118 HIS A O   1 
ATOM   895  C  CB  . HIS A 1 118 ? 12.242  4.316   8.570   1.00 21.78  ? 118 HIS A CB  1 
ATOM   896  C  CG  . HIS A 1 118 ? 12.625  4.287   10.005  1.00 23.65  ? 118 HIS A CG  1 
ATOM   897  N  ND1 . HIS A 1 118 ? 11.759  3.863   10.984  1.00 24.64  ? 118 HIS A ND1 1 
ATOM   898  C  CD2 . HIS A 1 118 ? 13.774  4.627   10.620  1.00 24.20  ? 118 HIS A CD2 1 
ATOM   899  C  CE1 . HIS A 1 118 ? 12.350  3.936   12.160  1.00 27.94  ? 118 HIS A CE1 1 
ATOM   900  N  NE2 . HIS A 1 118 ? 13.591  4.406   11.960  1.00 27.25  ? 118 HIS A NE2 1 
ATOM   901  N  N   . GLY A 1 119 ? 10.648  6.289   6.162   1.00 21.30  ? 119 GLY A N   1 
ATOM   902  C  CA  . GLY A 1 119 ? 10.245  6.221   4.746   1.00 21.11  ? 119 GLY A CA  1 
ATOM   903  C  C   . GLY A 1 119 ? 8.851   5.679   4.559   1.00 21.02  ? 119 GLY A C   1 
ATOM   904  O  O   . GLY A 1 119 ? 8.035   5.792   5.477   1.00 19.62  ? 119 GLY A O   1 
ATOM   905  N  N   . VAL A 1 120 ? 8.584   5.150   3.372   1.00 19.40  ? 120 VAL A N   1 
ATOM   906  C  CA  . VAL A 1 120 ? 7.241   4.609   3.006   1.00 18.70  ? 120 VAL A CA  1 
ATOM   907  C  C   . VAL A 1 120 ? 7.039   3.231   3.653   1.00 19.24  ? 120 VAL A C   1 
ATOM   908  O  O   . VAL A 1 120 ? 7.910   2.320   3.511   1.00 18.86  ? 120 VAL A O   1 
ATOM   909  C  CB  . VAL A 1 120 ? 7.037   4.597   1.479   1.00 17.33  ? 120 VAL A CB  1 
ATOM   910  C  CG1 . VAL A 1 120 ? 5.692   3.999   1.126   1.00 17.17  ? 120 VAL A CG1 1 
ATOM   911  C  CG2 . VAL A 1 120 ? 7.205   5.986   0.877   1.00 18.50  ? 120 VAL A CG2 1 
ATOM   912  N  N   . VAL A 1 121 ? 5.965   3.084   4.420   1.00 17.43  ? 121 VAL A N   1 
ATOM   913  C  CA  . VAL A 1 121 ? 5.618   1.812   5.103   1.00 16.80  ? 121 VAL A CA  1 
ATOM   914  C  C   . VAL A 1 121 ? 4.681   1.003   4.207   1.00 17.23  ? 121 VAL A C   1 
ATOM   915  O  O   . VAL A 1 121 ? 4.759   -0.212  4.184   1.00 16.75  ? 121 VAL A O   1 
ATOM   916  C  CB  . VAL A 1 121 ? 4.956   2.087   6.458   1.00 17.45  ? 121 VAL A CB  1 
ATOM   917  C  CG1 . VAL A 1 121 ? 4.443   0.839   7.115   1.00 17.08  ? 121 VAL A CG1 1 
ATOM   918  C  CG2 . VAL A 1 121 ? 5.868   2.873   7.374   1.00 17.72  ? 121 VAL A CG2 1 
ATOM   919  N  N   . GLY A 1 122 ? 3.689   1.661   3.628   1.00 15.59  ? 122 GLY A N   1 
ATOM   920  C  CA  . GLY A 1 122 ? 2.717   0.973   2.771   1.00 16.63  ? 122 GLY A CA  1 
ATOM   921  C  C   . GLY A 1 122 ? 1.715   1.922   2.131   1.00 16.69  ? 122 GLY A C   1 
ATOM   922  O  O   . GLY A 1 122 ? 1.922   3.156   2.186   1.00 15.59  ? 122 GLY A O   1 
ATOM   923  N  N   . ILE A 1 123 ? 0.690   1.349   1.497   1.00 16.72  ? 123 ILE A N   1 
ATOM   924  C  CA  . ILE A 1 123 ? -0.337  2.148   0.765   1.00 17.59  ? 123 ILE A CA  1 
ATOM   925  C  C   . ILE A 1 123 ? -1.709  1.672   1.244   1.00 17.75  ? 123 ILE A C   1 
ATOM   926  O  O   . ILE A 1 123 ? -1.900  0.464   1.476   1.00 17.97  ? 123 ILE A O   1 
ATOM   927  C  CB  . ILE A 1 123 ? -0.185  2.092   -0.767  1.00 19.03  ? 123 ILE A CB  1 
ATOM   928  C  CG1 . ILE A 1 123 ? -0.062  0.664   -1.303  1.00 20.44  ? 123 ILE A CG1 1 
ATOM   929  C  CG2 . ILE A 1 123 ? 0.963   2.980   -1.220  1.00 20.78  ? 123 ILE A CG2 1 
ATOM   930  C  CD1 . ILE A 1 123 ? -0.219  0.588   -2.802  1.00 20.94  ? 123 ILE A CD1 1 
ATOM   931  N  N   . VAL A 1 124 ? -2.633  2.607   1.427   1.00 16.65  ? 124 VAL A N   1 
ATOM   932  C  CA  . VAL A 1 124 ? -4.056  2.258   1.628   1.00 16.71  ? 124 VAL A CA  1 
ATOM   933  C  C   . VAL A 1 124 ? -4.496  1.207   0.596   1.00 16.07  ? 124 VAL A C   1 
ATOM   934  O  O   . VAL A 1 124 ? -4.317  1.412   -0.639  1.00 16.22  ? 124 VAL A O   1 
ATOM   935  C  CB  . VAL A 1 124 ? -4.926  3.516   1.588   1.00 16.30  ? 124 VAL A CB  1 
ATOM   936  C  CG1 . VAL A 1 124 ? -6.390  3.167   1.729   1.00 16.34  ? 124 VAL A CG1 1 
ATOM   937  C  CG2 . VAL A 1 124 ? -4.538  4.506   2.675   1.00 15.70  ? 124 VAL A CG2 1 
ATOM   938  N  N   . SER A 1 125 ? -5.150  0.159   1.073   1.00 16.06  ? 125 SER A N   1 
ATOM   939  C  CA  . SER A 1 125 ? -5.654  -0.987  0.267   1.00 17.89  ? 125 SER A CA  1 
ATOM   940  C  C   . SER A 1 125 ? -7.083  -1.352  0.680   1.00 18.33  ? 125 SER A C   1 
ATOM   941  O  O   . SER A 1 125 ? -7.841  -1.862  -0.153  1.00 19.80  ? 125 SER A O   1 
ATOM   942  C  CB  . SER A 1 125 ? -4.763  -2.174  0.342   1.00 18.15  ? 125 SER A CB  1 
ATOM   943  O  OG  . SER A 1 125 ? -5.237  -3.217  -0.518  1.00 19.15  ? 125 SER A OG  1 
ATOM   944  N  N   . THR A 1 126 ? -7.460  -1.134  1.940   1.00 19.66  ? 126 THR A N   1 
ATOM   945  C  CA  . THR A 1 126 ? -8.782  -1.598  2.450   1.00 21.58  ? 126 THR A CA  1 
ATOM   946  C  C   . THR A 1 126 ? -9.413  -0.530  3.338   1.00 22.47  ? 126 THR A C   1 
ATOM   947  O  O   . THR A 1 126 ? -8.709  0.393   3.812   1.00 20.05  ? 126 THR A O   1 
ATOM   948  C  CB  . THR A 1 126 ? -8.714  -2.963  3.154   1.00 21.80  ? 126 THR A CB  1 
ATOM   949  O  OG1 . THR A 1 126 ? -8.189  -2.849  4.477   1.00 23.83  ? 126 THR A OG1 1 
ATOM   950  C  CG2 . THR A 1 126 ? -7.917  -3.983  2.365   1.00 24.51  ? 126 THR A CG2 1 
ATOM   951  N  N   . GLY A 1 127 ? -10.714 -0.661  3.568   1.00 24.88  ? 127 GLY A N   1 
ATOM   952  C  CA  . GLY A 1 127 ? -11.509 0.352   4.271   1.00 28.30  ? 127 GLY A CA  1 
ATOM   953  C  C   . GLY A 1 127 ? -12.853 -0.200  4.684   1.00 32.23  ? 127 GLY A C   1 
ATOM   954  O  O   . GLY A 1 127 ? -13.214 -1.269  4.185   1.00 31.48  ? 127 GLY A O   1 
ATOM   955  N  N   . GLY A 1 128 ? -13.571 0.548   5.527   1.00 37.37  ? 128 GLY A N   1 
ATOM   956  C  CA  . GLY A 1 128 ? -14.930 0.232   6.003   1.00 38.13  ? 128 GLY A CA  1 
ATOM   957  C  C   . GLY A 1 128 ? -14.926 -0.093  7.486   1.00 36.51  ? 128 GLY A C   1 
ATOM   958  O  O   . GLY A 1 128 ? -13.847 -0.430  8.019   1.00 36.16  ? 128 GLY A O   1 
ATOM   959  N  N   . ASN A 1 129 ? -16.090 -0.007  8.133   1.00 34.08  ? 129 ASN A N   1 
ATOM   960  C  CA  . ASN A 1 129 ? -16.270 -0.316  9.579   1.00 36.45  ? 129 ASN A CA  1 
ATOM   961  C  C   . ASN A 1 129 ? -15.276 0.480   10.426  1.00 31.92  ? 129 ASN A C   1 
ATOM   962  O  O   . ASN A 1 129 ? -14.918 0.010   11.526  1.00 34.00  ? 129 ASN A O   1 
ATOM   963  C  CB  . ASN A 1 129 ? -16.123 -1.810  9.860   1.00 40.49  ? 129 ASN A CB  1 
ATOM   964  C  CG  . ASN A 1 129 ? -17.436 -2.561  9.792   1.00 43.89  ? 129 ASN A CG  1 
ATOM   965  O  OD1 . ASN A 1 129 ? -18.508 -1.956  9.709   1.00 44.29  ? 129 ASN A OD1 1 
ATOM   966  N  ND2 . ASN A 1 129 ? -17.360 -3.882  9.847   1.00 47.91  ? 129 ASN A ND2 1 
ATOM   967  N  N   . GLY A 1 130 ? -14.902 1.665   9.965   1.00 27.58  ? 130 GLY A N   1 
ATOM   968  C  CA  . GLY A 1 130 ? -14.096 2.638   10.723  1.00 27.32  ? 130 GLY A CA  1 
ATOM   969  C  C   . GLY A 1 130 ? -12.617 2.264   10.783  1.00 25.49  ? 130 GLY A C   1 
ATOM   970  O  O   . GLY A 1 130 ? -11.889 2.893   11.548  1.00 23.49  ? 130 GLY A O   1 
ATOM   971  N  N   . LEU A 1 131 ? -12.183 1.323   9.952   1.00 25.16  ? 131 LEU A N   1 
ATOM   972  C  CA  . LEU A 1 131 ? -10.775 0.875   9.898   1.00 25.55  ? 131 LEU A CA  1 
ATOM   973  C  C   . LEU A 1 131 ? -10.178 1.248   8.543   1.00 24.63  ? 131 LEU A C   1 
ATOM   974  O  O   . LEU A 1 131 ? -10.907 1.307   7.546   1.00 26.14  ? 131 LEU A O   1 
ATOM   975  C  CB  . LEU A 1 131 ? -10.682 -0.636  10.084  1.00 28.31  ? 131 LEU A CB  1 
ATOM   976  C  CG  . LEU A 1 131 ? -11.145 -1.203  11.418  1.00 29.52  ? 131 LEU A CG  1 
ATOM   977  C  CD1 . LEU A 1 131 ? -10.766 -2.679  11.479  1.00 32.71  ? 131 LEU A CD1 1 
ATOM   978  C  CD2 . LEU A 1 131 ? -10.531 -0.448  12.592  1.00 29.07  ? 131 LEU A CD2 1 
ATOM   979  N  N   . VAL A 1 132 ? -8.870  1.428   8.527   1.00 20.44  ? 132 VAL A N   1 
ATOM   980  C  CA  . VAL A 1 132 ? -8.106  1.623   7.269   1.00 19.39  ? 132 VAL A CA  1 
ATOM   981  C  C   . VAL A 1 132 ? -7.042  0.521   7.252   1.00 19.19  ? 132 VAL A C   1 
ATOM   982  O  O   . VAL A 1 132 ? -6.411  0.257   8.295   1.00 19.51  ? 132 VAL A O   1 
ATOM   983  C  CB  . VAL A 1 132 ? -7.522  3.041   7.163   1.00 19.66  ? 132 VAL A CB  1 
ATOM   984  C  CG1 . VAL A 1 132 ? -6.810  3.492   8.429   1.00 21.42  ? 132 VAL A CG1 1 
ATOM   985  C  CG2 . VAL A 1 132 ? -6.643  3.129   5.928   1.00 20.36  ? 132 VAL A CG2 1 
ATOM   986  N  N   . GLY A 1 133 ? -6.939  -0.177  6.124   1.00 18.66  ? 133 GLY A N   1 
ATOM   987  C  CA  . GLY A 1 133 ? -5.958  -1.251  5.946   1.00 19.39  ? 133 GLY A CA  1 
ATOM   988  C  C   . GLY A 1 133 ? -4.917  -0.818  4.948   1.00 19.14  ? 133 GLY A C   1 
ATOM   989  O  O   . GLY A 1 133 ? -5.292  -0.252  3.923   1.00 18.43  ? 133 GLY A O   1 
ATOM   990  N  N   . PHE A 1 134 ? -3.651  -1.025  5.299   1.00 19.06  ? 134 PHE A N   1 
ATOM   991  C  CA  . PHE A 1 134 ? -2.507  -0.653  4.447   1.00 16.79  ? 134 PHE A CA  1 
ATOM   992  C  C   . PHE A 1 134 ? -1.757  -1.926  4.052   1.00 16.03  ? 134 PHE A C   1 
ATOM   993  O  O   . PHE A 1 134 ? -1.577  -2.831  4.901   1.00 18.22  ? 134 PHE A O   1 
ATOM   994  C  CB  . PHE A 1 134 ? -1.555  0.257   5.214   1.00 17.68  ? 134 PHE A CB  1 
ATOM   995  C  CG  . PHE A 1 134 ? -2.189  1.422   5.908   1.00 17.01  ? 134 PHE A CG  1 
ATOM   996  C  CD1 . PHE A 1 134 ? -2.327  2.619   5.231   1.00 17.67  ? 134 PHE A CD1 1 
ATOM   997  C  CD2 . PHE A 1 134 ? -2.533  1.354   7.243   1.00 16.58  ? 134 PHE A CD2 1 
ATOM   998  C  CE1 . PHE A 1 134 ? -2.861  3.720   5.870   1.00 17.32  ? 134 PHE A CE1 1 
ATOM   999  C  CE2 . PHE A 1 134 ? -3.061  2.465   7.883   1.00 16.39  ? 134 PHE A CE2 1 
ATOM   1000 C  CZ  . PHE A 1 134 ? -3.216  3.641   7.196   1.00 15.73  ? 134 PHE A CZ  1 
ATOM   1001 N  N   . ALA A 1 135 ? -1.450  -2.034  2.774   1.00 16.85  ? 135 ALA A N   1 
ATOM   1002 C  CA  . ALA A 1 135 ? -0.597  -3.090  2.192   1.00 16.32  ? 135 ALA A CA  1 
ATOM   1003 C  C   . ALA A 1 135 ? 0.859   -2.726  2.485   1.00 15.72  ? 135 ALA A C   1 
ATOM   1004 O  O   . ALA A 1 135 ? 1.311   -1.660  2.058   1.00 14.79  ? 135 ALA A O   1 
ATOM   1005 C  CB  . ALA A 1 135 ? -0.899  -3.208  0.709   1.00 17.12  ? 135 ALA A CB  1 
ATOM   1006 N  N   . ASP A 1 136 ? 1.508   -3.533  3.320   1.00 18.04  ? 136 ASP A N   1 
ATOM   1007 C  CA  . ASP A 1 136 ? 2.921   -3.347  3.721   1.00 18.73  ? 136 ASP A CA  1 
ATOM   1008 C  C   . ASP A 1 136 ? 3.812   -3.492  2.490   1.00 18.23  ? 136 ASP A C   1 
ATOM   1009 O  O   . ASP A 1 136 ? 3.538   -4.392  1.642   1.00 17.69  ? 136 ASP A O   1 
ATOM   1010 C  CB  . ASP A 1 136 ? 3.338   -4.344  4.796   1.00 18.65  ? 136 ASP A CB  1 
ATOM   1011 C  CG  . ASP A 1 136 ? 4.768   -4.109  5.236   1.00 19.82  ? 136 ASP A CG  1 
ATOM   1012 O  OD1 . ASP A 1 136 ? 5.083   -2.974  5.595   1.00 19.42  ? 136 ASP A OD1 1 
ATOM   1013 O  OD2 . ASP A 1 136 ? 5.563   -5.065  5.203   1.00 24.24  ? 136 ASP A OD2 1 
ATOM   1014 N  N   . VAL A 1 137 ? 4.861   -2.682  2.395   1.00 18.99  ? 137 VAL A N   1 
ATOM   1015 C  CA  . VAL A 1 137 ? 5.917   -2.856  1.358   1.00 18.63  ? 137 VAL A CA  1 
ATOM   1016 C  C   . VAL A 1 137 ? 7.297   -3.029  2.034   1.00 19.04  ? 137 VAL A C   1 
ATOM   1017 O  O   . VAL A 1 137 ? 8.270   -3.174  1.305   1.00 19.43  ? 137 VAL A O   1 
ATOM   1018 C  CB  . VAL A 1 137 ? 5.932   -1.695  0.339   1.00 18.00  ? 137 VAL A CB  1 
ATOM   1019 C  CG1 . VAL A 1 137 ? 4.629   -1.594  -0.451  1.00 18.51  ? 137 VAL A CG1 1 
ATOM   1020 C  CG2 . VAL A 1 137 ? 6.243   -0.343  0.983   1.00 17.88  ? 137 VAL A CG2 1 
ATOM   1021 N  N   . ARG A 1 138 ? 7.420   -2.985  3.369   1.00 20.25  ? 138 ARG A N   1 
ATOM   1022 C  CA  . ARG A 1 138 ? 8.750   -2.915  4.045   1.00 19.51  ? 138 ARG A CA  1 
ATOM   1023 C  C   . ARG A 1 138 ? 9.511   -4.244  3.938   1.00 19.42  ? 138 ARG A C   1 
ATOM   1024 O  O   . ARG A 1 138 ? 10.750  -4.216  4.123   1.00 19.97  ? 138 ARG A O   1 
ATOM   1025 C  CB  . ARG A 1 138 ? 8.603   -2.548  5.516   1.00 18.28  ? 138 ARG A CB  1 
ATOM   1026 C  CG  . ARG A 1 138 ? 7.974   -1.180  5.721   1.00 18.91  ? 138 ARG A CG  1 
ATOM   1027 C  CD  . ARG A 1 138 ? 7.729   -0.911  7.176   1.00 17.56  ? 138 ARG A CD  1 
ATOM   1028 N  NE  . ARG A 1 138 ? 6.681   -1.781  7.655   1.00 16.25  ? 138 ARG A NE  1 
ATOM   1029 C  CZ  . ARG A 1 138 ? 6.261   -1.795  8.912   1.00 18.73  ? 138 ARG A CZ  1 
ATOM   1030 N  NH1 . ARG A 1 138 ? 6.839   -1.008  9.804   1.00 18.29  ? 138 ARG A NH1 1 
ATOM   1031 N  NH2 . ARG A 1 138 ? 5.242   -2.567  9.265   1.00 20.48  ? 138 ARG A NH2 1 
ATOM   1032 N  N   . ASP A 1 139 ? 8.824   -5.330  3.627   1.00 20.22  ? 139 ASP A N   1 
ATOM   1033 C  CA  . ASP A 1 139 ? 9.435   -6.674  3.451   1.00 20.38  ? 139 ASP A CA  1 
ATOM   1034 C  C   . ASP A 1 139 ? 10.006  -6.822  2.029   1.00 22.68  ? 139 ASP A C   1 
ATOM   1035 O  O   . ASP A 1 139 ? 10.740  -7.806  1.817   1.00 23.09  ? 139 ASP A O   1 
ATOM   1036 C  CB  . ASP A 1 139 ? 8.443   -7.793  3.790   1.00 18.73  ? 139 ASP A CB  1 
ATOM   1037 C  CG  . ASP A 1 139 ? 7.347   -7.916  2.740   1.00 21.84  ? 139 ASP A CG  1 
ATOM   1038 O  OD1 . ASP A 1 139 ? 6.817   -6.854  2.360   1.00 19.52  ? 139 ASP A OD1 1 
ATOM   1039 O  OD2 . ASP A 1 139 ? 7.022   -9.061  2.319   1.00 21.44  ? 139 ASP A OD2 1 
ATOM   1040 N  N   . LEU A 1 140 ? 9.710   -5.920  1.079   1.00 19.82  ? 140 LEU A N   1 
ATOM   1041 C  CA  . LEU A 1 140 ? 10.145  -6.070  -0.349  1.00 19.52  ? 140 LEU A CA  1 
ATOM   1042 C  C   . LEU A 1 140 ? 11.517  -5.418  -0.546  1.00 20.58  ? 140 LEU A C   1 
ATOM   1043 O  O   . LEU A 1 140 ? 11.607  -4.301  -1.121  1.00 21.60  ? 140 LEU A O   1 
ATOM   1044 C  CB  . LEU A 1 140 ? 9.095   -5.467  -1.286  1.00 19.88  ? 140 LEU A CB  1 
ATOM   1045 C  CG  . LEU A 1 140 ? 7.686   -6.024  -1.114  1.00 18.99  ? 140 LEU A CG  1 
ATOM   1046 C  CD1 . LEU A 1 140 ? 6.706   -5.251  -2.003  1.00 18.71  ? 140 LEU A CD1 1 
ATOM   1047 C  CD2 . LEU A 1 140 ? 7.637   -7.517  -1.424  1.00 19.71  ? 140 LEU A CD2 1 
ATOM   1048 N  N   . LEU A 1 141 ? 12.584  -6.104  -0.122  1.00 21.70  ? 141 LEU A N   1 
ATOM   1049 C  CA  . LEU A 1 141 ? 13.940  -5.518  -0.010  1.00 23.16  ? 141 LEU A CA  1 
ATOM   1050 C  C   . LEU A 1 141 ? 14.424  -5.156  -1.406  1.00 24.76  ? 141 LEU A C   1 
ATOM   1051 O  O   . LEU A 1 141 ? 15.055  -4.097  -1.588  1.00 24.09  ? 141 LEU A O   1 
ATOM   1052 C  CB  . LEU A 1 141 ? 14.867  -6.538  0.660   1.00 24.69  ? 141 LEU A CB  1 
ATOM   1053 C  CG  . LEU A 1 141 ? 14.520  -6.959  2.080   1.00 25.35  ? 141 LEU A CG  1 
ATOM   1054 C  CD1 . LEU A 1 141 ? 15.740  -7.598  2.736   1.00 26.33  ? 141 LEU A CD1 1 
ATOM   1055 C  CD2 . LEU A 1 141 ? 14.039  -5.802  2.939   1.00 26.56  ? 141 LEU A CD2 1 
ATOM   1056 N  N   . TRP A 1 142 ? 14.025  -5.972  -2.386  1.00 24.48  ? 142 TRP A N   1 
ATOM   1057 C  CA  . TRP A 1 142 ? 14.459  -5.807  -3.792  1.00 25.66  ? 142 TRP A CA  1 
ATOM   1058 C  C   . TRP A 1 142 ? 14.024  -4.446  -4.343  1.00 25.78  ? 142 TRP A C   1 
ATOM   1059 O  O   . TRP A 1 142 ? 14.591  -4.028  -5.362  1.00 27.97  ? 142 TRP A O   1 
ATOM   1060 C  CB  . TRP A 1 142 ? 13.990  -7.010  -4.640  1.00 24.80  ? 142 TRP A CB  1 
ATOM   1061 C  CG  . TRP A 1 142 ? 12.515  -7.276  -4.626  1.00 23.09  ? 142 TRP A CG  1 
ATOM   1062 C  CD1 . TRP A 1 142 ? 11.828  -8.165  -3.851  1.00 24.57  ? 142 TRP A CD1 1 
ATOM   1063 C  CD2 . TRP A 1 142 ? 11.536  -6.582  -5.408  1.00 22.87  ? 142 TRP A CD2 1 
ATOM   1064 N  NE1 . TRP A 1 142 ? 10.492  -8.102  -4.138  1.00 24.50  ? 142 TRP A NE1 1 
ATOM   1065 C  CE2 . TRP A 1 142 ? 10.286  -7.127  -5.075  1.00 21.77  ? 142 TRP A CE2 1 
ATOM   1066 C  CE3 . TRP A 1 142 ? 11.609  -5.581  -6.376  1.00 21.26  ? 142 TRP A CE3 1 
ATOM   1067 C  CZ2 . TRP A 1 142 ? 9.112   -6.698  -5.690  1.00 22.59  ? 142 TRP A CZ2 1 
ATOM   1068 C  CZ3 . TRP A 1 142 ? 10.447  -5.153  -6.978  1.00 23.72  ? 142 TRP A CZ3 1 
ATOM   1069 C  CH2 . TRP A 1 142 ? 9.216   -5.709  -6.636  1.00 20.48  ? 142 TRP A CH2 1 
ATOM   1070 N  N   . LEU A 1 143 ? 13.049  -3.760  -3.732  1.00 27.29  ? 143 LEU A N   1 
ATOM   1071 C  CA  . LEU A 1 143 ? 12.627  -2.398  -4.182  1.00 29.90  ? 143 LEU A CA  1 
ATOM   1072 C  C   . LEU A 1 143 ? 13.778  -1.374  -4.056  1.00 30.35  ? 143 LEU A C   1 
ATOM   1073 O  O   . LEU A 1 143 ? 13.720  -0.383  -4.775  1.00 35.68  ? 143 LEU A O   1 
ATOM   1074 C  CB  . LEU A 1 143 ? 11.429  -1.922  -3.359  1.00 28.38  ? 143 LEU A CB  1 
ATOM   1075 C  CG  . LEU A 1 143 ? 10.071  -2.468  -3.778  1.00 25.41  ? 143 LEU A CG  1 
ATOM   1076 C  CD1 . LEU A 1 143 ? 9.006   -1.992  -2.808  1.00 24.49  ? 143 LEU A CD1 1 
ATOM   1077 C  CD2 . LEU A 1 143 ? 9.730   -2.019  -5.200  1.00 25.64  ? 143 LEU A CD2 1 
ATOM   1078 N  N   . ASP A 1 144 ? 14.771  -1.622  -3.193  1.00 37.29  ? 144 ASP A N   1 
ATOM   1079 C  CA  . ASP A 1 144 ? 15.949  -0.733  -2.948  1.00 43.18  ? 144 ASP A CA  1 
ATOM   1080 C  C   . ASP A 1 144 ? 17.124  -0.975  -3.899  1.00 50.04  ? 144 ASP A C   1 
ATOM   1081 O  O   . ASP A 1 144 ? 18.146  -0.293  -3.701  1.00 54.31  ? 144 ASP A O   1 
ATOM   1082 C  CB  . ASP A 1 144 ? 16.588  -0.966  -1.585  1.00 41.57  ? 144 ASP A CB  1 
ATOM   1083 C  CG  . ASP A 1 144 ? 15.688  -0.617  -0.434  1.00 45.40  ? 144 ASP A CG  1 
ATOM   1084 O  OD1 . ASP A 1 144 ? 14.902  0.340   -0.589  1.00 49.83  ? 144 ASP A OD1 1 
ATOM   1085 O  OD2 . ASP A 1 144 ? 15.768  -1.321  0.594   1.00 48.56  ? 144 ASP A OD2 1 
ATOM   1086 N  N   . GLU A 1 145 ? 17.030  -1.911  -4.851  1.00 60.45  ? 145 GLU A N   1 
ATOM   1087 C  CA  . GLU A 1 145 ? 18.194  -2.303  -5.697  1.00 65.13  ? 145 GLU A CA  1 
ATOM   1088 C  C   . GLU A 1 145 ? 17.742  -2.818  -7.069  1.00 68.80  ? 145 GLU A C   1 
ATOM   1089 O  O   . GLU A 1 145 ? 16.604  -3.329  -7.178  1.00 67.11  ? 145 GLU A O   1 
ATOM   1090 C  CB  . GLU A 1 145 ? 19.021  -3.362  -4.965  1.00 67.48  ? 145 GLU A CB  1 
ATOM   1091 C  CG  . GLU A 1 145 ? 18.386  -4.741  -4.976  1.00 63.98  ? 145 GLU A CG  1 
ATOM   1092 C  CD  . GLU A 1 145 ? 18.701  -5.622  -3.779  1.00 67.36  ? 145 GLU A CD  1 
ATOM   1093 O  OE1 . GLU A 1 145 ? 17.981  -6.625  -3.581  1.00 68.90  ? 145 GLU A OE1 1 
ATOM   1094 O  OE2 . GLU A 1 145 ? 19.664  -5.315  -3.055  1.00 69.33  ? 145 GLU A OE2 1 
ATOM   1095 N  N   . GLU A 1 146 ? 18.632  -2.705  -8.063  1.00 77.10  ? 146 GLU A N   1 
ATOM   1096 C  CA  . GLU A 1 146 ? 18.481  -3.292  -9.425  1.00 80.55  ? 146 GLU A CA  1 
ATOM   1097 C  C   . GLU A 1 146 ? 17.246  -2.687  -10.100 1.00 85.06  ? 146 GLU A C   1 
ATOM   1098 O  O   . GLU A 1 146 ? 17.303  -2.332  -11.276 1.00 93.37  ? 146 GLU A O   1 
ATOM   1099 C  CB  . GLU A 1 146 ? 18.442  -4.823  -9.323  1.00 78.35  ? 146 GLU A CB  1 
ATOM   1100 C  CG  . GLU A 1 146 ? 17.207  -5.482  -9.926  1.00 77.82  ? 146 GLU A CG  1 
ATOM   1101 C  CD  . GLU A 1 146 ? 17.145  -5.563  -11.444 1.00 75.20  ? 146 GLU A CD  1 
ATOM   1102 O  OE1 . GLU A 1 146 ? 16.076  -5.942  -11.963 1.00 63.97  ? 146 GLU A OE1 1 
ATOM   1103 O  OE2 . GLU A 1 146 ? 18.162  -5.255  -12.104 1.00 76.26  ? 146 GLU A OE2 1 
HETATM 1104 N  N1  . W1P B 2 .   ? 1.693   11.982  1.231   0.50 20.00  ? 201 W1P A N1  1 
HETATM 1105 C  C4  . W1P B 2 .   ? 2.030   11.872  2.609   0.50 20.00  ? 201 W1P A C4  1 
HETATM 1106 C  C5  . W1P B 2 .   ? 2.575   12.929  3.299   0.50 20.00  ? 201 W1P A C5  1 
HETATM 1107 C  C6  . W1P B 2 .   ? 2.885   12.782  4.645   0.50 20.00  ? 201 W1P A C6  1 
HETATM 1108 C  C7  . W1P B 2 .   ? 2.665   11.598  5.322   0.50 20.00  ? 201 W1P A C7  1 
HETATM 1109 C  C8  . W1P B 2 .   ? 2.118   10.534  4.633   0.50 20.00  ? 201 W1P A C8  1 
HETATM 1110 O  O   . W1P B 2 .   ? -0.176  13.410  1.441   0.50 20.00  ? 201 W1P A O   1 
HETATM 1111 C  C2  . W1P B 2 .   ? 0.607   12.744  0.709   0.50 20.00  ? 201 W1P A C2  1 
HETATM 1112 C  C3  . W1P B 2 .   ? 0.621   12.577  -0.766  0.50 20.00  ? 201 W1P A C3  1 
HETATM 1113 C  C1  . W1P B 2 .   ? 1.783   11.680  -0.970  0.50 20.00  ? 201 W1P A C1  1 
HETATM 1114 C  C   . W1P B 2 .   ? 2.225   11.207  -2.318  0.50 20.00  ? 201 W1P A C   1 
HETATM 1115 N  N   . W1P B 2 .   ? 2.346   11.375  0.155   0.50 20.00  ? 201 W1P A N   1 
HETATM 1116 C  C9  . W1P B 2 .   ? 1.812   10.686  3.300   0.50 20.00  ? 201 W1P A C9  1 
HETATM 1117 ZN ZN  . ZN  C 3 .   ? 9.766   3.218   10.630  1.00 21.78  ? 202 ZN  A ZN  1 
HETATM 1118 S  S   . DMS D 4 .   ? 12.455  9.330   4.688   1.00 116.61 ? 203 DMS A S   1 
HETATM 1119 O  O   . DMS D 4 .   ? 13.919  9.376   4.358   1.00 121.07 ? 203 DMS A O   1 
HETATM 1120 C  C1  . DMS D 4 .   ? 12.233  10.443  6.056   1.00 114.99 ? 203 DMS A C1  1 
HETATM 1121 C  C2  . DMS D 4 .   ? 11.642  10.295  3.440   1.00 115.64 ? 203 DMS A C2  1 
HETATM 1122 S  S   . DMS E 4 .   ? -0.970  -14.462 -4.987  1.00 64.74  ? 204 DMS A S   1 
HETATM 1123 O  O   . DMS E 4 .   ? -2.415  -14.209 -4.621  1.00 52.51  ? 204 DMS A O   1 
HETATM 1124 C  C1  . DMS E 4 .   ? -0.198  -15.126 -3.531  1.00 57.46  ? 204 DMS A C1  1 
HETATM 1125 C  C2  . DMS E 4 .   ? -0.981  -15.958 -5.951  1.00 61.56  ? 204 DMS A C2  1 
HETATM 1126 S  S   . DMS F 4 .   ? -9.522  8.183   14.699  1.00 90.17  ? 205 DMS A S   1 
HETATM 1127 O  O   . DMS F 4 .   ? -10.814 7.858   14.003  1.00 82.31  ? 205 DMS A O   1 
HETATM 1128 C  C1  . DMS F 4 .   ? -9.121  9.848   14.236  1.00 89.03  ? 205 DMS A C1  1 
HETATM 1129 C  C2  . DMS F 4 .   ? -9.928  8.481   16.408  1.00 85.60  ? 205 DMS A C2  1 
HETATM 1130 S  S   . SO4 G 5 .   ? -14.433 -17.071 6.433   1.00 67.70  ? 206 SO4 A S   1 
HETATM 1131 O  O1  . SO4 G 5 .   ? -13.510 -18.017 6.996   1.00 65.99  ? 206 SO4 A O1  1 
HETATM 1132 O  O2  . SO4 G 5 .   ? -14.516 -17.268 5.010   1.00 66.34  ? 206 SO4 A O2  1 
HETATM 1133 O  O3  . SO4 G 5 .   ? -13.969 -15.737 6.702   1.00 65.33  ? 206 SO4 A O3  1 
HETATM 1134 O  O4  . SO4 G 5 .   ? -15.734 -17.255 7.021   1.00 62.58  ? 206 SO4 A O4  1 
HETATM 1135 O  O   . HOH H 6 .   ? -15.794 -0.451  -9.891  1.00 61.53  ? 301 HOH A O   1 
HETATM 1136 O  O   . HOH H 6 .   ? -17.499 -7.399  -3.910  1.00 114.88 ? 302 HOH A O   1 
HETATM 1137 O  O   . HOH H 6 .   ? -8.780  -8.514  -0.576  1.00 33.63  ? 303 HOH A O   1 
HETATM 1138 O  O   . HOH H 6 .   ? -14.864 8.490   -1.548  1.00 30.03  ? 304 HOH A O   1 
HETATM 1139 O  O   . HOH H 6 .   ? -18.207 -9.694  2.197   1.00 33.01  ? 305 HOH A O   1 
HETATM 1140 O  O   . HOH H 6 .   ? 15.516  9.365   -6.813  1.00 67.11  ? 306 HOH A O   1 
HETATM 1141 O  O   . HOH H 6 .   ? -2.472  -6.665  10.688  1.00 32.44  ? 307 HOH A O   1 
HETATM 1142 O  O   . HOH H 6 .   ? -17.313 10.691  4.583   1.00 35.00  ? 308 HOH A O   1 
HETATM 1143 O  O   . HOH H 6 .   ? 14.430  2.694   -0.524  1.00 28.33  ? 309 HOH A O   1 
HETATM 1144 O  O   . HOH H 6 .   ? 1.364   -13.373 -0.777  1.00 50.42  ? 310 HOH A O   1 
HETATM 1145 O  O   . HOH H 6 .   ? -5.137  3.596   -11.933 1.00 44.00  ? 311 HOH A O   1 
HETATM 1146 O  O   . HOH H 6 .   ? -7.801  -5.360  -0.955  1.00 37.59  ? 312 HOH A O   1 
HETATM 1147 O  O   . HOH H 6 .   ? 15.129  -1.214  -11.235 1.00 42.47  ? 313 HOH A O   1 
HETATM 1148 O  O   . HOH H 6 .   ? 6.566   -4.852  11.805  1.00 29.87  ? 314 HOH A O   1 
HETATM 1149 O  O   . HOH H 6 .   ? 2.038   -12.415 -13.028 1.00 36.09  ? 315 HOH A O   1 
HETATM 1150 O  O   . HOH H 6 .   ? 2.207   2.588   -15.348 1.00 43.39  ? 316 HOH A O   1 
HETATM 1151 O  O   . HOH H 6 .   ? 7.382   -10.881 3.934   1.00 35.06  ? 317 HOH A O   1 
HETATM 1152 O  O   . HOH H 6 .   ? 14.195  6.934   4.576   1.00 62.89  ? 318 HOH A O   1 
HETATM 1153 O  O   . HOH H 6 .   ? -13.349 11.734  8.880   1.00 87.76  ? 319 HOH A O   1 
HETATM 1154 O  O   . HOH H 6 .   ? -14.541 -19.750 8.445   1.00 43.63  ? 320 HOH A O   1 
HETATM 1155 O  O   . HOH H 6 .   ? 0.406   7.829   -3.104  1.00 41.93  ? 321 HOH A O   1 
HETATM 1156 O  O   . HOH H 6 .   ? -11.128 -19.051 7.514   1.00 114.05 ? 322 HOH A O   1 
HETATM 1157 O  O   . HOH H 6 .   ? -2.670  2.811   -6.292  1.00 23.21  ? 323 HOH A O   1 
HETATM 1158 O  O   . HOH H 6 .   ? 13.993  10.342  -12.753 1.00 62.45  ? 324 HOH A O   1 
HETATM 1159 O  O   . HOH H 6 .   ? 5.483   1.706   -14.824 1.00 33.88  ? 325 HOH A O   1 
HETATM 1160 O  O   . HOH H 6 .   ? 1.148   8.892   -9.539  1.00 52.15  ? 326 HOH A O   1 
HETATM 1161 O  O   . HOH H 6 .   ? -3.034  2.854   -10.351 1.00 76.86  ? 327 HOH A O   1 
HETATM 1162 O  O   . HOH H 6 .   ? -1.287  -12.606 -8.075  1.00 25.77  ? 328 HOH A O   1 
HETATM 1163 O  O   . HOH H 6 .   ? -13.012 -14.256 -2.533  1.00 106.28 ? 329 HOH A O   1 
HETATM 1164 O  O   . HOH H 6 .   ? 4.688   -2.780  11.765  1.00 28.21  ? 330 HOH A O   1 
HETATM 1165 O  O   . HOH H 6 .   ? 4.608   -6.505  -21.074 1.00 81.26  ? 331 HOH A O   1 
HETATM 1166 O  O   . HOH H 6 .   ? -0.574  -7.834  13.440  1.00 58.27  ? 332 HOH A O   1 
HETATM 1167 O  O   . HOH H 6 .   ? 3.997   -9.142  11.107  1.00 31.22  ? 333 HOH A O   1 
HETATM 1168 O  O   . HOH H 6 .   ? 6.680   -2.068  16.855  1.00 67.32  ? 334 HOH A O   1 
HETATM 1169 O  O   . HOH H 6 .   ? 7.243   -5.627  7.138   1.00 20.06  ? 335 HOH A O   1 
HETATM 1170 O  O   . HOH H 6 .   ? 4.489   -7.242  -18.636 1.00 34.88  ? 336 HOH A O   1 
HETATM 1171 O  O   . HOH H 6 .   ? 5.044   -7.653  5.156   1.00 28.60  ? 337 HOH A O   1 
HETATM 1172 O  O   . HOH H 6 .   ? -12.490 -3.620  5.113   1.00 51.13  ? 338 HOH A O   1 
HETATM 1173 O  O   . HOH H 6 .   ? 15.241  0.567   -6.698  1.00 33.52  ? 339 HOH A O   1 
HETATM 1174 O  O   . HOH H 6 .   ? 11.150  -6.463  14.419  1.00 47.50  ? 340 HOH A O   1 
HETATM 1175 O  O   . HOH H 6 .   ? 14.873  7.185   -2.847  1.00 69.45  ? 341 HOH A O   1 
HETATM 1176 O  O   . HOH H 6 .   ? 11.656  -4.158  6.601   1.00 24.74  ? 342 HOH A O   1 
HETATM 1177 O  O   . HOH H 6 .   ? -9.086  16.714  -3.685  1.00 36.34  ? 343 HOH A O   1 
HETATM 1178 O  O   . HOH H 6 .   ? -4.154  17.800  3.984   1.00 40.79  ? 344 HOH A O   1 
HETATM 1179 O  O   . HOH H 6 .   ? 13.595  9.339   0.307   1.00 70.17  ? 345 HOH A O   1 
HETATM 1180 O  O   . HOH H 6 .   ? 15.043  -0.282  11.420  1.00 44.63  ? 346 HOH A O   1 
HETATM 1181 O  O   . HOH H 6 .   ? -5.281  14.978  11.186  1.00 40.34  ? 347 HOH A O   1 
HETATM 1182 O  O   . HOH H 6 .   ? -12.148 -2.324  7.254   1.00 75.15  ? 348 HOH A O   1 
HETATM 1183 O  O   . HOH H 6 .   ? 8.634   -10.580 0.845   1.00 31.90  ? 349 HOH A O   1 
HETATM 1184 O  O   . HOH H 6 .   ? 2.424   7.375   -13.091 1.00 50.39  ? 350 HOH A O   1 
HETATM 1185 O  O   . HOH H 6 .   ? -1.685  -6.110  1.533   1.00 20.55  ? 351 HOH A O   1 
HETATM 1186 O  O   . HOH H 6 .   ? 15.774  9.067   2.458   1.00 61.42  ? 352 HOH A O   1 
HETATM 1187 O  O   . HOH H 6 .   ? -12.147 -6.593  -0.924  1.00 27.08  ? 353 HOH A O   1 
HETATM 1188 O  O   . HOH H 6 .   ? -15.210 2.728   3.551   1.00 56.91  ? 354 HOH A O   1 
HETATM 1189 O  O   . HOH H 6 .   ? -15.583 2.760   7.611   1.00 72.49  ? 355 HOH A O   1 
HETATM 1190 O  O   . HOH H 6 .   ? 15.577  2.362   -2.224  1.00 45.34  ? 356 HOH A O   1 
HETATM 1191 O  O   . HOH H 6 .   ? -12.564 17.232  8.347   1.00 49.82  ? 357 HOH A O   1 
HETATM 1192 O  O   . HOH H 6 .   ? 7.970   -6.531  -17.758 1.00 74.29  ? 358 HOH A O   1 
HETATM 1193 O  O   . HOH H 6 .   ? -10.188 1.535   -4.906  1.00 23.93  ? 359 HOH A O   1 
HETATM 1194 O  O   . HOH H 6 .   ? -7.024  6.493   15.096  1.00 27.09  ? 360 HOH A O   1 
HETATM 1195 O  O   . HOH H 6 .   ? -6.354  14.145  -2.656  1.00 32.89  ? 361 HOH A O   1 
HETATM 1196 O  O   . HOH H 6 .   ? 10.693  8.672   0.940   1.00 34.49  ? 362 HOH A O   1 
HETATM 1197 O  O   . HOH H 6 .   ? 4.686   8.789   -3.939  1.00 36.67  ? 363 HOH A O   1 
HETATM 1198 O  O   . HOH H 6 .   ? 8.054   -4.489  9.720   1.00 28.72  ? 364 HOH A O   1 
HETATM 1199 O  O   . HOH H 6 .   ? 7.815   -11.286 -10.551 1.00 43.52  ? 365 HOH A O   1 
HETATM 1200 O  O   . HOH H 6 .   ? -8.643  6.128   -6.789  1.00 36.44  ? 366 HOH A O   1 
HETATM 1201 O  O   . HOH H 6 .   ? -18.700 -5.405  1.688   1.00 60.69  ? 367 HOH A O   1 
HETATM 1202 O  O   . HOH H 6 .   ? -5.323  2.738   15.208  1.00 18.58  ? 368 HOH A O   1 
HETATM 1203 O  O   . HOH H 6 .   ? -7.549  9.582   -4.348  1.00 47.65  ? 369 HOH A O   1 
HETATM 1204 O  O   . HOH H 6 .   ? -5.829  9.611   13.440  1.00 28.22  ? 370 HOH A O   1 
HETATM 1205 O  O   . HOH H 6 .   ? -12.892 5.098   12.828  1.00 27.80  ? 371 HOH A O   1 
HETATM 1206 O  O   . HOH H 6 .   ? 13.343  -6.613  -9.156  1.00 58.48  ? 372 HOH A O   1 
HETATM 1207 O  O   . HOH H 6 .   ? -6.968  0.253   -13.728 1.00 33.90  ? 373 HOH A O   1 
HETATM 1208 O  O   . HOH H 6 .   ? 17.087  -3.723  0.798   1.00 44.56  ? 374 HOH A O   1 
HETATM 1209 O  O   . HOH H 6 .   ? -14.196 6.285   -3.194  1.00 28.36  ? 375 HOH A O   1 
HETATM 1210 O  O   . HOH H 6 .   ? -13.774 -4.347  2.065   1.00 46.68  ? 376 HOH A O   1 
HETATM 1211 O  O   . HOH H 6 .   ? -2.966  10.229  -7.054  1.00 38.38  ? 377 HOH A O   1 
HETATM 1212 O  O   . HOH H 6 .   ? -5.741  8.384   0.253   1.00 18.43  ? 378 HOH A O   1 
HETATM 1213 O  O   . HOH H 6 .   ? -17.213 10.972  1.222   1.00 32.73  ? 379 HOH A O   1 
HETATM 1214 O  O   . HOH H 6 .   ? -10.307 -3.979  5.857   1.00 31.58  ? 380 HOH A O   1 
HETATM 1215 O  O   . HOH H 6 .   ? -0.064  4.236   -15.851 1.00 41.68  ? 381 HOH A O   1 
HETATM 1216 O  O   . HOH H 6 .   ? -11.017 14.643  10.242  1.00 29.57  ? 382 HOH A O   1 
HETATM 1217 O  O   . HOH H 6 .   ? 0.619   -6.054  15.594  1.00 32.90  ? 383 HOH A O   1 
HETATM 1218 O  O   . HOH H 6 .   ? 15.399  0.669   -9.290  1.00 30.09  ? 384 HOH A O   1 
HETATM 1219 O  O   . HOH H 6 .   ? -9.673  14.779  -2.480  1.00 31.23  ? 385 HOH A O   1 
HETATM 1220 O  O   . HOH H 6 .   ? 6.327   11.111  -2.184  1.00 45.76  ? 386 HOH A O   1 
HETATM 1221 O  O   . HOH H 6 .   ? 9.090   9.258   5.492   1.00 29.67  ? 387 HOH A O   1 
HETATM 1222 O  O   . HOH H 6 .   ? 10.028  5.319   -9.788  1.00 29.20  ? 388 HOH A O   1 
HETATM 1223 O  O   . HOH H 6 .   ? 17.209  -8.426  -1.579  1.00 42.90  ? 389 HOH A O   1 
HETATM 1224 O  O   . HOH H 6 .   ? -8.785  19.136  4.710   1.00 38.21  ? 390 HOH A O   1 
HETATM 1225 O  O   . HOH H 6 .   ? -7.210  -11.042 -8.603  1.00 40.76  ? 391 HOH A O   1 
HETATM 1226 O  O   . HOH H 6 .   ? -4.239  17.476  -0.213  1.00 29.95  ? 392 HOH A O   1 
HETATM 1227 O  O   . HOH H 6 .   ? 6.867   -9.568  -15.066 1.00 55.83  ? 393 HOH A O   1 
HETATM 1228 O  O   . HOH H 6 .   ? -13.899 -2.354  12.668  1.00 51.86  ? 394 HOH A O   1 
HETATM 1229 O  O   . HOH H 6 .   ? -5.386  -3.746  -12.635 1.00 34.06  ? 395 HOH A O   1 
HETATM 1230 O  O   . HOH H 6 .   ? -3.703  17.135  7.279   1.00 19.98  ? 396 HOH A O   1 
HETATM 1231 O  O   . HOH H 6 .   ? -10.414 1.852   0.928   1.00 35.49  ? 397 HOH A O   1 
HETATM 1232 O  O   . HOH H 6 .   ? -0.135  9.497   -0.658  1.00 25.39  ? 398 HOH A O   1 
HETATM 1233 O  O   . HOH H 6 .   ? -7.276  -13.517 10.210  1.00 54.34  ? 399 HOH A O   1 
HETATM 1234 O  O   . HOH H 6 .   ? -10.774 -6.392  7.310   1.00 42.55  ? 400 HOH A O   1 
HETATM 1235 O  O   . HOH H 6 .   ? -6.153  -6.768  -8.613  1.00 22.87  ? 401 HOH A O   1 
HETATM 1236 O  O   . HOH H 6 .   ? -4.562  9.365   -2.211  1.00 24.90  ? 402 HOH A O   1 
HETATM 1237 O  O   . HOH H 6 .   ? 1.212   -5.907  0.983   1.00 16.93  ? 403 HOH A O   1 
HETATM 1238 O  O   . HOH H 6 .   ? 4.661   -11.755 -0.821  1.00 34.12  ? 404 HOH A O   1 
HETATM 1239 O  O   . HOH H 6 .   ? -11.069 2.781   -6.906  1.00 43.18  ? 405 HOH A O   1 
HETATM 1240 O  O   . HOH H 6 .   ? 14.762  2.069   7.233   1.00 27.69  ? 406 HOH A O   1 
HETATM 1241 O  O   . HOH H 6 .   ? 6.384   2.299   16.362  1.00 30.90  ? 407 HOH A O   1 
HETATM 1242 O  O   . HOH H 6 .   ? -9.142  -11.856 9.968   1.00 50.39  ? 408 HOH A O   1 
HETATM 1243 O  O   . HOH H 6 .   ? -1.645  2.720   -19.346 1.00 42.97  ? 409 HOH A O   1 
HETATM 1244 O  O   . HOH H 6 .   ? -4.428  5.246   15.556  1.00 25.52  ? 410 HOH A O   1 
HETATM 1245 O  O   . HOH H 6 .   ? -15.655 -15.626 0.459   1.00 41.62  ? 411 HOH A O   1 
HETATM 1246 O  O   . HOH H 6 .   ? -8.733  -16.104 1.026   1.00 34.34  ? 412 HOH A O   1 
HETATM 1247 O  O   . HOH H 6 .   ? 15.920  4.337   -17.276 1.00 48.05  ? 413 HOH A O   1 
HETATM 1248 O  O   . HOH H 6 .   ? 12.359  -0.709  13.745  1.00 36.27  ? 414 HOH A O   1 
HETATM 1249 O  O   . HOH H 6 .   ? 13.283  -2.629  15.025  1.00 40.52  ? 415 HOH A O   1 
HETATM 1250 O  O   . HOH H 6 .   ? 1.256   9.012   -6.353  1.00 31.28  ? 416 HOH A O   1 
HETATM 1251 O  O   . HOH H 6 .   ? -12.783 3.482   7.179   1.00 33.11  ? 417 HOH A O   1 
HETATM 1252 O  O   . HOH H 6 .   ? -5.737  0.735   -18.380 1.00 33.12  ? 418 HOH A O   1 
HETATM 1253 O  O   . HOH H 6 .   ? 16.333  6.608   -7.808  1.00 50.65  ? 419 HOH A O   1 
HETATM 1254 O  O   . HOH H 6 .   ? -14.287 -3.174  -10.815 1.00 50.66  ? 420 HOH A O   1 
HETATM 1255 O  O   . HOH H 6 .   ? 13.160  -1.395  -12.868 1.00 33.37  ? 421 HOH A O   1 
HETATM 1256 O  O   . HOH H 6 .   ? 8.562   -10.284 -3.705  1.00 33.66  ? 422 HOH A O   1 
HETATM 1257 O  O   . HOH H 6 .   ? -11.604 -15.840 -1.047  1.00 70.59  ? 423 HOH A O   1 
HETATM 1258 O  O   . HOH H 6 .   ? 2.662   -5.714  18.414  1.00 52.56  ? 424 HOH A O   1 
HETATM 1259 O  O   . HOH H 6 .   ? 0.706   -11.770 6.170   1.00 31.41  ? 425 HOH A O   1 
HETATM 1260 O  O   . HOH H 6 .   ? -12.214 -8.667  9.186   1.00 44.86  ? 426 HOH A O   1 
HETATM 1261 O  O   . HOH H 6 .   ? -3.542  9.665   16.515  1.00 58.51  ? 427 HOH A O   1 
HETATM 1262 O  O   . HOH H 6 .   ? -4.675  -15.294 1.236   1.00 52.51  ? 428 HOH A O   1 
HETATM 1263 O  O   . HOH H 6 .   ? -13.467 -6.042  5.845   1.00 27.89  ? 429 HOH A O   1 
HETATM 1264 O  O   . HOH H 6 .   ? -14.328 6.363   9.113   1.00 43.25  ? 430 HOH A O   1 
HETATM 1265 O  O   . HOH H 6 .   ? 7.928   5.558   -16.833 1.00 44.90  ? 431 HOH A O   1 
HETATM 1266 O  O   . HOH H 6 .   ? -14.869 -3.747  4.300   1.00 81.65  ? 432 HOH A O   1 
HETATM 1267 O  O   . HOH H 6 .   ? -11.849 20.118  9.160   1.00 49.26  ? 433 HOH A O   1 
HETATM 1268 O  O   . HOH H 6 .   ? -1.468  6.036   -9.739  1.00 36.04  ? 434 HOH A O   1 
HETATM 1269 O  O   . HOH H 6 .   ? 1.547   8.427   14.694  1.00 32.07  ? 435 HOH A O   1 
HETATM 1270 O  O   . HOH H 6 .   ? 3.031   -10.948 7.589   1.00 40.37  ? 436 HOH A O   1 
HETATM 1271 O  O   . HOH H 6 .   ? 8.960   7.072   -15.859 1.00 56.39  ? 437 HOH A O   1 
HETATM 1272 O  O   . HOH H 6 .   ? -7.196  8.038   11.656  1.00 23.95  ? 438 HOH A O   1 
HETATM 1273 O  O   . HOH H 6 .   ? -13.523 0.619   1.854   1.00 42.76  ? 439 HOH A O   1 
HETATM 1274 O  O   . HOH H 6 .   ? -17.598 -12.367 -1.644  1.00 34.28  ? 440 HOH A O   1 
HETATM 1275 O  O   . HOH H 6 .   ? -3.409  4.540   -8.274  1.00 29.06  ? 441 HOH A O   1 
HETATM 1276 O  O   . HOH H 6 .   ? -9.110  19.545  -4.690  1.00 58.59  ? 442 HOH A O   1 
HETATM 1277 O  O   . HOH H 6 .   ? 4.661   -11.454 -10.307 1.00 25.56  ? 443 HOH A O   1 
HETATM 1278 O  O   . HOH H 6 .   ? 2.678   -13.608 -6.657  1.00 32.98  ? 444 HOH A O   1 
HETATM 1279 O  O   . HOH H 6 .   ? -8.953  -6.695  -8.855  1.00 29.96  ? 445 HOH A O   1 
HETATM 1280 O  O   . HOH H 6 .   ? 9.538   7.408   -11.642 1.00 37.16  ? 446 HOH A O   1 
HETATM 1281 O  O   . HOH H 6 .   ? 12.877  -9.164  -0.328  1.00 28.92  ? 447 HOH A O   1 
HETATM 1282 O  O   . HOH H 6 .   ? -14.894 -5.489  8.930   1.00 54.04  ? 448 HOH A O   1 
HETATM 1283 O  O   . HOH H 6 .   ? -8.998  -12.991 -4.623  1.00 38.56  ? 449 HOH A O   1 
HETATM 1284 O  O   . HOH H 6 .   ? 7.603   7.871   12.677  1.00 43.11  ? 450 HOH A O   1 
HETATM 1285 O  O   . HOH H 6 .   ? 17.371  2.420   -9.630  1.00 43.24  ? 451 HOH A O   1 
HETATM 1286 O  O   . HOH H 6 .   ? -8.839  9.077   9.983   1.00 22.08  ? 452 HOH A O   1 
HETATM 1287 O  O   . HOH H 6 .   ? 9.391   -4.825  -16.588 1.00 48.19  ? 453 HOH A O   1 
HETATM 1288 O  O   . HOH H 6 .   ? 8.206   10.364  -5.631  1.00 67.94  ? 454 HOH A O   1 
HETATM 1289 O  O   . HOH H 6 .   ? 10.399  -11.004 -5.561  1.00 71.66  ? 455 HOH A O   1 
HETATM 1290 O  O   . HOH H 6 .   ? -5.654  -14.348 -4.193  1.00 67.11  ? 456 HOH A O   1 
HETATM 1291 O  O   . HOH H 6 .   ? -0.403  -14.231 9.045   1.00 55.93  ? 457 HOH A O   1 
HETATM 1292 O  O   . HOH H 6 .   ? 2.104   -1.216  -24.704 1.00 58.70  ? 458 HOH A O   1 
HETATM 1293 O  O   . HOH H 6 .   ? -11.838 -2.764  1.324   1.00 30.77  ? 459 HOH A O   1 
HETATM 1294 O  O   . HOH H 6 .   ? -16.126 -2.776  0.609   1.00 77.48  ? 460 HOH A O   1 
HETATM 1295 O  O   . HOH H 6 .   ? 15.639  9.937   -14.413 1.00 45.62  ? 461 HOH A O   1 
HETATM 1296 O  O   . HOH H 6 .   ? 17.246  -6.734  -6.818  1.00 69.98  ? 462 HOH A O   1 
HETATM 1297 O  O   . HOH H 6 .   ? 15.268  8.392   10.038  1.00 48.01  ? 463 HOH A O   1 
HETATM 1298 O  O   . HOH H 6 .   ? -19.331 -7.342  1.407   1.00 56.19  ? 464 HOH A O   1 
HETATM 1299 O  O   . HOH H 6 .   ? -2.798  5.454   -12.681 1.00 54.39  ? 465 HOH A O   1 
HETATM 1300 O  O   . HOH H 6 .   ? -10.753 -4.575  -0.507  1.00 33.50  ? 466 HOH A O   1 
HETATM 1301 O  O   . HOH H 6 .   ? -17.370 3.110   11.715  1.00 57.11  ? 467 HOH A O   1 
HETATM 1302 O  O   . HOH H 6 .   ? 9.026   0.580   16.671  1.00 40.31  ? 468 HOH A O   1 
HETATM 1303 O  O   . HOH H 6 .   ? -11.080 9.805   11.221  1.00 46.21  ? 469 HOH A O   1 
HETATM 1304 O  O   . HOH H 6 .   ? -18.322 1.665   6.168   1.00 51.57  ? 470 HOH A O   1 
HETATM 1305 O  O   . HOH H 6 .   ? -0.832  6.162   -14.123 1.00 51.57  ? 471 HOH A O   1 
HETATM 1306 O  O   . HOH H 6 .   ? 16.761  7.586   -14.572 1.00 49.73  ? 472 HOH A O   1 
HETATM 1307 O  O   . HOH H 6 .   ? -12.845 7.310   11.193  1.00 50.29  ? 473 HOH A O   1 
HETATM 1308 O  O   . HOH H 6 .   ? 14.869  -9.306  -1.665  1.00 46.13  ? 474 HOH A O   1 
HETATM 1309 O  O   . HOH H 6 .   ? 10.844  1.393   14.616  1.00 34.73  ? 475 HOH A O   1 
HETATM 1310 O  O   . HOH H 6 .   ? -9.088  21.615  -3.018  1.00 68.12  ? 476 HOH A O   1 
HETATM 1311 O  O   . HOH H 6 .   ? 7.894   2.605   -18.683 1.00 52.06  ? 477 HOH A O   1 
HETATM 1312 O  O   . HOH H 6 .   ? 9.089   9.648   14.492  1.00 51.66  ? 478 HOH A O   1 
HETATM 1313 O  O   . HOH H 6 .   ? 12.613  12.001  8.799   1.00 60.30  ? 479 HOH A O   1 
HETATM 1314 O  O   . HOH H 6 .   ? 10.265  -10.043 -1.000  1.00 28.82  ? 480 HOH A O   1 
HETATM 1315 O  O   . HOH H 6 .   ? -17.335 5.516   -1.114  1.00 36.40  ? 481 HOH A O   1 
HETATM 1316 O  O   . HOH H 6 .   ? 7.755   11.098  9.499   1.00 37.22  ? 482 HOH A O   1 
HETATM 1317 O  O   . HOH H 6 .   ? -15.537 4.301   5.586   1.00 71.93  ? 483 HOH A O   1 
HETATM 1318 O  O   . HOH H 6 .   ? -0.199  7.784   16.508  1.00 41.67  ? 484 HOH A O   1 
HETATM 1319 O  O   . HOH H 6 .   ? 4.042   5.789   -13.842 1.00 59.07  ? 485 HOH A O   1 
HETATM 1320 O  O   . HOH H 6 .   ? 6.128   10.979  8.780   1.00 34.28  ? 486 HOH A O   1 
HETATM 1321 O  O   . HOH H 6 .   ? -15.237 -4.254  6.697   1.00 82.50  ? 487 HOH A O   1 
HETATM 1322 O  O   . HOH H 6 .   ? -5.275  -14.618 -1.950  1.00 67.06  ? 488 HOH A O   1 
HETATM 1323 O  O   . HOH H 6 .   ? 0.723   -1.755  -26.895 1.00 51.00  ? 489 HOH A O   1 
HETATM 1324 O  O   . HOH H 6 .   ? 12.640  3.247   15.541  1.00 38.67  ? 490 HOH A O   1 
HETATM 1325 O  O   . HOH H 6 .   ? -6.194  -2.857  -16.965 1.00 40.71  ? 491 HOH A O   1 
HETATM 1326 O  O   . HOH H 6 .   ? -8.082  -2.782  -14.832 1.00 77.64  ? 492 HOH A O   1 
HETATM 1327 O  O   . HOH H 6 .   ? -12.412 -0.318  0.048   1.00 48.98  ? 493 HOH A O   1 
HETATM 1328 O  O   . HOH H 6 .   ? -13.579 4.289   -6.376  1.00 46.23  ? 494 HOH A O   1 
HETATM 1329 O  O   . HOH H 6 .   ? 7.505   -11.272 -1.793  1.00 30.89  ? 495 HOH A O   1 
HETATM 1330 O  O   . HOH H 6 .   ? 18.410  10.940  -10.112 1.00 61.61  ? 496 HOH A O   1 
HETATM 1331 O  O   . HOH H 6 .   ? -10.436 4.095   -9.198  1.00 45.06  ? 497 HOH A O   1 
HETATM 1332 O  O   . HOH H 6 .   ? -16.524 -1.395  -1.591  1.00 35.25  ? 498 HOH A O   1 
HETATM 1333 O  O   . HOH H 6 .   ? -18.706 -2.740  -7.726  1.00 72.35  ? 499 HOH A O   1 
HETATM 1334 O  O   . HOH H 6 .   ? 4.796   -2.564  -24.184 1.00 43.10  ? 500 HOH A O   1 
HETATM 1335 O  O   . HOH H 6 .   ? 6.258   -7.947  11.222  1.00 38.32  ? 501 HOH A O   1 
HETATM 1336 O  O   . HOH H 6 .   ? 6.587   -8.110  7.984   1.00 40.37  ? 502 HOH A O   1 
HETATM 1337 O  O   . HOH H 6 .   ? -7.954  21.058  0.933   1.00 51.43  ? 503 HOH A O   1 
HETATM 1338 O  O   . HOH H 6 .   ? 10.592  -12.147 2.050   1.00 29.81  ? 504 HOH A O   1 
HETATM 1339 O  O   . HOH H 6 .   ? -6.948  -18.068 6.088   1.00 50.83  ? 505 HOH A O   1 
HETATM 1340 O  O   . HOH H 6 .   ? -6.348  11.938  14.425  1.00 43.26  ? 506 HOH A O   1 
HETATM 1341 O  O   . HOH H 6 .   ? -8.080  -16.015 -1.395  1.00 48.31  ? 507 HOH A O   1 
HETATM 1342 O  O   . HOH H 6 .   ? -5.786  13.738  13.196  1.00 56.96  ? 508 HOH A O   1 
HETATM 1343 O  O   . HOH H 6 .   ? 8.696   11.013  -8.151  1.00 46.71  ? 509 HOH A O   1 
HETATM 1344 O  O   . HOH H 6 .   ? 15.128  -7.950  -7.846  1.00 54.50  ? 510 HOH A O   1 
HETATM 1345 O  O   . HOH H 6 .   ? -19.110 -12.393 1.267   1.00 55.54  ? 511 HOH A O   1 
HETATM 1346 O  O   . HOH H 6 .   ? -11.204 -6.660  10.310  1.00 39.12  ? 512 HOH A O   1 
HETATM 1347 O  O   . HOH H 6 .   ? 7.532   7.409   -13.365 1.00 33.28  ? 513 HOH A O   1 
HETATM 1348 O  O   . HOH H 6 .   ? -10.895 12.194  12.865  1.00 55.29  ? 514 HOH A O   1 
HETATM 1349 O  O   . HOH H 6 .   ? -10.518 20.827  2.972   1.00 43.98  ? 515 HOH A O   1 
HETATM 1350 O  O   . HOH H 6 .   ? -5.893  5.184   -9.836  1.00 37.44  ? 516 HOH A O   1 
HETATM 1351 O  O   . HOH H 6 .   ? 6.853   9.940   -10.590 1.00 58.62  ? 517 HOH A O   1 
HETATM 1352 O  O   . HOH H 6 .   ? -8.266  5.139   -9.199  1.00 59.49  ? 518 HOH A O   1 
HETATM 1353 O  O   . HOH H 6 .   ? -17.742 0.039   3.505   1.00 51.61  ? 519 HOH A O   1 
HETATM 1354 O  O   . HOH H 6 .   ? -6.582  21.322  -3.554  1.00 51.49  ? 520 HOH A O   1 
HETATM 1355 O  O   . HOH H 6 .   ? -16.919 -19.340 1.408   1.00 61.19  ? 521 HOH A O   1 
HETATM 1356 O  O   . HOH H 6 .   ? -15.509 4.256   -10.204 1.00 78.53  ? 522 HOH A O   1 
HETATM 1357 O  O   . HOH H 6 .   ? -17.182 -4.576  5.045   1.00 80.20  ? 523 HOH A O   1 
HETATM 1358 O  O   . HOH H 6 .   ? -12.158 -4.858  9.075   1.00 61.20  ? 524 HOH A O   1 
HETATM 1359 O  O   . HOH H 6 .   ? 13.987  -11.513 -4.316  1.00 55.28  ? 525 HOH A O   1 
HETATM 1360 O  O   . HOH H 6 .   ? -7.675  15.402  12.079  1.00 42.80  ? 526 HOH A O   1 
HETATM 1361 O  O   . HOH H 6 .   ? -6.366  4.440   -15.001 1.00 55.84  ? 527 HOH A O   1 
HETATM 1362 O  O   . HOH H 6 .   ? 15.152  -9.920  -6.421  1.00 53.08  ? 528 HOH A O   1 
HETATM 1363 O  O   . HOH H 6 .   ? -6.136  -18.290 3.430   1.00 62.56  ? 529 HOH A O   1 
HETATM 1364 O  O   . HOH H 6 .   ? 20.989  11.551  -14.408 1.00 60.88  ? 530 HOH A O   1 
HETATM 1365 O  O   . HOH H 6 .   ? -3.518  -19.266 4.903   1.00 62.45  ? 531 HOH A O   1 
# 
